data_2G64
# 
_entry.id   2G64 
# 
_audit_conform.dict_name       mmcif_pdbx.dic 
_audit_conform.dict_version    5.377 
_audit_conform.dict_location   http://mmcif.pdb.org/dictionaries/ascii/mmcif_pdbx.dic 
# 
loop_
_database_2.database_id 
_database_2.database_code 
_database_2.pdbx_database_accession 
_database_2.pdbx_DOI 
PDB   2G64         pdb_00002g64 10.2210/pdb2g64/pdb 
RCSB  RCSB036735   ?            ?                   
WWPDB D_1000036735 ?            ?                   
# 
_pdbx_database_related.db_name        TargetDB 
_pdbx_database_related.db_id          NYSGXRC-T2216 
_pdbx_database_related.details        . 
_pdbx_database_related.content_type   unspecified 
# 
_pdbx_database_status.status_code                     REL 
_pdbx_database_status.entry_id                        2G64 
_pdbx_database_status.recvd_initial_deposition_date   2006-02-24 
_pdbx_database_status.deposit_site                    RCSB 
_pdbx_database_status.process_site                    RCSB 
_pdbx_database_status.status_code_sf                  REL 
_pdbx_database_status.status_code_mr                  ? 
_pdbx_database_status.SG_entry                        Y 
_pdbx_database_status.pdb_format_compatible           Y 
_pdbx_database_status.status_code_cs                  ? 
_pdbx_database_status.status_code_nmr_data            ? 
_pdbx_database_status.methods_development_category    ? 
# 
loop_
_audit_author.name 
_audit_author.pdbx_ordinal 
_audit_author.identifier_ORCID 
'Wengerter, B.C.'                                                1 ?                   
'Patskovsky, Y.'                                                 2 ?                   
'Zhan, C.'                                                       3 ?                   
'Ramagopal, U.'                                                  4 ?                   
'Milstein, S.'                                                   5 ?                   
'Vidal, M.'                                                      6 ?                   
'Almo, S.C.'                                                     7 ?                   
'Burley, S.K.'                                                   8 0000-0002-2487-9713 
'New York SGX Research Center for Structural Genomics (NYSGXRC)' 9 ?                   
# 
_citation.id                        primary 
_citation.title                     'Crystal Structure of Caenorhabditis Elegans 6-Pyruvoyl Tetrahydropterin Synthase' 
_citation.journal_abbrev            'To be Published' 
_citation.journal_volume            ? 
_citation.page_first                ? 
_citation.page_last                 ? 
_citation.year                      ? 
_citation.journal_id_ASTM           ? 
_citation.country                   ? 
_citation.journal_id_ISSN           ? 
_citation.journal_id_CSD            0353 
_citation.book_publisher            ? 
_citation.pdbx_database_id_PubMed   ? 
_citation.pdbx_database_id_DOI      ? 
# 
loop_
_citation_author.citation_id 
_citation_author.name 
_citation_author.ordinal 
_citation_author.identifier_ORCID 
primary 'Wengerter, B.C.' 1 ? 
primary 'Patskovsky, Y.'  2 ? 
primary 'Zhan, C.'        3 ? 
primary 'Ramagopal, U.'   4 ? 
primary 'Milstein, S.'    5 ? 
primary 'Vidal, M.'       6 ? 
primary 'Almo, S.C.'      7 ? 
# 
_cell.entry_id           2G64 
_cell.length_a           69.792 
_cell.length_b           69.792 
_cell.length_c           160.188 
_cell.angle_alpha        90.00 
_cell.angle_beta         90.00 
_cell.angle_gamma        120.00 
_cell.Z_PDB              18 
_cell.pdbx_unique_axis   ? 
_cell.length_a_esd       ? 
_cell.length_b_esd       ? 
_cell.length_c_esd       ? 
_cell.angle_alpha_esd    ? 
_cell.angle_beta_esd     ? 
_cell.angle_gamma_esd    ? 
# 
_symmetry.entry_id                         2G64 
_symmetry.space_group_name_H-M             'H 3 2' 
_symmetry.pdbx_full_space_group_name_H-M   ? 
_symmetry.cell_setting                     ? 
_symmetry.Int_Tables_number                155 
_symmetry.space_group_name_Hall            ? 
# 
loop_
_entity.id 
_entity.type 
_entity.src_method 
_entity.pdbx_description 
_entity.formula_weight 
_entity.pdbx_number_of_molecules 
_entity.pdbx_ec 
_entity.pdbx_mutation 
_entity.pdbx_fragment 
_entity.details 
1 polymer     man 'Putative 6-pyruvoyl tetrahydrobiopterin synthase' 16055.360 1   4.2.3.12 C140S ? ? 
2 non-polymer syn 'SODIUM ION'                                       22.990    2   ?        ?     ? ? 
3 non-polymer syn 'ZINC ION'                                         65.409    1   ?        ?     ? ? 
4 non-polymer syn GLYCEROL                                           92.094    1   ?        ?     ? ? 
5 water       nat water                                              18.015    167 ?        ?     ? ? 
# 
_entity_name_com.entity_id   1 
_entity_name_com.name        'PTPS, PTP synthase' 
# 
_entity_poly.entity_id                      1 
_entity_poly.type                           'polypeptide(L)' 
_entity_poly.nstd_linkage                   no 
_entity_poly.nstd_monomer                   no 
_entity_poly.pdbx_seq_one_letter_code       
;MFRMPIVTMERVDSFSAAHRLHSEKLSDAENKETFGKCNNSNGHGHNYVWKVKLRGEVDPTSGMVYDLAKLKKEMSLVLD
TVDHRNLDKDVEFFKTTVSTSENVAIYMFEKLKSVMSNPSVLYKVTIEETPKNIFTYKGS
;
_entity_poly.pdbx_seq_one_letter_code_can   
;MFRMPIVTMERVDSFSAAHRLHSEKLSDAENKETFGKCNNSNGHGHNYVWKVKLRGEVDPTSGMVYDLAKLKKEMSLVLD
TVDHRNLDKDVEFFKTTVSTSENVAIYMFEKLKSVMSNPSVLYKVTIEETPKNIFTYKGS
;
_entity_poly.pdbx_strand_id                 A 
_entity_poly.pdbx_target_identifier         NYSGXRC-T2216 
# 
loop_
_entity_poly_seq.entity_id 
_entity_poly_seq.num 
_entity_poly_seq.mon_id 
_entity_poly_seq.hetero 
1 1   MET n 
1 2   PHE n 
1 3   ARG n 
1 4   MET n 
1 5   PRO n 
1 6   ILE n 
1 7   VAL n 
1 8   THR n 
1 9   MET n 
1 10  GLU n 
1 11  ARG n 
1 12  VAL n 
1 13  ASP n 
1 14  SER n 
1 15  PHE n 
1 16  SER n 
1 17  ALA n 
1 18  ALA n 
1 19  HIS n 
1 20  ARG n 
1 21  LEU n 
1 22  HIS n 
1 23  SER n 
1 24  GLU n 
1 25  LYS n 
1 26  LEU n 
1 27  SER n 
1 28  ASP n 
1 29  ALA n 
1 30  GLU n 
1 31  ASN n 
1 32  LYS n 
1 33  GLU n 
1 34  THR n 
1 35  PHE n 
1 36  GLY n 
1 37  LYS n 
1 38  CYS n 
1 39  ASN n 
1 40  ASN n 
1 41  SER n 
1 42  ASN n 
1 43  GLY n 
1 44  HIS n 
1 45  GLY n 
1 46  HIS n 
1 47  ASN n 
1 48  TYR n 
1 49  VAL n 
1 50  TRP n 
1 51  LYS n 
1 52  VAL n 
1 53  LYS n 
1 54  LEU n 
1 55  ARG n 
1 56  GLY n 
1 57  GLU n 
1 58  VAL n 
1 59  ASP n 
1 60  PRO n 
1 61  THR n 
1 62  SER n 
1 63  GLY n 
1 64  MET n 
1 65  VAL n 
1 66  TYR n 
1 67  ASP n 
1 68  LEU n 
1 69  ALA n 
1 70  LYS n 
1 71  LEU n 
1 72  LYS n 
1 73  LYS n 
1 74  GLU n 
1 75  MET n 
1 76  SER n 
1 77  LEU n 
1 78  VAL n 
1 79  LEU n 
1 80  ASP n 
1 81  THR n 
1 82  VAL n 
1 83  ASP n 
1 84  HIS n 
1 85  ARG n 
1 86  ASN n 
1 87  LEU n 
1 88  ASP n 
1 89  LYS n 
1 90  ASP n 
1 91  VAL n 
1 92  GLU n 
1 93  PHE n 
1 94  PHE n 
1 95  LYS n 
1 96  THR n 
1 97  THR n 
1 98  VAL n 
1 99  SER n 
1 100 THR n 
1 101 SER n 
1 102 GLU n 
1 103 ASN n 
1 104 VAL n 
1 105 ALA n 
1 106 ILE n 
1 107 TYR n 
1 108 MET n 
1 109 PHE n 
1 110 GLU n 
1 111 LYS n 
1 112 LEU n 
1 113 LYS n 
1 114 SER n 
1 115 VAL n 
1 116 MET n 
1 117 SER n 
1 118 ASN n 
1 119 PRO n 
1 120 SER n 
1 121 VAL n 
1 122 LEU n 
1 123 TYR n 
1 124 LYS n 
1 125 VAL n 
1 126 THR n 
1 127 ILE n 
1 128 GLU n 
1 129 GLU n 
1 130 THR n 
1 131 PRO n 
1 132 LYS n 
1 133 ASN n 
1 134 ILE n 
1 135 PHE n 
1 136 THR n 
1 137 TYR n 
1 138 LYS n 
1 139 GLY n 
1 140 SER n 
# 
_entity_src_gen.entity_id                          1 
_entity_src_gen.pdbx_src_id                        1 
_entity_src_gen.pdbx_alt_source_flag               sample 
_entity_src_gen.pdbx_seq_type                      ? 
_entity_src_gen.pdbx_beg_seq_num                   ? 
_entity_src_gen.pdbx_end_seq_num                   ? 
_entity_src_gen.gene_src_common_name               ? 
_entity_src_gen.gene_src_genus                     Caenorhabditis 
_entity_src_gen.pdbx_gene_src_gene                 B0041.6 
_entity_src_gen.gene_src_species                   ? 
_entity_src_gen.gene_src_strain                    ? 
_entity_src_gen.gene_src_tissue                    ? 
_entity_src_gen.gene_src_tissue_fraction           ? 
_entity_src_gen.gene_src_details                   ? 
_entity_src_gen.pdbx_gene_src_fragment             ? 
_entity_src_gen.pdbx_gene_src_scientific_name      'Caenorhabditis elegans' 
_entity_src_gen.pdbx_gene_src_ncbi_taxonomy_id     6239 
_entity_src_gen.pdbx_gene_src_variant              ? 
_entity_src_gen.pdbx_gene_src_cell_line            ? 
_entity_src_gen.pdbx_gene_src_atcc                 ? 
_entity_src_gen.pdbx_gene_src_organ                ? 
_entity_src_gen.pdbx_gene_src_organelle            ? 
_entity_src_gen.pdbx_gene_src_cell                 ? 
_entity_src_gen.pdbx_gene_src_cellular_location    ? 
_entity_src_gen.host_org_common_name               ? 
_entity_src_gen.pdbx_host_org_scientific_name      'Escherichia coli' 
_entity_src_gen.pdbx_host_org_ncbi_taxonomy_id     562 
_entity_src_gen.host_org_genus                     Escherichia 
_entity_src_gen.pdbx_host_org_gene                 ? 
_entity_src_gen.pdbx_host_org_organ                ? 
_entity_src_gen.host_org_species                   ? 
_entity_src_gen.pdbx_host_org_tissue               ? 
_entity_src_gen.pdbx_host_org_tissue_fraction      ? 
_entity_src_gen.pdbx_host_org_strain               'BL21 AI' 
_entity_src_gen.pdbx_host_org_variant              ? 
_entity_src_gen.pdbx_host_org_cell_line            ? 
_entity_src_gen.pdbx_host_org_atcc                 ? 
_entity_src_gen.pdbx_host_org_culture_collection   ? 
_entity_src_gen.pdbx_host_org_cell                 ? 
_entity_src_gen.pdbx_host_org_organelle            ? 
_entity_src_gen.pdbx_host_org_cellular_location    ? 
_entity_src_gen.pdbx_host_org_vector_type          plasmid 
_entity_src_gen.pdbx_host_org_vector               ? 
_entity_src_gen.host_org_details                   ? 
_entity_src_gen.expression_system_id               ? 
_entity_src_gen.plasmid_name                       pET3a 
_entity_src_gen.plasmid_details                    ? 
_entity_src_gen.pdbx_description                   ? 
# 
_struct_ref.id                         1 
_struct_ref.db_name                    UNP 
_struct_ref.db_code                    PTPS_CAEEL 
_struct_ref.pdbx_db_accession          O02058 
_struct_ref.entity_id                  1 
_struct_ref.pdbx_seq_one_letter_code   
;MFRMPIVTMERVDSFSAAHRLHSEKLSDAENKETFGKCNNSNGHGHNYVWKVKLRGEVDPTSGMVYDLAKLKKEMSLVLD
TVDHRNLDKDVEFFKTTVSTSENVAIYMFEKLKSVMSNPSVLYKVTIEETPKNIFTYKGC
;
_struct_ref.pdbx_align_begin           1 
_struct_ref.pdbx_db_isoform            ? 
# 
_struct_ref_seq.align_id                      1 
_struct_ref_seq.ref_id                        1 
_struct_ref_seq.pdbx_PDB_id_code              2G64 
_struct_ref_seq.pdbx_strand_id                A 
_struct_ref_seq.seq_align_beg                 1 
_struct_ref_seq.pdbx_seq_align_beg_ins_code   ? 
_struct_ref_seq.seq_align_end                 140 
_struct_ref_seq.pdbx_seq_align_end_ins_code   ? 
_struct_ref_seq.pdbx_db_accession             O02058 
_struct_ref_seq.db_align_beg                  1 
_struct_ref_seq.pdbx_db_align_beg_ins_code    ? 
_struct_ref_seq.db_align_end                  140 
_struct_ref_seq.pdbx_db_align_end_ins_code    ? 
_struct_ref_seq.pdbx_auth_seq_align_beg       1 
_struct_ref_seq.pdbx_auth_seq_align_end       140 
# 
_struct_ref_seq_dif.align_id                     1 
_struct_ref_seq_dif.pdbx_pdb_id_code             2G64 
_struct_ref_seq_dif.mon_id                       SER 
_struct_ref_seq_dif.pdbx_pdb_strand_id           A 
_struct_ref_seq_dif.seq_num                      140 
_struct_ref_seq_dif.pdbx_pdb_ins_code            ? 
_struct_ref_seq_dif.pdbx_seq_db_name             UNP 
_struct_ref_seq_dif.pdbx_seq_db_accession_code   O02058 
_struct_ref_seq_dif.db_mon_id                    CYS 
_struct_ref_seq_dif.pdbx_seq_db_seq_num          140 
_struct_ref_seq_dif.details                      'engineered mutation' 
_struct_ref_seq_dif.pdbx_auth_seq_num            140 
_struct_ref_seq_dif.pdbx_ordinal                 1 
# 
loop_
_chem_comp.id 
_chem_comp.type 
_chem_comp.mon_nstd_flag 
_chem_comp.name 
_chem_comp.pdbx_synonyms 
_chem_comp.formula 
_chem_comp.formula_weight 
ALA 'L-peptide linking' y ALANINE         ?                               'C3 H7 N O2'     89.093  
ARG 'L-peptide linking' y ARGININE        ?                               'C6 H15 N4 O2 1' 175.209 
ASN 'L-peptide linking' y ASPARAGINE      ?                               'C4 H8 N2 O3'    132.118 
ASP 'L-peptide linking' y 'ASPARTIC ACID' ?                               'C4 H7 N O4'     133.103 
CYS 'L-peptide linking' y CYSTEINE        ?                               'C3 H7 N O2 S'   121.158 
GLU 'L-peptide linking' y 'GLUTAMIC ACID' ?                               'C5 H9 N O4'     147.129 
GLY 'peptide linking'   y GLYCINE         ?                               'C2 H5 N O2'     75.067  
GOL non-polymer         . GLYCEROL        'GLYCERIN; PROPANE-1,2,3-TRIOL' 'C3 H8 O3'       92.094  
HIS 'L-peptide linking' y HISTIDINE       ?                               'C6 H10 N3 O2 1' 156.162 
HOH non-polymer         . WATER           ?                               'H2 O'           18.015  
ILE 'L-peptide linking' y ISOLEUCINE      ?                               'C6 H13 N O2'    131.173 
LEU 'L-peptide linking' y LEUCINE         ?                               'C6 H13 N O2'    131.173 
LYS 'L-peptide linking' y LYSINE          ?                               'C6 H15 N2 O2 1' 147.195 
MET 'L-peptide linking' y METHIONINE      ?                               'C5 H11 N O2 S'  149.211 
NA  non-polymer         . 'SODIUM ION'    ?                               'Na 1'           22.990  
PHE 'L-peptide linking' y PHENYLALANINE   ?                               'C9 H11 N O2'    165.189 
PRO 'L-peptide linking' y PROLINE         ?                               'C5 H9 N O2'     115.130 
SER 'L-peptide linking' y SERINE          ?                               'C3 H7 N O3'     105.093 
THR 'L-peptide linking' y THREONINE       ?                               'C4 H9 N O3'     119.119 
TRP 'L-peptide linking' y TRYPTOPHAN      ?                               'C11 H12 N2 O2'  204.225 
TYR 'L-peptide linking' y TYROSINE        ?                               'C9 H11 N O3'    181.189 
VAL 'L-peptide linking' y VALINE          ?                               'C5 H11 N O2'    117.146 
ZN  non-polymer         . 'ZINC ION'      ?                               'Zn 2'           65.409  
# 
_exptl.entry_id          2G64 
_exptl.method            'X-RAY DIFFRACTION' 
_exptl.crystals_number   1 
# 
_exptl_crystal.id                    1 
_exptl_crystal.density_meas          ? 
_exptl_crystal.density_Matthews      2.34 
_exptl_crystal.density_percent_sol   47.38 
_exptl_crystal.description           ? 
_exptl_crystal.F_000                 ? 
_exptl_crystal.preparation           ? 
# 
_exptl_crystal_grow.crystal_id      1 
_exptl_crystal_grow.method          'VAPOR DIFFUSION, SITTING DROP' 
_exptl_crystal_grow.temp            290 
_exptl_crystal_grow.temp_details    ? 
_exptl_crystal_grow.pH              7.00 
_exptl_crystal_grow.pdbx_details    
'100 MM HEPES, 1 M SODIUM SUCCINATE, PH 7.00, 1% PEG 2000ME, VAPOR DIFFUSION, SITTING DROP, temperature 290K' 
_exptl_crystal_grow.pdbx_pH_range   . 
# 
_diffrn.id                     1 
_diffrn.ambient_temp           100.0 
_diffrn.ambient_temp_details   ? 
_diffrn.crystal_id             1 
# 
_diffrn_detector.diffrn_id              1 
_diffrn_detector.detector               'IMAGE PLATE' 
_diffrn_detector.type                   'RIGAKU RAXIS IV' 
_diffrn_detector.pdbx_collection_date   2006-01-31 
_diffrn_detector.details                MIRRORS 
# 
_diffrn_radiation.diffrn_id                        1 
_diffrn_radiation.wavelength_id                    1 
_diffrn_radiation.pdbx_monochromatic_or_laue_m_l   M 
_diffrn_radiation.monochromator                    MIRRORS 
_diffrn_radiation.pdbx_diffrn_protocol             'SINGLE WAVELENGTH' 
_diffrn_radiation.pdbx_scattering_type             x-ray 
# 
_diffrn_radiation_wavelength.id           1 
_diffrn_radiation_wavelength.wavelength   1.5418 
_diffrn_radiation_wavelength.wt           1.0 
# 
_diffrn_source.diffrn_id                   1 
_diffrn_source.source                      'ROTATING ANODE' 
_diffrn_source.type                        'RIGAKU RU200' 
_diffrn_source.pdbx_synchrotron_site       ? 
_diffrn_source.pdbx_synchrotron_beamline   ? 
_diffrn_source.pdbx_wavelength             ? 
_diffrn_source.pdbx_wavelength_list        1.5418 
# 
_reflns.entry_id                     2G64 
_reflns.observed_criterion_sigma_I   0.000 
_reflns.observed_criterion_sigma_F   0.000 
_reflns.d_resolution_low             50.000 
_reflns.d_resolution_high            1.800 
_reflns.number_obs                   14091 
_reflns.number_all                   14091 
_reflns.percent_possible_obs         98.7 
_reflns.pdbx_Rmerge_I_obs            0.031 
_reflns.pdbx_Rsym_value              0.03 
_reflns.pdbx_netI_over_sigmaI        38.9000 
_reflns.B_iso_Wilson_estimate        ? 
_reflns.pdbx_redundancy              10.400 
_reflns.R_free_details               ? 
_reflns.limit_h_max                  ? 
_reflns.limit_h_min                  ? 
_reflns.limit_k_max                  ? 
_reflns.limit_k_min                  ? 
_reflns.limit_l_max                  ? 
_reflns.limit_l_min                  ? 
_reflns.observed_criterion_F_max     ? 
_reflns.observed_criterion_F_min     ? 
_reflns.pdbx_chi_squared             ? 
_reflns.pdbx_scaling_rejects         ? 
_reflns.pdbx_ordinal                 1 
_reflns.pdbx_diffrn_id               1 
# 
_reflns_shell.d_res_high             1.80 
_reflns_shell.d_res_low              1.86 
_reflns_shell.percent_possible_all   97.9 
_reflns_shell.Rmerge_I_obs           0.094 
_reflns_shell.pdbx_Rsym_value        0.103 
_reflns_shell.meanI_over_sigI_obs    14.600 
_reflns_shell.pdbx_redundancy        5.20 
_reflns_shell.percent_possible_obs   ? 
_reflns_shell.number_unique_all      1380 
_reflns_shell.number_measured_all    ? 
_reflns_shell.number_measured_obs    ? 
_reflns_shell.number_unique_obs      ? 
_reflns_shell.pdbx_chi_squared       ? 
_reflns_shell.pdbx_ordinal           1 
_reflns_shell.pdbx_diffrn_id         1 
# 
_refine.entry_id                                 2G64 
_refine.ls_number_reflns_obs                     13641 
_refine.ls_number_reflns_all                     13641 
_refine.pdbx_ls_sigma_I                          ? 
_refine.pdbx_ls_sigma_F                          0.00 
_refine.pdbx_data_cutoff_high_absF               ? 
_refine.pdbx_data_cutoff_low_absF                ? 
_refine.pdbx_data_cutoff_high_rms_absF           ? 
_refine.ls_d_res_low                             20.00 
_refine.ls_d_res_high                            1.80 
_refine.ls_percent_reflns_obs                    98.70 
_refine.ls_R_factor_obs                          0.16238 
_refine.ls_R_factor_all                          0.163 
_refine.ls_R_factor_R_work                       0.16058 
_refine.ls_R_factor_R_free                       0.21902 
_refine.ls_R_factor_R_free_error                 ? 
_refine.ls_R_factor_R_free_error_details         ? 
_refine.ls_percent_reflns_R_free                 3.1 
_refine.ls_number_reflns_R_free                  442 
_refine.ls_number_parameters                     ? 
_refine.ls_number_restraints                     ? 
_refine.occupancy_min                            ? 
_refine.occupancy_max                            ? 
_refine.correlation_coeff_Fo_to_Fc               0.960 
_refine.correlation_coeff_Fo_to_Fc_free          0.925 
_refine.B_iso_mean                               22.347 
_refine.aniso_B[1][1]                            0.11 
_refine.aniso_B[2][2]                            0.11 
_refine.aniso_B[3][3]                            -0.16 
_refine.aniso_B[1][2]                            0.05 
_refine.aniso_B[1][3]                            0.00 
_refine.aniso_B[2][3]                            0.00 
_refine.solvent_model_details                    MASK 
_refine.solvent_model_param_ksol                 ? 
_refine.solvent_model_param_bsol                 ? 
_refine.pdbx_solvent_vdw_probe_radii             1.20 
_refine.pdbx_solvent_ion_probe_radii             0.80 
_refine.pdbx_solvent_shrinkage_radii             0.80 
_refine.pdbx_ls_cross_valid_method               THROUGHOUT 
_refine.details                                  'HYDROGENS HAVE BEEN ADDED IN THE RIDING POSITIONS' 
_refine.pdbx_starting_model                      1B66 
_refine.pdbx_method_to_determine_struct          'MOLECULAR REPLACEMENT' 
_refine.pdbx_isotropic_thermal_model             isotropic 
_refine.pdbx_stereochemistry_target_values       'MAXIMUM LIKELIHOOD' 
_refine.pdbx_stereochem_target_val_spec_case     ? 
_refine.pdbx_R_Free_selection_details            RANDOM 
_refine.pdbx_overall_ESU_R                       0.120 
_refine.pdbx_overall_ESU_R_Free                  0.126 
_refine.overall_SU_ML                            0.081 
_refine.overall_SU_B                             2.541 
_refine.ls_redundancy_reflns_obs                 ? 
_refine.B_iso_min                                ? 
_refine.B_iso_max                                ? 
_refine.overall_SU_R_Cruickshank_DPI             ? 
_refine.overall_SU_R_free                        ? 
_refine.ls_wR_factor_R_free                      ? 
_refine.ls_wR_factor_R_work                      ? 
_refine.overall_FOM_free_R_set                   ? 
_refine.overall_FOM_work_R_set                   ? 
_refine.pdbx_refine_id                           'X-RAY DIFFRACTION' 
_refine.pdbx_diffrn_id                           1 
_refine.pdbx_TLS_residual_ADP_flag               ? 
_refine.pdbx_overall_phase_error                 ? 
_refine.pdbx_overall_SU_R_free_Cruickshank_DPI   ? 
_refine.pdbx_overall_SU_R_Blow_DPI               ? 
_refine.pdbx_overall_SU_R_free_Blow_DPI          ? 
# 
_refine_analyze.entry_id                        2G64 
_refine_analyze.Luzzati_coordinate_error_obs    0.171 
_refine_analyze.Luzzati_sigma_a_obs             ? 
_refine_analyze.Luzzati_d_res_low_obs           5.0 
_refine_analyze.Luzzati_coordinate_error_free   ? 
_refine_analyze.Luzzati_sigma_a_free            ? 
_refine_analyze.Luzzati_d_res_low_free          ? 
_refine_analyze.number_disordered_residues      ? 
_refine_analyze.occupancy_sum_hydrogen          ? 
_refine_analyze.occupancy_sum_non_hydrogen      ? 
_refine_analyze.pdbx_Luzzati_d_res_high_obs     ? 
_refine_analyze.pdbx_refine_id                  'X-RAY DIFFRACTION' 
# 
_refine_hist.pdbx_refine_id                   'X-RAY DIFFRACTION' 
_refine_hist.cycle_id                         LAST 
_refine_hist.pdbx_number_atoms_protein        1124 
_refine_hist.pdbx_number_atoms_nucleic_acid   0 
_refine_hist.pdbx_number_atoms_ligand         9 
_refine_hist.number_atoms_solvent             167 
_refine_hist.number_atoms_total               1300 
_refine_hist.d_res_high                       1.80 
_refine_hist.d_res_low                        20.00 
# 
loop_
_refine_ls_restr.type 
_refine_ls_restr.dev_ideal 
_refine_ls_restr.dev_ideal_target 
_refine_ls_restr.weight 
_refine_ls_restr.number 
_refine_ls_restr.pdbx_refine_id 
_refine_ls_restr.pdbx_restraint_function 
r_bond_refined_d         0.011  0.022  ? 1226 'X-RAY DIFFRACTION' ? 
r_angle_refined_deg      1.251  1.965  ? 1666 'X-RAY DIFFRACTION' ? 
r_dihedral_angle_1_deg   6.227  5.000  ? 163  'X-RAY DIFFRACTION' ? 
r_dihedral_angle_2_deg   36.923 24.340 ? 53   'X-RAY DIFFRACTION' ? 
r_dihedral_angle_3_deg   14.944 15.000 ? 246  'X-RAY DIFFRACTION' ? 
r_dihedral_angle_4_deg   23.580 15.000 ? 6    'X-RAY DIFFRACTION' ? 
r_chiral_restr           0.113  0.200  ? 189  'X-RAY DIFFRACTION' ? 
r_gen_planes_refined     0.005  0.020  ? 903  'X-RAY DIFFRACTION' ? 
r_nbd_refined            0.232  0.300  ? 560  'X-RAY DIFFRACTION' ? 
r_nbtor_refined          0.310  0.500  ? 833  'X-RAY DIFFRACTION' ? 
r_xyhbond_nbd_refined    0.189  0.500  ? 233  'X-RAY DIFFRACTION' ? 
r_metal_ion_refined      0.193  0.500  ? 1    'X-RAY DIFFRACTION' ? 
r_symmetry_vdw_refined   0.187  0.300  ? 89   'X-RAY DIFFRACTION' ? 
r_symmetry_hbond_refined 0.280  0.500  ? 33   'X-RAY DIFFRACTION' ? 
r_mcbond_it              4.136  2.000  ? 737  'X-RAY DIFFRACTION' ? 
r_mcangle_it             5.346  3.000  ? 1217 'X-RAY DIFFRACTION' ? 
r_scbond_it              9.172  3.000  ? 499  'X-RAY DIFFRACTION' ? 
r_scangle_it             10.877 5.000  ? 436  'X-RAY DIFFRACTION' ? 
# 
_refine_ls_shell.pdbx_total_number_of_bins_used   20 
_refine_ls_shell.d_res_high                       1.800 
_refine_ls_shell.d_res_low                        1.847 
_refine_ls_shell.number_reflns_R_work             981 
_refine_ls_shell.R_factor_R_work                  0.208 
_refine_ls_shell.percent_reflns_obs               97.40 
_refine_ls_shell.R_factor_R_free                  0.333 
_refine_ls_shell.R_factor_R_free_error            0.02 
_refine_ls_shell.percent_reflns_R_free            ? 
_refine_ls_shell.number_reflns_R_free             30 
_refine_ls_shell.number_reflns_all                ? 
_refine_ls_shell.R_factor_all                     ? 
_refine_ls_shell.number_reflns_obs                981 
_refine_ls_shell.redundancy_reflns_obs            ? 
_refine_ls_shell.pdbx_refine_id                   'X-RAY DIFFRACTION' 
# 
_struct.entry_id                  2G64 
_struct.title                     'Structure of Caenorhabditis elegans 6-pyruvoyl tetrahydropterin synthase' 
_struct.pdbx_model_details        ? 
_struct.pdbx_CASP_flag            ? 
_struct.pdbx_model_type_details   ? 
# 
_struct_keywords.entry_id        2G64 
_struct_keywords.pdbx_keywords   LYASE 
_struct_keywords.text            
;TETRAHYDROBIOPTERIN BIOSYNTHESIS, PHOSPHATE ELIMINATION, PTERINE SYNTHESIS, Structural Genomics, PSI, Protein Structure Initiative, New York SGX Research Center for Structural Genomics, NYSGXRC, Lyase
;
# 
loop_
_struct_asym.id 
_struct_asym.pdbx_blank_PDB_chainid_flag 
_struct_asym.pdbx_modified 
_struct_asym.entity_id 
_struct_asym.details 
A N N 1 ? 
B N N 2 ? 
C N N 2 ? 
D N N 3 ? 
E N N 4 ? 
F N N 5 ? 
# 
_struct_biol.id   1 
# 
loop_
_struct_conf.conf_type_id 
_struct_conf.id 
_struct_conf.pdbx_PDB_helix_id 
_struct_conf.beg_label_comp_id 
_struct_conf.beg_label_asym_id 
_struct_conf.beg_label_seq_id 
_struct_conf.pdbx_beg_PDB_ins_code 
_struct_conf.end_label_comp_id 
_struct_conf.end_label_asym_id 
_struct_conf.end_label_seq_id 
_struct_conf.pdbx_end_PDB_ins_code 
_struct_conf.beg_auth_comp_id 
_struct_conf.beg_auth_asym_id 
_struct_conf.beg_auth_seq_id 
_struct_conf.end_auth_comp_id 
_struct_conf.end_auth_asym_id 
_struct_conf.end_auth_seq_id 
_struct_conf.pdbx_PDB_helix_class 
_struct_conf.details 
_struct_conf.pdbx_PDB_helix_length 
HELX_P HELX_P1 1 SER A 27  ? GLY A 36  ? SER A 27  GLY A 36  1 ? 10 
HELX_P HELX_P2 2 LYS A 37  ? ASN A 40  ? LYS A 37  ASN A 40  5 ? 4  
HELX_P HELX_P3 3 ASP A 67  ? THR A 81  ? ASP A 67  THR A 81  1 ? 15 
HELX_P HELX_P4 4 LEU A 87  ? VAL A 91  ? LEU A 87  VAL A 91  1 ? 5  
HELX_P HELX_P5 5 GLU A 92  ? THR A 96  ? GLU A 92  THR A 96  5 ? 5  
HELX_P HELX_P6 6 THR A 100 ? MET A 116 ? THR A 100 MET A 116 1 ? 17 
HELX_P HELX_P7 7 ASN A 118 ? SER A 120 ? ASN A 118 SER A 120 5 ? 3  
# 
_struct_conf_type.id          HELX_P 
_struct_conf_type.criteria    ? 
_struct_conf_type.reference   ? 
# 
loop_
_struct_conn.id 
_struct_conn.conn_type_id 
_struct_conn.pdbx_leaving_atom_flag 
_struct_conn.pdbx_PDB_id 
_struct_conn.ptnr1_label_asym_id 
_struct_conn.ptnr1_label_comp_id 
_struct_conn.ptnr1_label_seq_id 
_struct_conn.ptnr1_label_atom_id 
_struct_conn.pdbx_ptnr1_label_alt_id 
_struct_conn.pdbx_ptnr1_PDB_ins_code 
_struct_conn.pdbx_ptnr1_standard_comp_id 
_struct_conn.ptnr1_symmetry 
_struct_conn.ptnr2_label_asym_id 
_struct_conn.ptnr2_label_comp_id 
_struct_conn.ptnr2_label_seq_id 
_struct_conn.ptnr2_label_atom_id 
_struct_conn.pdbx_ptnr2_label_alt_id 
_struct_conn.pdbx_ptnr2_PDB_ins_code 
_struct_conn.ptnr1_auth_asym_id 
_struct_conn.ptnr1_auth_comp_id 
_struct_conn.ptnr1_auth_seq_id 
_struct_conn.ptnr2_auth_asym_id 
_struct_conn.ptnr2_auth_comp_id 
_struct_conn.ptnr2_auth_seq_id 
_struct_conn.ptnr2_symmetry 
_struct_conn.pdbx_ptnr3_label_atom_id 
_struct_conn.pdbx_ptnr3_label_seq_id 
_struct_conn.pdbx_ptnr3_label_comp_id 
_struct_conn.pdbx_ptnr3_label_asym_id 
_struct_conn.pdbx_ptnr3_label_alt_id 
_struct_conn.pdbx_ptnr3_PDB_ins_code 
_struct_conn.details 
_struct_conn.pdbx_dist_value 
_struct_conn.pdbx_value_order 
_struct_conn.pdbx_role 
metalc1  metalc ? ? A HIS 19 NE2 ? ? ? 1_555 D ZN  . ZN ? ? A HIS 19   A ZN  2001 1_555  ? ? ? ? ? ? ? 2.128 ? ? 
metalc2  metalc ? ? A CYS 38 O   ? ? ? 1_555 C NA  . NA ? ? A CYS 38   A NA  1002 1_555  ? ? ? ? ? ? ? 2.731 ? ? 
metalc3  metalc ? ? A ASN 40 O   ? ? ? 1_555 C NA  . NA ? ? A ASN 40   A NA  1002 1_555  ? ? ? ? ? ? ? 2.833 ? ? 
metalc4  metalc ? ? A HIS 44 ND1 ? ? ? 1_555 C NA  . NA ? ? A HIS 44   A NA  1002 1_555  ? ? ? ? ? ? ? 2.867 ? ? 
metalc5  metalc ? ? A HIS 44 NE2 ? ? ? 1_555 D ZN  . ZN ? ? A HIS 44   A ZN  2001 1_555  ? ? ? ? ? ? ? 2.137 ? ? 
metalc6  metalc ? ? A HIS 46 NE2 ? ? ? 1_555 D ZN  . ZN ? ? A HIS 46   A ZN  2001 1_555  ? ? ? ? ? ? ? 2.097 ? ? 
metalc7  metalc ? ? A ASN 47 O   ? ? ? 1_555 B NA  . NA ? ? A ASN 47   A NA  1001 1_555  ? ? ? ? ? ? ? 2.986 ? ? 
metalc8  metalc ? ? B NA  .  NA  ? ? ? 1_555 F HOH . O  ? ? A NA  1001 A HOH 3019 1_555  ? ? ? ? ? ? ? 2.652 ? ? 
metalc9  metalc ? ? B NA  .  NA  ? ? ? 1_555 F HOH . O  ? ? A NA  1001 A HOH 3117 1_555  ? ? ? ? ? ? ? 2.777 ? ? 
metalc10 metalc ? ? D ZN  .  ZN  ? ? ? 1_555 F HOH . O  ? ? A ZN  2001 A HOH 3084 11_566 ? ? ? ? ? ? ? 2.727 ? ? 
metalc11 metalc ? ? D ZN  .  ZN  ? ? ? 1_555 F HOH . O  ? ? A ZN  2001 A HOH 3139 1_555  ? ? ? ? ? ? ? 1.827 ? ? 
# 
_struct_conn_type.id          metalc 
_struct_conn_type.criteria    ? 
_struct_conn_type.reference   ? 
# 
_struct_sheet.id               A 
_struct_sheet.type             ? 
_struct_sheet.number_strands   5 
_struct_sheet.details          ? 
# 
loop_
_struct_sheet_order.sheet_id 
_struct_sheet_order.range_id_1 
_struct_sheet_order.range_id_2 
_struct_sheet_order.offset 
_struct_sheet_order.sense 
A 1 2 ? parallel      
A 2 3 ? anti-parallel 
A 3 4 ? anti-parallel 
A 4 5 ? anti-parallel 
# 
loop_
_struct_sheet_range.sheet_id 
_struct_sheet_range.id 
_struct_sheet_range.beg_label_comp_id 
_struct_sheet_range.beg_label_asym_id 
_struct_sheet_range.beg_label_seq_id 
_struct_sheet_range.pdbx_beg_PDB_ins_code 
_struct_sheet_range.end_label_comp_id 
_struct_sheet_range.end_label_asym_id 
_struct_sheet_range.end_label_seq_id 
_struct_sheet_range.pdbx_end_PDB_ins_code 
_struct_sheet_range.beg_auth_comp_id 
_struct_sheet_range.beg_auth_asym_id 
_struct_sheet_range.beg_auth_seq_id 
_struct_sheet_range.end_auth_comp_id 
_struct_sheet_range.end_auth_asym_id 
_struct_sheet_range.end_auth_seq_id 
A 1 ARG A 85  ? ASN A 86  ? ARG A 85  ASN A 86  
A 2 ILE A 6   ? HIS A 19  ? ILE A 6   HIS A 19  
A 3 HIS A 44  ? GLU A 57  ? HIS A 44  GLU A 57  
A 4 LEU A 122 ? THR A 130 ? LEU A 122 THR A 130 
A 5 ASN A 133 ? TYR A 137 ? ASN A 133 TYR A 137 
# 
loop_
_pdbx_struct_sheet_hbond.sheet_id 
_pdbx_struct_sheet_hbond.range_id_1 
_pdbx_struct_sheet_hbond.range_id_2 
_pdbx_struct_sheet_hbond.range_1_label_atom_id 
_pdbx_struct_sheet_hbond.range_1_label_comp_id 
_pdbx_struct_sheet_hbond.range_1_label_asym_id 
_pdbx_struct_sheet_hbond.range_1_label_seq_id 
_pdbx_struct_sheet_hbond.range_1_PDB_ins_code 
_pdbx_struct_sheet_hbond.range_1_auth_atom_id 
_pdbx_struct_sheet_hbond.range_1_auth_comp_id 
_pdbx_struct_sheet_hbond.range_1_auth_asym_id 
_pdbx_struct_sheet_hbond.range_1_auth_seq_id 
_pdbx_struct_sheet_hbond.range_2_label_atom_id 
_pdbx_struct_sheet_hbond.range_2_label_comp_id 
_pdbx_struct_sheet_hbond.range_2_label_asym_id 
_pdbx_struct_sheet_hbond.range_2_label_seq_id 
_pdbx_struct_sheet_hbond.range_2_PDB_ins_code 
_pdbx_struct_sheet_hbond.range_2_auth_atom_id 
_pdbx_struct_sheet_hbond.range_2_auth_comp_id 
_pdbx_struct_sheet_hbond.range_2_auth_asym_id 
_pdbx_struct_sheet_hbond.range_2_auth_seq_id 
A 1 2 O ARG A 85  ? O ARG A 85  N ALA A 18  ? N ALA A 18  
A 2 3 N MET A 9   ? N MET A 9   O LEU A 54  ? O LEU A 54  
A 3 4 N LYS A 53  ? N LYS A 53  O LYS A 124 ? O LYS A 124 
A 4 5 N ILE A 127 ? N ILE A 127 O PHE A 135 ? O PHE A 135 
# 
loop_
_struct_site.id 
_struct_site.pdbx_evidence_code 
_struct_site.pdbx_auth_asym_id 
_struct_site.pdbx_auth_comp_id 
_struct_site.pdbx_auth_seq_id 
_struct_site.pdbx_auth_ins_code 
_struct_site.pdbx_num_residues 
_struct_site.details 
AC1 Software A NA  1001 ? 7 'BINDING SITE FOR RESIDUE NA A 1001'  
AC2 Software A NA  1002 ? 5 'BINDING SITE FOR RESIDUE NA A 1002'  
AC3 Software A ZN  2001 ? 5 'BINDING SITE FOR RESIDUE ZN A 2001'  
AC4 Software A GOL 3001 ? 5 'BINDING SITE FOR RESIDUE GOL A 3001' 
# 
loop_
_struct_site_gen.id 
_struct_site_gen.site_id 
_struct_site_gen.pdbx_num_res 
_struct_site_gen.label_comp_id 
_struct_site_gen.label_asym_id 
_struct_site_gen.label_seq_id 
_struct_site_gen.pdbx_auth_ins_code 
_struct_site_gen.auth_comp_id 
_struct_site_gen.auth_asym_id 
_struct_site_gen.auth_seq_id 
_struct_site_gen.label_atom_id 
_struct_site_gen.label_alt_id 
_struct_site_gen.symmetry 
_struct_site_gen.details 
1  AC1 7 ASN A 47  ? ASN A 47   . ? 1_555  ? 
2  AC1 7 GLU A 128 ? GLU A 128  . ? 1_555  ? 
3  AC1 7 GLU A 129 ? GLU A 129  . ? 1_555  ? 
4  AC1 7 THR A 130 ? THR A 130  . ? 1_555  ? 
5  AC1 7 PRO A 131 ? PRO A 131  . ? 1_555  ? 
6  AC1 7 HOH F .   ? HOH A 3019 . ? 1_555  ? 
7  AC1 7 HOH F .   ? HOH A 3117 . ? 1_555  ? 
8  AC2 5 ARG A 20  ? ARG A 20   . ? 1_555  ? 
9  AC2 5 CYS A 38  ? CYS A 38   . ? 1_555  ? 
10 AC2 5 ASN A 40  ? ASN A 40   . ? 1_555  ? 
11 AC2 5 GLY A 43  ? GLY A 43   . ? 1_555  ? 
12 AC2 5 HIS A 44  ? HIS A 44   . ? 1_555  ? 
13 AC3 5 HIS A 19  ? HIS A 19   . ? 1_555  ? 
14 AC3 5 HIS A 44  ? HIS A 44   . ? 1_555  ? 
15 AC3 5 HIS A 46  ? HIS A 46   . ? 1_555  ? 
16 AC3 5 HOH F .   ? HOH A 3084 . ? 11_566 ? 
17 AC3 5 HOH F .   ? HOH A 3139 . ? 1_555  ? 
18 AC4 5 LYS A 53  ? LYS A 53   . ? 1_555  ? 
19 AC4 5 TYR A 123 ? TYR A 123  . ? 1_555  ? 
20 AC4 5 LYS A 124 ? LYS A 124  . ? 1_555  ? 
21 AC4 5 HOH F .   ? HOH A 3116 . ? 2_665  ? 
22 AC4 5 HOH F .   ? HOH A 3121 . ? 1_555  ? 
# 
_atom_sites.entry_id                    2G64 
_atom_sites.fract_transf_matrix[1][1]   -0.00463857 
_atom_sites.fract_transf_matrix[1][2]   -0.01251626 
_atom_sites.fract_transf_matrix[1][3]   0.00977468 
_atom_sites.fract_transf_matrix[2][1]   0.00875877 
_atom_sites.fract_transf_matrix[2][2]   -0.01403518 
_atom_sites.fract_transf_matrix[2][3]   0.00018623 
_atom_sites.fract_transf_matrix[3][1]   0.00355156 
_atom_sites.fract_transf_matrix[3][2]   0.00227744 
_atom_sites.fract_transf_matrix[3][3]   0.00460160 
_atom_sites.fract_transf_vector[1]      0.489672 
_atom_sites.fract_transf_vector[2]      0.559950 
_atom_sites.fract_transf_vector[3]      0.582481 
# 
loop_
_atom_type.symbol 
C  
N  
NA 
O  
S  
ZN 
# 
loop_
_atom_site.group_PDB 
_atom_site.id 
_atom_site.type_symbol 
_atom_site.label_atom_id 
_atom_site.label_alt_id 
_atom_site.label_comp_id 
_atom_site.label_asym_id 
_atom_site.label_entity_id 
_atom_site.label_seq_id 
_atom_site.pdbx_PDB_ins_code 
_atom_site.Cartn_x 
_atom_site.Cartn_y 
_atom_site.Cartn_z 
_atom_site.occupancy 
_atom_site.B_iso_or_equiv 
_atom_site.pdbx_formal_charge 
_atom_site.auth_seq_id 
_atom_site.auth_comp_id 
_atom_site.auth_asym_id 
_atom_site.auth_atom_id 
_atom_site.pdbx_PDB_model_num 
ATOM   1    N  N   . MET A 1 1   ? -9.271  16.603  -30.629 1.00 16.02 ? 1    MET A N   1 
ATOM   2    C  CA  A MET A 1 1   ? -8.559  15.831  -29.571 0.50 14.95 ? 1    MET A CA  1 
ATOM   3    C  CA  B MET A 1 1   ? -8.520  15.930  -29.542 0.50 15.32 ? 1    MET A CA  1 
ATOM   4    C  C   . MET A 1 1   ? -7.121  15.494  -29.961 1.00 15.96 ? 1    MET A C   1 
ATOM   5    O  O   . MET A 1 1   ? -6.831  15.242  -31.132 1.00 13.47 ? 1    MET A O   1 
ATOM   6    C  CB  A MET A 1 1   ? -9.322  14.543  -29.254 0.50 25.45 ? 1    MET A CB  1 
ATOM   7    C  CB  B MET A 1 1   ? -9.305  14.748  -28.963 0.50 12.49 ? 1    MET A CB  1 
ATOM   8    C  CG  A MET A 1 1   ? -9.473  13.587  -30.438 0.50 12.59 ? 1    MET A CG  1 
ATOM   9    C  CG  B MET A 1 1   ? -9.139  13.441  -29.718 0.50 36.39 ? 1    MET A CG  1 
ATOM   10   S  SD  A MET A 1 1   ? -10.626 12.260  -30.057 0.50 10.25 ? 1    MET A SD  1 
ATOM   11   S  SD  B MET A 1 1   ? -10.425 13.242  -30.957 0.50 29.39 ? 1    MET A SD  1 
ATOM   12   C  CE  A MET A 1 1   ? -10.648 11.377  -31.620 0.50 9.50  ? 1    MET A CE  1 
ATOM   13   C  CE  B MET A 1 1   ? -10.086 11.600  -31.591 0.50 27.43 ? 1    MET A CE  1 
ATOM   14   N  N   . PHE A 1 2   ? -6.230  15.439  -28.979 1.00 19.02 ? 2    PHE A N   1 
ATOM   15   C  CA  . PHE A 1 2   ? -4.838  15.124  -29.247 1.00 17.28 ? 2    PHE A CA  1 
ATOM   16   C  C   . PHE A 1 2   ? -4.341  14.359  -28.027 1.00 16.80 ? 2    PHE A C   1 
ATOM   17   O  O   . PHE A 1 2   ? -4.308  14.904  -26.927 1.00 15.11 ? 2    PHE A O   1 
ATOM   18   C  CB  . PHE A 1 2   ? -4.042  16.425  -29.360 1.00 12.13 ? 2    PHE A CB  1 
ATOM   19   C  CG  . PHE A 1 2   ? -2.574  16.226  -29.663 1.00 14.54 ? 2    PHE A CG  1 
ATOM   20   C  CD1 . PHE A 1 2   ? -2.131  16.015  -30.984 1.00 17.77 ? 2    PHE A CD1 1 
ATOM   21   C  CD2 . PHE A 1 2   ? -1.626  16.275  -28.634 1.00 20.18 ? 2    PHE A CD2 1 
ATOM   22   C  CE1 . PHE A 1 2   ? -0.762  15.836  -31.271 1.00 19.45 ? 2    PHE A CE1 1 
ATOM   23   C  CE2 . PHE A 1 2   ? -0.259  16.105  -28.914 1.00 21.16 ? 2    PHE A CE2 1 
ATOM   24   C  CZ  . PHE A 1 2   ? 0.173   15.885  -30.238 1.00 18.93 ? 2    PHE A CZ  1 
ATOM   25   N  N   . ARG A 1 3   ? -3.975  13.103  -28.199 1.00 12.98 ? 3    ARG A N   1 
ATOM   26   C  CA  A ARG A 1 3   ? -3.475  12.359  -27.055 0.50 17.31 ? 3    ARG A CA  1 
ATOM   27   C  CA  B ARG A 1 3   ? -3.445  12.306  -27.081 0.50 13.47 ? 3    ARG A CA  1 
ATOM   28   C  C   . ARG A 1 3   ? -2.077  12.836  -26.656 1.00 16.84 ? 3    ARG A C   1 
ATOM   29   O  O   . ARG A 1 3   ? -1.177  12.995  -27.494 1.00 14.91 ? 3    ARG A O   1 
ATOM   30   C  CB  A ARG A 1 3   ? -3.536  10.850  -27.274 0.50 18.07 ? 3    ARG A CB  1 
ATOM   31   C  CB  B ARG A 1 3   ? -3.319  10.833  -27.467 0.50 11.30 ? 3    ARG A CB  1 
ATOM   32   C  CG  A ARG A 1 3   ? -3.802  10.099  -25.976 0.50 14.79 ? 3    ARG A CG  1 
ATOM   33   C  CG  B ARG A 1 3   ? -2.732  9.970   -26.334 0.50 10.79 ? 3    ARG A CG  1 
ATOM   34   C  CD  A ARG A 1 3   ? -3.916  8.619   -26.185 0.50 22.30 ? 3    ARG A CD  1 
ATOM   35   C  CD  B ARG A 1 3   ? -2.642  8.522   -26.717 0.50 14.12 ? 3    ARG A CD  1 
ATOM   36   N  NE  A ARG A 1 3   ? -2.599  8.005   -26.269 0.50 41.45 ? 3    ARG A NE  1 
ATOM   37   N  NE  B ARG A 1 3   ? -1.598  8.271   -27.705 0.50 29.71 ? 3    ARG A NE  1 
ATOM   38   C  CZ  A ARG A 1 3   ? -2.197  6.996   -25.506 0.50 19.09 ? 3    ARG A CZ  1 
ATOM   39   C  CZ  B ARG A 1 3   ? -1.628  7.280   -28.594 0.50 23.81 ? 3    ARG A CZ  1 
ATOM   40   N  NH1 A ARG A 1 3   ? -3.011  6.481   -24.594 0.50 42.59 ? 3    ARG A NH1 1 
ATOM   41   N  NH1 B ARG A 1 3   ? -0.634  7.133   -29.452 0.50 25.18 ? 3    ARG A NH1 1 
ATOM   42   N  NH2 A ARG A 1 3   ? -0.974  6.504   -25.657 0.50 37.45 ? 3    ARG A NH2 1 
ATOM   43   N  NH2 B ARG A 1 3   ? -2.647  6.434   -28.619 0.50 39.90 ? 3    ARG A NH2 1 
ATOM   44   N  N   . MET A 1 4   ? -1.923  13.093  -25.359 1.00 13.74 ? 4    MET A N   1 
ATOM   45   C  CA  . MET A 1 4   ? -0.703  13.633  -24.824 1.00 14.75 ? 4    MET A CA  1 
ATOM   46   C  C   . MET A 1 4   ? 0.269   12.489  -24.452 1.00 13.88 ? 4    MET A C   1 
ATOM   47   O  O   . MET A 1 4   ? -0.137  11.329  -24.345 1.00 15.89 ? 4    MET A O   1 
ATOM   48   C  CB  . MET A 1 4   ? -1.037  14.487  -23.593 1.00 14.35 ? 4    MET A CB  1 
ATOM   49   C  CG  . MET A 1 4   ? -1.732  15.832  -23.914 1.00 16.10 ? 4    MET A CG  1 
ATOM   50   S  SD  . MET A 1 4   ? -0.598  16.966  -24.782 1.00 22.11 ? 4    MET A SD  1 
ATOM   51   C  CE  . MET A 1 4   ? 0.348   17.516  -23.344 1.00 22.42 ? 4    MET A CE  1 
ATOM   52   N  N   . PRO A 1 5   ? 1.555   12.828  -24.236 1.00 14.57 ? 5    PRO A N   1 
ATOM   53   C  CA  . PRO A 1 5   ? 2.527   11.810  -23.808 1.00 18.03 ? 5    PRO A CA  1 
ATOM   54   C  C   . PRO A 1 5   ? 2.061   11.128  -22.529 1.00 14.01 ? 5    PRO A C   1 
ATOM   55   O  O   . PRO A 1 5   ? 1.475   11.782  -21.662 1.00 15.06 ? 5    PRO A O   1 
ATOM   56   C  CB  . PRO A 1 5   ? 3.789   12.630  -23.519 1.00 17.50 ? 5    PRO A CB  1 
ATOM   57   C  CG  . PRO A 1 5   ? 3.648   13.856  -24.367 1.00 19.80 ? 5    PRO A CG  1 
ATOM   58   C  CD  . PRO A 1 5   ? 2.167   14.162  -24.393 1.00 15.68 ? 5    PRO A CD  1 
ATOM   59   N  N   . ILE A 1 6   ? 2.358   9.839   -22.413 1.00 14.73 ? 6    ILE A N   1 
ATOM   60   C  CA  . ILE A 1 6   ? 2.036   9.069   -21.219 1.00 15.03 ? 6    ILE A CA  1 
ATOM   61   C  C   . ILE A 1 6   ? 3.290   9.010   -20.324 1.00 15.83 ? 6    ILE A C   1 
ATOM   62   O  O   . ILE A 1 6   ? 4.372   8.621   -20.762 1.00 13.21 ? 6    ILE A O   1 
ATOM   63   C  CB  . ILE A 1 6   ? 1.607   7.631   -21.575 1.00 17.54 ? 6    ILE A CB  1 
ATOM   64   C  CG1 . ILE A 1 6   ? 0.413   7.639   -22.541 1.00 26.32 ? 6    ILE A CG1 1 
ATOM   65   C  CG2 . ILE A 1 6   ? 1.264   6.828   -20.313 1.00 20.74 ? 6    ILE A CG2 1 
ATOM   66   C  CD1 . ILE A 1 6   ? -0.748  8.475   -22.074 1.00 24.34 ? 6    ILE A CD1 1 
ATOM   67   N  N   . VAL A 1 7   ? 3.134   9.431   -19.081 1.00 14.78 ? 7    VAL A N   1 
ATOM   68   C  CA  . VAL A 1 7   ? 4.270   9.491   -18.152 1.00 13.29 ? 7    VAL A CA  1 
ATOM   69   C  C   . VAL A 1 7   ? 3.793   8.843   -16.841 1.00 16.20 ? 7    VAL A C   1 
ATOM   70   O  O   . VAL A 1 7   ? 2.587   8.802   -16.553 1.00 15.76 ? 7    VAL A O   1 
ATOM   71   C  CB  . VAL A 1 7   ? 4.691   10.976  -17.921 1.00 11.95 ? 7    VAL A CB  1 
ATOM   72   C  CG1 . VAL A 1 7   ? 5.593   11.167  -16.683 1.00 22.15 ? 7    VAL A CG1 1 
ATOM   73   C  CG2 . VAL A 1 7   ? 5.306   11.577  -19.191 1.00 14.19 ? 7    VAL A CG2 1 
ATOM   74   N  N   . THR A 1 8   ? 4.728   8.335   -16.045 1.00 14.49 ? 8    THR A N   1 
ATOM   75   C  CA  . THR A 1 8   ? 4.367   7.850   -14.715 1.00 12.80 ? 8    THR A CA  1 
ATOM   76   C  C   . THR A 1 8   ? 4.809   8.856   -13.650 1.00 11.23 ? 8    THR A C   1 
ATOM   77   O  O   . THR A 1 8   ? 5.778   9.598   -13.836 1.00 12.00 ? 8    THR A O   1 
ATOM   78   C  CB  . THR A 1 8   ? 5.001   6.466   -14.368 1.00 13.98 ? 8    THR A CB  1 
ATOM   79   O  OG1 . THR A 1 8   ? 6.419   6.580   -14.295 1.00 12.92 ? 8    THR A OG1 1 
ATOM   80   C  CG2 . THR A 1 8   ? 4.630   5.387   -15.410 1.00 16.19 ? 8    THR A CG2 1 
ATOM   81   N  N   . MET A 1 9   ? 4.069   8.870   -12.554 1.00 13.03 ? 9    MET A N   1 
ATOM   82   C  CA  . MET A 1 9   ? 4.358   9.738   -11.415 1.00 14.25 ? 9    MET A CA  1 
ATOM   83   C  C   . MET A 1 9   ? 4.225   8.864   -10.167 1.00 13.55 ? 9    MET A C   1 
ATOM   84   O  O   . MET A 1 9   ? 3.181   8.201   -9.943  1.00 15.43 ? 9    MET A O   1 
ATOM   85   C  CB  . MET A 1 9   ? 3.323   10.863  -11.374 1.00 15.09 ? 9    MET A CB  1 
ATOM   86   C  CG  . MET A 1 9   ? 3.231   11.614  -10.060 1.00 22.67 ? 9    MET A CG  1 
ATOM   87   S  SD  . MET A 1 9   ? 1.805   12.720  -10.123 1.00 27.42 ? 9    MET A SD  1 
ATOM   88   C  CE  . MET A 1 9   ? 1.835   13.332  -8.440  1.00 24.33 ? 9    MET A CE  1 
ATOM   89   N  N   . GLU A 1 10  ? 5.282   8.857   -9.358  1.00 14.26 ? 10   GLU A N   1 
ATOM   90   C  CA  . GLU A 1 10  ? 5.327   7.971   -8.203  1.00 11.54 ? 10   GLU A CA  1 
ATOM   91   C  C   . GLU A 1 10  ? 5.686   8.783   -6.981  1.00 15.21 ? 10   GLU A C   1 
ATOM   92   O  O   . GLU A 1 10  ? 6.575   9.620   -7.029  1.00 15.51 ? 10   GLU A O   1 
ATOM   93   C  CB  . GLU A 1 10  ? 6.347   6.854   -8.428  1.00 15.28 ? 10   GLU A CB  1 
ATOM   94   C  CG  . GLU A 1 10  ? 6.442   5.855   -7.272  1.00 14.85 ? 10   GLU A CG  1 
ATOM   95   C  CD  . GLU A 1 10  ? 7.348   4.686   -7.621  1.00 20.16 ? 10   GLU A CD  1 
ATOM   96   O  OE1 . GLU A 1 10  ? 8.509   4.905   -8.052  1.00 17.17 ? 10   GLU A OE1 1 
ATOM   97   O  OE2 . GLU A 1 10  ? 6.899   3.539   -7.489  1.00 17.59 ? 10   GLU A OE2 1 
ATOM   98   N  N   . ARG A 1 11  ? 4.987   8.516   -5.882  1.00 13.74 ? 11   ARG A N   1 
ATOM   99   C  CA  . ARG A 1 11  ? 5.169   9.268   -4.655  1.00 13.24 ? 11   ARG A CA  1 
ATOM   100  C  C   . ARG A 1 11  ? 5.458   8.263   -3.528  1.00 12.78 ? 11   ARG A C   1 
ATOM   101  O  O   . ARG A 1 11  ? 4.788   7.230   -3.419  1.00 17.81 ? 11   ARG A O   1 
ATOM   102  C  CB  . ARG A 1 11  ? 3.901   10.068  -4.365  1.00 17.31 ? 11   ARG A CB  1 
ATOM   103  C  CG  . ARG A 1 11  ? 3.830   10.653  -2.959  1.00 21.52 ? 11   ARG A CG  1 
ATOM   104  C  CD  . ARG A 1 11  ? 4.898   11.695  -2.773  1.00 26.30 ? 11   ARG A CD  1 
ATOM   105  N  NE  . ARG A 1 11  ? 4.791   12.328  -1.459  1.00 33.68 ? 11   ARG A NE  1 
ATOM   106  C  CZ  . ARG A 1 11  ? 5.391   13.465  -1.133  1.00 43.99 ? 11   ARG A CZ  1 
ATOM   107  N  NH1 . ARG A 1 11  ? 6.134   14.095  -2.031  1.00 29.90 ? 11   ARG A NH1 1 
ATOM   108  N  NH2 . ARG A 1 11  ? 5.244   13.972  0.085   1.00 32.87 ? 11   ARG A NH2 1 
ATOM   109  N  N   . VAL A 1 12  ? 6.480   8.559   -2.734  1.00 12.60 ? 12   VAL A N   1 
ATOM   110  C  CA  . VAL A 1 12  ? 7.005   7.608   -1.733  1.00 14.22 ? 12   VAL A CA  1 
ATOM   111  C  C   . VAL A 1 12  ? 6.691   8.170   -0.349  1.00 17.86 ? 12   VAL A C   1 
ATOM   112  O  O   . VAL A 1 12  ? 6.936   9.346   -0.077  1.00 17.82 ? 12   VAL A O   1 
ATOM   113  C  CB  . VAL A 1 12  ? 8.550   7.436   -1.852  1.00 13.83 ? 12   VAL A CB  1 
ATOM   114  C  CG1 . VAL A 1 12  ? 9.080   6.426   -0.793  1.00 12.72 ? 12   VAL A CG1 1 
ATOM   115  C  CG2 . VAL A 1 12  ? 8.968   6.999   -3.298  1.00 15.26 ? 12   VAL A CG2 1 
ATOM   116  N  N   . ASP A 1 13  ? 6.133   7.339   0.522   1.00 15.42 ? 13   ASP A N   1 
ATOM   117  C  CA  . ASP A 1 13  ? 5.926   7.743   1.919   1.00 16.31 ? 13   ASP A CA  1 
ATOM   118  C  C   . ASP A 1 13  ? 6.197   6.480   2.749   1.00 20.89 ? 13   ASP A C   1 
ATOM   119  O  O   . ASP A 1 13  ? 6.705   5.499   2.215   1.00 16.11 ? 13   ASP A O   1 
ATOM   120  C  CB  . ASP A 1 13  ? 4.501   8.256   2.106   1.00 12.34 ? 13   ASP A CB  1 
ATOM   121  C  CG  . ASP A 1 13  ? 4.367   9.255   3.244   1.00 33.92 ? 13   ASP A CG  1 
ATOM   122  O  OD1 . ASP A 1 13  ? 5.034   9.096   4.289   1.00 29.62 ? 13   ASP A OD1 1 
ATOM   123  O  OD2 . ASP A 1 13  ? 3.573   10.204  3.095   1.00 29.29 ? 13   ASP A OD2 1 
ATOM   124  N  N   . SER A 1 14  ? 5.914   6.518   4.049   1.00 15.13 ? 14   SER A N   1 
ATOM   125  C  CA  A SER A 1 14  ? 6.212   5.375   4.918   0.50 12.64 ? 14   SER A CA  1 
ATOM   126  C  CA  B SER A 1 14  ? 6.229   5.388   4.931   0.50 13.77 ? 14   SER A CA  1 
ATOM   127  C  C   . SER A 1 14  ? 5.239   5.345   6.088   1.00 16.74 ? 14   SER A C   1 
ATOM   128  O  O   . SER A 1 14  ? 4.589   6.349   6.394   1.00 20.52 ? 14   SER A O   1 
ATOM   129  C  CB  A SER A 1 14  ? 7.626   5.494   5.462   0.50 16.62 ? 14   SER A CB  1 
ATOM   130  C  CB  B SER A 1 14  ? 7.652   5.514   5.482   0.50 13.35 ? 14   SER A CB  1 
ATOM   131  O  OG  A SER A 1 14  ? 7.757   6.698   6.189   0.50 14.03 ? 14   SER A OG  1 
ATOM   132  O  OG  B SER A 1 14  ? 8.621   5.138   4.517   0.50 32.69 ? 14   SER A OG  1 
ATOM   133  N  N   . PHE A 1 15  ? 5.150   4.189   6.742   1.00 13.07 ? 15   PHE A N   1 
ATOM   134  C  CA  . PHE A 1 15  ? 4.379   4.057   7.986   1.00 13.61 ? 15   PHE A CA  1 
ATOM   135  C  C   . PHE A 1 15  ? 5.015   3.014   8.904   1.00 15.74 ? 15   PHE A C   1 
ATOM   136  O  O   . PHE A 1 15  ? 5.657   2.077   8.447   1.00 17.46 ? 15   PHE A O   1 
ATOM   137  C  CB  . PHE A 1 15  ? 2.889   3.763   7.717   1.00 12.88 ? 15   PHE A CB  1 
ATOM   138  C  CG  . PHE A 1 15  ? 2.618   2.445   6.989   1.00 15.61 ? 15   PHE A CG  1 
ATOM   139  C  CD1 . PHE A 1 15  ? 2.279   1.297   7.701   1.00 17.20 ? 15   PHE A CD1 1 
ATOM   140  C  CD2 . PHE A 1 15  ? 2.659   2.377   5.587   1.00 14.56 ? 15   PHE A CD2 1 
ATOM   141  C  CE1 . PHE A 1 15  ? 2.020   0.086   7.038   1.00 16.26 ? 15   PHE A CE1 1 
ATOM   142  C  CE2 . PHE A 1 15  ? 2.407   1.179   4.904   1.00 16.92 ? 15   PHE A CE2 1 
ATOM   143  C  CZ  . PHE A 1 15  ? 2.078   0.024   5.633   1.00 15.30 ? 15   PHE A CZ  1 
ATOM   144  N  N   . SER A 1 16  ? 4.860   3.200   10.204  1.00 13.00 ? 16   SER A N   1 
ATOM   145  C  CA  A SER A 1 16  ? 5.425   2.259   11.152  0.50 12.21 ? 16   SER A CA  1 
ATOM   146  C  CA  B SER A 1 16  ? 5.420   2.282   11.193  0.50 13.43 ? 16   SER A CA  1 
ATOM   147  C  C   . SER A 1 16  ? 4.284   1.435   11.744  1.00 14.14 ? 16   SER A C   1 
ATOM   148  O  O   . SER A 1 16  ? 3.244   1.972   12.125  1.00 19.88 ? 16   SER A O   1 
ATOM   149  C  CB  A SER A 1 16  ? 6.230   3.006   12.220  0.50 16.00 ? 16   SER A CB  1 
ATOM   150  C  CB  B SER A 1 16  ? 6.054   3.075   12.339  0.50 14.34 ? 16   SER A CB  1 
ATOM   151  O  OG  A SER A 1 16  ? 7.362   3.641   11.640  0.50 15.60 ? 16   SER A OG  1 
ATOM   152  O  OG  B SER A 1 16  ? 5.749   2.461   13.583  0.50 18.35 ? 16   SER A OG  1 
ATOM   153  N  N   . ALA A 1 17  ? 4.443   0.114   11.754  1.00 14.35 ? 17   ALA A N   1 
ATOM   154  C  CA  . ALA A 1 17  ? 3.356   -0.711  12.267  1.00 13.10 ? 17   ALA A CA  1 
ATOM   155  C  C   . ALA A 1 17  ? 3.889   -1.997  12.870  1.00 13.55 ? 17   ALA A C   1 
ATOM   156  O  O   . ALA A 1 17  ? 4.963   -2.492  12.489  1.00 13.15 ? 17   ALA A O   1 
ATOM   157  C  CB  . ALA A 1 17  ? 2.321   -1.025  11.163  1.00 13.94 ? 17   ALA A CB  1 
ATOM   158  N  N   . ALA A 1 18  ? 3.120   -2.540  13.808  1.00 12.28 ? 18   ALA A N   1 
ATOM   159  C  CA  . ALA A 1 18  ? 3.377   -3.868  14.335  1.00 12.58 ? 18   ALA A CA  1 
ATOM   160  C  C   . ALA A 1 18  ? 2.515   -4.889  13.593  1.00 14.23 ? 18   ALA A C   1 
ATOM   161  O  O   . ALA A 1 18  ? 1.420   -4.574  13.117  1.00 15.39 ? 18   ALA A O   1 
ATOM   162  C  CB  . ALA A 1 18  ? 3.039   -3.899  15.857  1.00 13.48 ? 18   ALA A CB  1 
ATOM   163  N  N   . HIS A 1 19  ? 2.983   -6.122  13.542  1.00 13.58 ? 19   HIS A N   1 
ATOM   164  C  CA  . HIS A 1 19  ? 2.123   -7.223  13.112  1.00 12.00 ? 19   HIS A CA  1 
ATOM   165  C  C   . HIS A 1 19  ? 2.641   -8.565  13.602  1.00 16.95 ? 19   HIS A C   1 
ATOM   166  O  O   . HIS A 1 19  ? 3.740   -8.657  14.170  1.00 14.84 ? 19   HIS A O   1 
ATOM   167  C  CB  . HIS A 1 19  ? 1.908   -7.183  11.575  1.00 14.66 ? 19   HIS A CB  1 
ATOM   168  C  CG  . HIS A 1 19  ? 3.031   -7.764  10.765  1.00 12.95 ? 19   HIS A CG  1 
ATOM   169  N  ND1 . HIS A 1 19  ? 2.806   -8.474  9.601   1.00 10.68 ? 19   HIS A ND1 1 
ATOM   170  C  CD2 . HIS A 1 19  ? 4.379   -7.701  10.908  1.00 14.00 ? 19   HIS A CD2 1 
ATOM   171  C  CE1 . HIS A 1 19  ? 3.960   -8.852  9.077   1.00 16.11 ? 19   HIS A CE1 1 
ATOM   172  N  NE2 . HIS A 1 19  ? 4.934   -8.379  9.844   1.00 16.81 ? 19   HIS A NE2 1 
ATOM   173  N  N   . ARG A 1 20  ? 1.813   -9.590  13.429  1.00 13.43 ? 20   ARG A N   1 
ATOM   174  C  CA  . ARG A 1 20  ? 2.228   -10.972 13.638  1.00 12.66 ? 20   ARG A CA  1 
ATOM   175  C  C   . ARG A 1 20  ? 1.595   -11.788 12.512  1.00 20.40 ? 20   ARG A C   1 
ATOM   176  O  O   . ARG A 1 20  ? 0.401   -11.624 12.213  1.00 16.30 ? 20   ARG A O   1 
ATOM   177  C  CB  . ARG A 1 20  ? 1.723   -11.456 14.999  1.00 14.45 ? 20   ARG A CB  1 
ATOM   178  C  CG  . ARG A 1 20  ? 1.934   -12.959 15.194  1.00 14.44 ? 20   ARG A CG  1 
ATOM   179  C  CD  . ARG A 1 20  ? 1.137   -13.465 16.395  1.00 18.59 ? 20   ARG A CD  1 
ATOM   180  N  NE  . ARG A 1 20  ? 1.555   -14.826 16.712  1.00 21.02 ? 20   ARG A NE  1 
ATOM   181  C  CZ  . ARG A 1 20  ? 0.769   -15.755 17.250  1.00 23.59 ? 20   ARG A CZ  1 
ATOM   182  N  NH1 . ARG A 1 20  ? -0.513  -15.499 17.497  1.00 21.68 ? 20   ARG A NH1 1 
ATOM   183  N  NH2 . ARG A 1 20  ? 1.275   -16.954 17.520  1.00 18.46 ? 20   ARG A NH2 1 
ATOM   184  N  N   . LEU A 1 21  ? 2.385   -12.639 11.861  1.00 12.85 ? 21   LEU A N   1 
ATOM   185  C  CA  . LEU A 1 21  ? 1.848   -13.484 10.798  1.00 14.96 ? 21   LEU A CA  1 
ATOM   186  C  C   . LEU A 1 21  ? 1.247   -14.731 11.451  1.00 18.04 ? 21   LEU A C   1 
ATOM   187  O  O   . LEU A 1 21  ? 1.960   -15.528 12.077  1.00 17.45 ? 21   LEU A O   1 
ATOM   188  C  CB  . LEU A 1 21  ? 2.945   -13.852 9.795   1.00 22.28 ? 21   LEU A CB  1 
ATOM   189  C  CG  . LEU A 1 21  ? 3.488   -12.633 9.029   1.00 14.88 ? 21   LEU A CG  1 
ATOM   190  C  CD1 . LEU A 1 21  ? 4.492   -13.130 7.996   1.00 17.11 ? 21   LEU A CD1 1 
ATOM   191  C  CD2 . LEU A 1 21  ? 2.301   -11.893 8.350   1.00 15.34 ? 21   LEU A CD2 1 
ATOM   192  N  N   . HIS A 1 22  ? -0.079  -14.848 11.364  1.00 16.54 ? 22   HIS A N   1 
ATOM   193  C  CA  . HIS A 1 22  ? -0.793  -15.960 12.002  1.00 13.18 ? 22   HIS A CA  1 
ATOM   194  C  C   . HIS A 1 22  ? -2.092  -16.132 11.217  1.00 14.33 ? 22   HIS A C   1 
ATOM   195  O  O   . HIS A 1 22  ? -2.906  -15.205 11.154  1.00 17.93 ? 22   HIS A O   1 
ATOM   196  C  CB  . HIS A 1 22  ? -1.084  -15.655 13.484  1.00 17.06 ? 22   HIS A CB  1 
ATOM   197  C  CG  . HIS A 1 22  ? -1.546  -16.848 14.270  1.00 23.07 ? 22   HIS A CG  1 
ATOM   198  N  ND1 . HIS A 1 22  ? -2.879  -17.138 14.480  1.00 32.56 ? 22   HIS A ND1 1 
ATOM   199  C  CD2 . HIS A 1 22  ? -0.847  -17.837 14.879  1.00 14.39 ? 22   HIS A CD2 1 
ATOM   200  C  CE1 . HIS A 1 22  ? -2.981  -18.250 15.191  1.00 18.56 ? 22   HIS A CE1 1 
ATOM   201  N  NE2 . HIS A 1 22  ? -1.762  -18.688 15.455  1.00 28.05 ? 22   HIS A NE2 1 
ATOM   202  N  N   . SER A 1 23  ? -2.276  -17.309 10.611  1.00 18.40 ? 23   SER A N   1 
ATOM   203  C  CA  . SER A 1 23  ? -3.509  -17.593 9.872   1.00 16.02 ? 23   SER A CA  1 
ATOM   204  C  C   . SER A 1 23  ? -4.532  -18.309 10.754  1.00 24.41 ? 23   SER A C   1 
ATOM   205  O  O   . SER A 1 23  ? -4.218  -19.307 11.396  1.00 20.55 ? 23   SER A O   1 
ATOM   206  C  CB  . SER A 1 23  ? -3.240  -18.468 8.649   1.00 15.71 ? 23   SER A CB  1 
ATOM   207  O  OG  . SER A 1 23  ? -4.485  -18.884 8.072   1.00 17.09 ? 23   SER A OG  1 
ATOM   208  N  N   . GLU A 1 24  ? -5.769  -17.826 10.756  1.00 19.19 ? 24   GLU A N   1 
ATOM   209  C  CA  . GLU A 1 24  ? -6.839  -18.565 11.434  1.00 24.40 ? 24   GLU A CA  1 
ATOM   210  C  C   . GLU A 1 24  ? -7.190  -19.914 10.768  1.00 26.80 ? 24   GLU A C   1 
ATOM   211  O  O   . GLU A 1 24  ? -7.893  -20.729 11.360  1.00 28.53 ? 24   GLU A O   1 
ATOM   212  C  CB  . GLU A 1 24  ? -8.079  -17.675 11.591  1.00 26.34 ? 24   GLU A CB  1 
ATOM   213  C  CG  . GLU A 1 24  ? -7.863  -16.540 12.574  1.00 24.90 ? 24   GLU A CG  1 
ATOM   214  C  CD  . GLU A 1 24  ? -7.409  -17.045 13.925  1.00 49.02 ? 24   GLU A CD  1 
ATOM   215  O  OE1 . GLU A 1 24  ? -7.962  -18.064 14.386  1.00 40.82 ? 24   GLU A OE1 1 
ATOM   216  O  OE2 . GLU A 1 24  ? -6.497  -16.434 14.522  1.00 26.17 ? 24   GLU A OE2 1 
ATOM   217  N  N   . LYS A 1 25  ? -6.697  -20.151 9.550   1.00 20.25 ? 25   LYS A N   1 
ATOM   218  C  CA  . LYS A 1 25  ? -6.939  -21.419 8.843   1.00 24.15 ? 25   LYS A CA  1 
ATOM   219  C  C   . LYS A 1 25  ? -5.822  -22.465 9.071   1.00 36.60 ? 25   LYS A C   1 
ATOM   220  O  O   . LYS A 1 25  ? -5.835  -23.549 8.465   1.00 27.84 ? 25   LYS A O   1 
ATOM   221  C  CB  . LYS A 1 25  ? -7.133  -21.181 7.337   1.00 28.80 ? 25   LYS A CB  1 
ATOM   222  C  CG  . LYS A 1 25  ? -8.160  -20.100 6.994   1.00 51.78 ? 25   LYS A CG  1 
ATOM   223  C  CD  . LYS A 1 25  ? -9.477  -20.682 6.523   1.00 34.77 ? 25   LYS A CD  1 
ATOM   224  C  CE  . LYS A 1 25  ? -10.525 -19.590 6.283   1.00 25.97 ? 25   LYS A CE  1 
ATOM   225  N  NZ  . LYS A 1 25  ? -10.673 -19.244 4.835   1.00 27.29 ? 25   LYS A NZ  1 
ATOM   226  N  N   . LEU A 1 26  ? -4.855  -22.121 9.923   1.00 22.63 ? 26   LEU A N   1 
ATOM   227  C  CA  . LEU A 1 26  ? -3.761  -23.017 10.275  1.00 20.72 ? 26   LEU A CA  1 
ATOM   228  C  C   . LEU A 1 26  ? -3.775  -23.318 11.776  1.00 22.99 ? 26   LEU A C   1 
ATOM   229  O  O   . LEU A 1 26  ? -4.182  -22.485 12.593  1.00 20.64 ? 26   LEU A O   1 
ATOM   230  C  CB  . LEU A 1 26  ? -2.396  -22.411 9.874   1.00 20.13 ? 26   LEU A CB  1 
ATOM   231  C  CG  . LEU A 1 26  ? -2.102  -22.250 8.375   1.00 23.42 ? 26   LEU A CG  1 
ATOM   232  C  CD1 . LEU A 1 26  ? -0.762  -21.534 8.115   1.00 19.23 ? 26   LEU A CD1 1 
ATOM   233  C  CD2 . LEU A 1 26  ? -2.128  -23.623 7.699   1.00 29.11 ? 26   LEU A CD2 1 
ATOM   234  N  N   . SER A 1 27  ? -3.293  -24.506 12.140  1.00 24.42 ? 27   SER A N   1 
ATOM   235  C  CA  . SER A 1 27  ? -3.086  -24.839 13.546  1.00 23.97 ? 27   SER A CA  1 
ATOM   236  C  C   . SER A 1 27  ? -1.926  -24.050 14.128  1.00 24.97 ? 27   SER A C   1 
ATOM   237  O  O   . SER A 1 27  ? -1.149  -23.433 13.387  1.00 19.48 ? 27   SER A O   1 
ATOM   238  C  CB  . SER A 1 27  ? -2.808  -26.342 13.704  1.00 24.98 ? 27   SER A CB  1 
ATOM   239  O  OG  . SER A 1 27  ? -1.509  -26.687 13.232  1.00 22.06 ? 27   SER A OG  1 
ATOM   240  N  N   . ASP A 1 28  ? -1.787  -24.076 15.446  1.00 18.82 ? 28   ASP A N   1 
ATOM   241  C  CA  . ASP A 1 28  ? -0.633  -23.409 16.067  1.00 25.93 ? 28   ASP A CA  1 
ATOM   242  C  C   . ASP A 1 28  ? 0.704   -23.896 15.506  1.00 18.78 ? 28   ASP A C   1 
ATOM   243  O  O   . ASP A 1 28  ? 1.591   -23.086 15.195  1.00 18.15 ? 28   ASP A O   1 
ATOM   244  C  CB  . ASP A 1 28  ? -0.644  -23.573 17.583  1.00 21.62 ? 28   ASP A CB  1 
ATOM   245  C  CG  . ASP A 1 28  ? -1.768  -22.788 18.247  1.00 23.81 ? 28   ASP A CG  1 
ATOM   246  O  OD1 . ASP A 1 28  ? -2.415  -21.956 17.571  1.00 25.16 ? 28   ASP A OD1 1 
ATOM   247  O  OD2 . ASP A 1 28  ? -1.982  -22.995 19.448  1.00 33.50 ? 28   ASP A OD2 1 
ATOM   248  N  N   . ALA A 1 29  ? 0.855   -25.217 15.415  1.00 19.73 ? 29   ALA A N   1 
ATOM   249  C  CA  . ALA A 1 29  ? 2.069   -25.824 14.865  1.00 17.01 ? 29   ALA A CA  1 
ATOM   250  C  C   . ALA A 1 29  ? 2.302   -25.442 13.408  1.00 22.00 ? 29   ALA A C   1 
ATOM   251  O  O   . ALA A 1 29  ? 3.418   -25.118 13.021  1.00 22.02 ? 29   ALA A O   1 
ATOM   252  C  CB  . ALA A 1 29  ? 2.028   -27.350 15.019  1.00 20.39 ? 29   ALA A CB  1 
ATOM   253  N  N   . GLU A 1 30  ? 1.245   -25.484 12.602  1.00 19.00 ? 30   GLU A N   1 
ATOM   254  C  CA  . GLU A 1 30  ? 1.337   -25.103 11.189  1.00 22.49 ? 30   GLU A CA  1 
ATOM   255  C  C   . GLU A 1 30  ? 1.747   -23.631 11.027  1.00 21.42 ? 30   GLU A C   1 
ATOM   256  O  O   . GLU A 1 30  ? 2.578   -23.280 10.174  1.00 19.77 ? 30   GLU A O   1 
ATOM   257  C  CB  . GLU A 1 30  ? -0.010  -25.365 10.512  1.00 17.68 ? 30   GLU A CB  1 
ATOM   258  C  CG  . GLU A 1 30  ? -0.237  -26.845 10.208  1.00 23.36 ? 30   GLU A CG  1 
ATOM   259  C  CD  . GLU A 1 30  ? -1.677  -27.196 9.860   1.00 37.31 ? 30   GLU A CD  1 
ATOM   260  O  OE1 . GLU A 1 30  ? -2.601  -26.360 10.048  1.00 25.85 ? 30   GLU A OE1 1 
ATOM   261  O  OE2 . GLU A 1 30  ? -1.885  -28.336 9.400   1.00 37.39 ? 30   GLU A OE2 1 
ATOM   262  N  N   . ASN A 1 31  ? 1.174   -22.777 11.865  1.00 17.31 ? 31   ASN A N   1 
ATOM   263  C  CA  . ASN A 1 31  ? 1.531   -21.343 11.854  1.00 15.44 ? 31   ASN A CA  1 
ATOM   264  C  C   . ASN A 1 31  ? 2.985   -21.115 12.209  1.00 19.93 ? 31   ASN A C   1 
ATOM   265  O  O   . ASN A 1 31  ? 3.675   -20.327 11.586  1.00 16.32 ? 31   ASN A O   1 
ATOM   266  C  CB  . ASN A 1 31  ? 0.664   -20.575 12.845  1.00 13.59 ? 31   ASN A CB  1 
ATOM   267  C  CG  . ASN A 1 31  ? -0.591  -20.063 12.213  1.00 23.45 ? 31   ASN A CG  1 
ATOM   268  O  OD1 . ASN A 1 31  ? -0.523  -19.327 11.230  1.00 16.38 ? 31   ASN A OD1 1 
ATOM   269  N  ND2 . ASN A 1 31  ? -1.751  -20.448 12.762  1.00 15.72 ? 31   ASN A ND2 1 
ATOM   270  N  N   . LYS A 1 32  ? 3.456   -21.826 13.223  1.00 19.95 ? 32   LYS A N   1 
ATOM   271  C  CA  . LYS A 1 32  ? 4.873   -21.769 13.565  1.00 18.63 ? 32   LYS A CA  1 
ATOM   272  C  C   . LYS A 1 32  ? 5.745   -22.242 12.402  1.00 15.62 ? 32   LYS A C   1 
ATOM   273  O  O   . LYS A 1 32  ? 6.762   -21.612 12.072  1.00 23.06 ? 32   LYS A O   1 
ATOM   274  C  CB  . LYS A 1 32  ? 5.131   -22.586 14.843  1.00 24.08 ? 32   LYS A CB  1 
ATOM   275  C  CG  . LYS A 1 32  ? 6.588   -22.580 15.353  1.00 33.85 ? 32   LYS A CG  1 
ATOM   276  C  CD  . LYS A 1 32  ? 7.244   -21.205 15.355  1.00 40.40 ? 32   LYS A CD  1 
ATOM   277  C  CE  . LYS A 1 32  ? 8.719   -21.301 15.766  1.00 68.15 ? 32   LYS A CE  1 
ATOM   278  N  NZ  . LYS A 1 32  ? 9.585   -20.231 15.170  1.00 54.87 ? 32   LYS A NZ  1 
ATOM   279  N  N   . GLU A 1 33  ? 5.338   -23.335 11.770  1.00 18.96 ? 33   GLU A N   1 
ATOM   280  C  CA  A GLU A 1 33  ? 6.105   -23.893 10.667  0.50 24.22 ? 33   GLU A CA  1 
ATOM   281  C  CA  B GLU A 1 33  ? 6.085   -23.923 10.647  0.50 23.11 ? 33   GLU A CA  1 
ATOM   282  C  C   . GLU A 1 33  ? 6.086   -23.011 9.414   1.00 25.85 ? 33   GLU A C   1 
ATOM   283  O  O   . GLU A 1 33  ? 7.114   -22.830 8.760   1.00 22.35 ? 33   GLU A O   1 
ATOM   284  C  CB  A GLU A 1 33  ? 5.612   -25.300 10.370  0.50 20.76 ? 33   GLU A CB  1 
ATOM   285  C  CB  B GLU A 1 33  ? 5.492   -25.284 10.277  0.50 21.67 ? 33   GLU A CB  1 
ATOM   286  C  CG  A GLU A 1 33  ? 6.038   -26.276 11.440  0.50 18.10 ? 33   GLU A CG  1 
ATOM   287  C  CG  B GLU A 1 33  ? 5.986   -25.853 8.938   0.50 19.07 ? 33   GLU A CG  1 
ATOM   288  C  CD  A GLU A 1 33  ? 5.031   -27.369 11.704  0.50 22.74 ? 33   GLU A CD  1 
ATOM   289  C  CD  B GLU A 1 33  ? 6.937   -27.017 9.110   0.50 17.54 ? 33   GLU A CD  1 
ATOM   290  O  OE1 A GLU A 1 33  ? 3.974   -27.428 11.038  0.50 35.75 ? 33   GLU A OE1 1 
ATOM   291  O  OE1 B GLU A 1 33  ? 7.002   -27.575 10.218  0.50 27.39 ? 33   GLU A OE1 1 
ATOM   292  O  OE2 A GLU A 1 33  ? 5.304   -28.175 12.600  0.50 8.19  ? 33   GLU A OE2 1 
ATOM   293  O  OE2 B GLU A 1 33  ? 7.606   -27.383 8.130   0.50 21.33 ? 33   GLU A OE2 1 
ATOM   294  N  N   . THR A 1 34  ? 4.926   -22.447 9.098   1.00 17.50 ? 34   THR A N   1 
ATOM   295  C  CA  . THR A 1 34  ? 4.767   -21.609 7.900   1.00 15.78 ? 34   THR A CA  1 
ATOM   296  C  C   . THR A 1 34  ? 5.468   -20.276 8.082   1.00 26.09 ? 34   THR A C   1 
ATOM   297  O  O   . THR A 1 34  ? 6.152   -19.796 7.176   1.00 21.08 ? 34   THR A O   1 
ATOM   298  C  CB  . THR A 1 34  ? 3.272   -21.408 7.589   1.00 22.54 ? 34   THR A CB  1 
ATOM   299  O  OG1 . THR A 1 34  ? 2.674   -22.694 7.354   1.00 21.67 ? 34   THR A OG1 1 
ATOM   300  C  CG2 . THR A 1 34  ? 3.048   -20.505 6.354   1.00 19.42 ? 34   THR A CG2 1 
ATOM   301  N  N   . PHE A 1 35  ? 5.338   -19.696 9.273   1.00 17.59 ? 35   PHE A N   1 
ATOM   302  C  CA  . PHE A 1 35  ? 5.691   -18.293 9.463   1.00 19.39 ? 35   PHE A CA  1 
ATOM   303  C  C   . PHE A 1 35  ? 6.981   -18.098 10.261  1.00 19.11 ? 35   PHE A C   1 
ATOM   304  O  O   . PHE A 1 35  ? 7.575   -17.018 10.236  1.00 18.18 ? 35   PHE A O   1 
ATOM   305  C  CB  . PHE A 1 35  ? 4.511   -17.539 10.078  1.00 15.98 ? 35   PHE A CB  1 
ATOM   306  C  CG  . PHE A 1 35  ? 3.332   -17.414 9.140   1.00 14.28 ? 35   PHE A CG  1 
ATOM   307  C  CD1 . PHE A 1 35  ? 3.491   -16.844 7.857   1.00 15.11 ? 35   PHE A CD1 1 
ATOM   308  C  CD2 . PHE A 1 35  ? 2.078   -17.878 9.511   1.00 19.75 ? 35   PHE A CD2 1 
ATOM   309  C  CE1 . PHE A 1 35  ? 2.416   -16.736 6.982   1.00 22.24 ? 35   PHE A CE1 1 
ATOM   310  C  CE2 . PHE A 1 35  ? 0.998   -17.769 8.636   1.00 20.41 ? 35   PHE A CE2 1 
ATOM   311  C  CZ  . PHE A 1 35  ? 1.176   -17.187 7.370   1.00 17.66 ? 35   PHE A CZ  1 
ATOM   312  N  N   . GLY A 1 36  ? 7.434   -19.158 10.933  1.00 21.22 ? 36   GLY A N   1 
ATOM   313  C  CA  . GLY A 1 36  ? 8.677   -19.112 11.715  1.00 18.62 ? 36   GLY A CA  1 
ATOM   314  C  C   . GLY A 1 36  ? 8.691   -17.998 12.755  1.00 15.95 ? 36   GLY A C   1 
ATOM   315  O  O   . GLY A 1 36  ? 7.703   -17.784 13.464  1.00 20.69 ? 36   GLY A O   1 
ATOM   316  N  N   . LYS A 1 37  ? 9.807   -17.269 12.829  1.00 20.18 ? 37   LYS A N   1 
ATOM   317  C  CA  . LYS A 1 37  ? 9.924   -16.159 13.783  1.00 21.08 ? 37   LYS A CA  1 
ATOM   318  C  C   . LYS A 1 37  ? 8.854   -15.074 13.554  1.00 20.71 ? 37   LYS A C   1 
ATOM   319  O  O   . LYS A 1 37  ? 8.501   -14.330 14.470  1.00 17.60 ? 37   LYS A O   1 
ATOM   320  C  CB  . LYS A 1 37  ? 11.316  -15.531 13.715  1.00 26.07 ? 37   LYS A CB  1 
ATOM   321  C  CG  . LYS A 1 37  ? 12.388  -16.338 14.441  1.00 35.88 ? 37   LYS A CG  1 
ATOM   322  C  CD  . LYS A 1 37  ? 13.718  -15.575 14.461  1.00 52.04 ? 37   LYS A CD  1 
ATOM   323  C  CE  . LYS A 1 37  ? 14.805  -16.352 15.198  1.00 50.27 ? 37   LYS A CE  1 
ATOM   324  N  NZ  . LYS A 1 37  ? 14.812  -16.045 16.654  1.00 87.86 ? 37   LYS A NZ  1 
ATOM   325  N  N   . CYS A 1 38  ? 8.328   -14.995 12.336  1.00 17.56 ? 38   CYS A N   1 
ATOM   326  C  CA  . CYS A 1 38  ? 7.248   -14.040 12.070  1.00 22.96 ? 38   CYS A CA  1 
ATOM   327  C  C   . CYS A 1 38  ? 5.952   -14.346 12.836  1.00 17.64 ? 38   CYS A C   1 
ATOM   328  O  O   . CYS A 1 38  ? 5.103   -13.468 13.005  1.00 17.28 ? 38   CYS A O   1 
ATOM   329  C  CB  . CYS A 1 38  ? 6.978   -13.913 10.580  1.00 19.69 ? 38   CYS A CB  1 
ATOM   330  S  SG  . CYS A 1 38  ? 8.358   -13.170 9.667   1.00 27.97 ? 38   CYS A SG  1 
ATOM   331  N  N   . ASN A 1 39  ? 5.842   -15.564 13.358  1.00 13.93 ? 39   ASN A N   1 
ATOM   332  C  CA  . ASN A 1 39  ? 4.698   -15.932 14.178  1.00 17.01 ? 39   ASN A CA  1 
ATOM   333  C  C   . ASN A 1 39  ? 4.894   -15.613 15.682  1.00 22.76 ? 39   ASN A C   1 
ATOM   334  O  O   . ASN A 1 39  ? 4.053   -15.972 16.513  1.00 19.51 ? 39   ASN A O   1 
ATOM   335  C  CB  . ASN A 1 39  ? 4.394   -17.430 13.945  1.00 19.94 ? 39   ASN A CB  1 
ATOM   336  C  CG  . ASN A 1 39  ? 3.134   -17.896 14.635  1.00 20.25 ? 39   ASN A CG  1 
ATOM   337  O  OD1 . ASN A 1 39  ? 3.198   -18.703 15.573  1.00 18.34 ? 39   ASN A OD1 1 
ATOM   338  N  ND2 . ASN A 1 39  ? 1.978   -17.414 14.173  1.00 18.25 ? 39   ASN A ND2 1 
ATOM   339  N  N   . ASN A 1 40  ? 5.989   -14.930 16.037  1.00 20.02 ? 40   ASN A N   1 
ATOM   340  C  CA  . ASN A 1 40  ? 6.261   -14.608 17.459  1.00 21.94 ? 40   ASN A CA  1 
ATOM   341  C  C   . ASN A 1 40  ? 4.985   -14.080 18.074  1.00 16.16 ? 40   ASN A C   1 
ATOM   342  O  O   . ASN A 1 40  ? 4.380   -13.143 17.538  1.00 20.48 ? 40   ASN A O   1 
ATOM   343  C  CB  . ASN A 1 40  ? 7.344   -13.501 17.606  1.00 31.91 ? 40   ASN A CB  1 
ATOM   344  C  CG  . ASN A 1 40  ? 7.556   -13.052 19.075  1.00 41.09 ? 40   ASN A CG  1 
ATOM   345  O  OD1 . ASN A 1 40  ? 7.954   -13.860 19.905  1.00 29.99 ? 40   ASN A OD1 1 
ATOM   346  N  ND2 . ASN A 1 40  ? 7.308   -11.758 19.385  1.00 17.76 ? 40   ASN A ND2 1 
ATOM   347  N  N   . SER A 1 41  ? 4.582   -14.653 19.206  1.00 22.97 ? 41   SER A N   1 
ATOM   348  C  CA  . SER A 1 41  ? 3.248   -14.384 19.728  1.00 19.53 ? 41   SER A CA  1 
ATOM   349  C  C   . SER A 1 41  ? 2.986   -12.928 20.063  1.00 17.24 ? 41   SER A C   1 
ATOM   350  O  O   . SER A 1 41  ? 1.857   -12.455 19.906  1.00 21.65 ? 41   SER A O   1 
ATOM   351  C  CB  . SER A 1 41  ? 2.901   -15.311 20.904  1.00 32.38 ? 41   SER A CB  1 
ATOM   352  O  OG  . SER A 1 41  ? 3.470   -14.847 22.107  1.00 39.86 ? 41   SER A OG  1 
ATOM   353  N  N   . ASN A 1 42  ? 4.008   -12.199 20.521  1.00 16.70 ? 42   ASN A N   1 
ATOM   354  C  CA  . ASN A 1 42  ? 3.795   -10.785 20.802  1.00 14.47 ? 42   ASN A CA  1 
ATOM   355  C  C   . ASN A 1 42  ? 4.102   -9.864  19.613  1.00 17.07 ? 42   ASN A C   1 
ATOM   356  O  O   . ASN A 1 42  ? 4.075   -8.635  19.746  1.00 16.35 ? 42   ASN A O   1 
ATOM   357  C  CB  . ASN A 1 42  ? 4.547   -10.333 22.057  1.00 15.14 ? 42   ASN A CB  1 
ATOM   358  C  CG  . ASN A 1 42  ? 3.981   -10.951 23.319  1.00 16.46 ? 42   ASN A CG  1 
ATOM   359  O  OD1 . ASN A 1 42  ? 2.773   -10.989 23.495  1.00 21.41 ? 42   ASN A OD1 1 
ATOM   360  N  ND2 . ASN A 1 42  ? 4.846   -11.439 24.187  1.00 17.12 ? 42   ASN A ND2 1 
ATOM   361  N  N   . GLY A 1 43  ? 4.392   -10.466 18.467  1.00 19.68 ? 43   GLY A N   1 
ATOM   362  C  CA  . GLY A 1 43  ? 4.528   -9.689  17.249  1.00 18.99 ? 43   GLY A CA  1 
ATOM   363  C  C   . GLY A 1 43  ? 5.927   -9.105  17.061  1.00 13.19 ? 43   GLY A C   1 
ATOM   364  O  O   . GLY A 1 43  ? 6.883   -9.390  17.823  1.00 15.20 ? 43   GLY A O   1 
ATOM   365  N  N   . HIS A 1 44  ? 6.045   -8.315  16.005  1.00 15.29 ? 44   HIS A N   1 
ATOM   366  C  CA  . HIS A 1 44  ? 7.275   -7.615  15.666  1.00 11.57 ? 44   HIS A CA  1 
ATOM   367  C  C   . HIS A 1 44  ? 6.764   -6.483  14.777  1.00 13.24 ? 44   HIS A C   1 
ATOM   368  O  O   . HIS A 1 44  ? 5.553   -6.194  14.783  1.00 13.82 ? 44   HIS A O   1 
ATOM   369  C  CB  . HIS A 1 44  ? 8.276   -8.536  14.931  1.00 12.41 ? 44   HIS A CB  1 
ATOM   370  C  CG  . HIS A 1 44  ? 7.777   -9.073  13.615  1.00 16.76 ? 44   HIS A CG  1 
ATOM   371  N  ND1 . HIS A 1 44  ? 6.841   -10.085 13.526  1.00 15.76 ? 44   HIS A ND1 1 
ATOM   372  C  CD2 . HIS A 1 44  ? 8.068   -8.721  12.335  1.00 17.20 ? 44   HIS A CD2 1 
ATOM   373  C  CE1 . HIS A 1 44  ? 6.577   -10.332 12.253  1.00 22.38 ? 44   HIS A CE1 1 
ATOM   374  N  NE2 . HIS A 1 44  ? 7.308   -9.518  11.511  1.00 22.04 ? 44   HIS A NE2 1 
ATOM   375  N  N   . GLY A 1 45  ? 7.655   -5.824  14.046  1.00 12.85 ? 45   GLY A N   1 
ATOM   376  C  CA  . GLY A 1 45  ? 7.230   -4.621  13.337  1.00 17.80 ? 45   GLY A CA  1 
ATOM   377  C  C   . GLY A 1 45  ? 8.165   -4.176  12.239  1.00 15.47 ? 45   GLY A C   1 
ATOM   378  O  O   . GLY A 1 45  ? 9.242   -4.739  12.066  1.00 13.58 ? 45   GLY A O   1 
ATOM   379  N  N   . HIS A 1 46  ? 7.734   -3.171  11.484  1.00 13.22 ? 46   HIS A N   1 
ATOM   380  C  CA  . HIS A 1 46  ? 8.504   -2.705  10.330  1.00 17.18 ? 46   HIS A CA  1 
ATOM   381  C  C   . HIS A 1 46  ? 8.245   -1.228  10.152  1.00 14.52 ? 46   HIS A C   1 
ATOM   382  O  O   . HIS A 1 46  ? 7.167   -0.740  10.505  1.00 13.67 ? 46   HIS A O   1 
ATOM   383  C  CB  . HIS A 1 46  ? 8.101   -3.436  9.026   1.00 14.46 ? 46   HIS A CB  1 
ATOM   384  C  CG  . HIS A 1 46  ? 8.293   -4.919  9.071   1.00 12.58 ? 46   HIS A CG  1 
ATOM   385  N  ND1 . HIS A 1 46  ? 9.538   -5.504  9.079   1.00 14.91 ? 46   HIS A ND1 1 
ATOM   386  C  CD2 . HIS A 1 46  ? 7.398   -5.934  9.137   1.00 11.04 ? 46   HIS A CD2 1 
ATOM   387  C  CE1 . HIS A 1 46  ? 9.404   -6.819  9.142   1.00 16.38 ? 46   HIS A CE1 1 
ATOM   388  N  NE2 . HIS A 1 46  ? 8.115   -7.104  9.176   1.00 13.87 ? 46   HIS A NE2 1 
ATOM   389  N  N   . ASN A 1 47  ? 9.223   -0.506  9.595   1.00 13.00 ? 47   ASN A N   1 
ATOM   390  C  CA  . ASN A 1 47  ? 8.910   0.726   8.869   1.00 12.25 ? 47   ASN A CA  1 
ATOM   391  C  C   . ASN A 1 47  ? 8.622   0.319   7.435   1.00 14.40 ? 47   ASN A C   1 
ATOM   392  O  O   . ASN A 1 47  ? 9.504   -0.170  6.745   1.00 17.40 ? 47   ASN A O   1 
ATOM   393  C  CB  . ASN A 1 47  ? 10.106  1.670   8.879   1.00 15.02 ? 47   ASN A CB  1 
ATOM   394  C  CG  . ASN A 1 47  ? 10.599  1.953   10.276  1.00 18.42 ? 47   ASN A CG  1 
ATOM   395  O  OD1 . ASN A 1 47  ? 9.828   2.337   11.158  1.00 14.84 ? 47   ASN A OD1 1 
ATOM   396  N  ND2 . ASN A 1 47  ? 11.899  1.779   10.478  1.00 13.70 ? 47   ASN A ND2 1 
ATOM   397  N  N   . TYR A 1 48  ? 7.369   0.455   7.016   1.00 12.24 ? 48   TYR A N   1 
ATOM   398  C  CA  . TYR A 1 48  ? 7.007   0.025   5.681   1.00 11.64 ? 48   TYR A CA  1 
ATOM   399  C  C   . TYR A 1 48  ? 7.188   1.237   4.762   1.00 16.52 ? 48   TYR A C   1 
ATOM   400  O  O   . TYR A 1 48  ? 6.696   2.315   5.072   1.00 19.55 ? 48   TYR A O   1 
ATOM   401  C  CB  . TYR A 1 48  ? 5.535   -0.394  5.670   1.00 11.59 ? 48   TYR A CB  1 
ATOM   402  C  CG  . TYR A 1 48  ? 5.211   -1.702  6.348   1.00 15.95 ? 48   TYR A CG  1 
ATOM   403  C  CD1 . TYR A 1 48  ? 5.246   -2.902  5.634   1.00 16.02 ? 48   TYR A CD1 1 
ATOM   404  C  CD2 . TYR A 1 48  ? 4.808   -1.737  7.692   1.00 11.77 ? 48   TYR A CD2 1 
ATOM   405  C  CE1 . TYR A 1 48  ? 4.913   -4.127  6.243   1.00 15.16 ? 48   TYR A CE1 1 
ATOM   406  C  CE2 . TYR A 1 48  ? 4.461   -2.945  8.300   1.00 13.75 ? 48   TYR A CE2 1 
ATOM   407  C  CZ  . TYR A 1 48  ? 4.529   -4.130  7.582   1.00 13.43 ? 48   TYR A CZ  1 
ATOM   408  O  OH  . TYR A 1 48  ? 4.189   -5.299  8.196   1.00 14.64 ? 48   TYR A OH  1 
ATOM   409  N  N   . VAL A 1 49  ? 7.895   1.065   3.651   1.00 12.17 ? 49   VAL A N   1 
ATOM   410  C  CA  . VAL A 1 49  ? 7.905   2.120   2.636   1.00 11.42 ? 49   VAL A CA  1 
ATOM   411  C  C   . VAL A 1 49  ? 6.730   1.864   1.667   1.00 13.45 ? 49   VAL A C   1 
ATOM   412  O  O   . VAL A 1 49  ? 6.566   0.747   1.164   1.00 15.39 ? 49   VAL A O   1 
ATOM   413  C  CB  . VAL A 1 49  ? 9.233   2.140   1.855   1.00 14.71 ? 49   VAL A CB  1 
ATOM   414  C  CG1 . VAL A 1 49  ? 9.198   3.223   0.792   1.00 15.69 ? 49   VAL A CG1 1 
ATOM   415  C  CG2 . VAL A 1 49  ? 10.420  2.407   2.816   1.00 13.20 ? 49   VAL A CG2 1 
ATOM   416  N  N   . TRP A 1 50  ? 5.937   2.888   1.412   1.00 11.43 ? 50   TRP A N   1 
ATOM   417  C  CA  . TRP A 1 50  ? 4.809   2.752   0.487   1.00 13.78 ? 50   TRP A CA  1 
ATOM   418  C  C   . TRP A 1 50  ? 5.073   3.622   -0.747  1.00 16.45 ? 50   TRP A C   1 
ATOM   419  O  O   . TRP A 1 50  ? 5.234   4.830   -0.620  1.00 14.05 ? 50   TRP A O   1 
ATOM   420  C  CB  . TRP A 1 50  ? 3.541   3.273   1.164   1.00 14.51 ? 50   TRP A CB  1 
ATOM   421  C  CG  . TRP A 1 50  ? 2.281   3.044   0.382   1.00 14.03 ? 50   TRP A CG  1 
ATOM   422  C  CD1 . TRP A 1 50  ? 2.034   2.037   -0.513  1.00 13.51 ? 50   TRP A CD1 1 
ATOM   423  C  CD2 . TRP A 1 50  ? 1.078   3.828   0.453   1.00 14.49 ? 50   TRP A CD2 1 
ATOM   424  N  NE1 . TRP A 1 50  ? 0.728   2.152   -1.010  1.00 12.31 ? 50   TRP A NE1 1 
ATOM   425  C  CE2 . TRP A 1 50  ? 0.125   3.230   -0.422  1.00 12.19 ? 50   TRP A CE2 1 
ATOM   426  C  CE3 . TRP A 1 50  ? 0.699   4.963   1.193   1.00 14.74 ? 50   TRP A CE3 1 
ATOM   427  C  CZ2 . TRP A 1 50  ? -1.182  3.746   -0.592  1.00 11.66 ? 50   TRP A CZ2 1 
ATOM   428  C  CZ3 . TRP A 1 50  ? -0.609  5.497   0.999   1.00 14.90 ? 50   TRP A CZ3 1 
ATOM   429  C  CH2 . TRP A 1 50  ? -1.526  4.870   0.126   1.00 13.53 ? 50   TRP A CH2 1 
ATOM   430  N  N   . LYS A 1 51  ? 5.124   3.036   -1.940  1.00 11.18 ? 51   LYS A N   1 
ATOM   431  C  CA  . LYS A 1 51  ? 5.240   3.911   -3.121  1.00 13.22 ? 51   LYS A CA  1 
ATOM   432  C  C   . LYS A 1 51  ? 3.980   3.774   -3.961  1.00 15.68 ? 51   LYS A C   1 
ATOM   433  O  O   . LYS A 1 51  ? 3.533   2.674   -4.222  1.00 14.46 ? 51   LYS A O   1 
ATOM   434  C  CB  . LYS A 1 51  ? 6.457   3.538   -3.969  1.00 14.22 ? 51   LYS A CB  1 
ATOM   435  C  CG  . LYS A 1 51  ? 7.751   3.338   -3.172  1.00 15.02 ? 51   LYS A CG  1 
ATOM   436  C  CD  . LYS A 1 51  ? 8.910   3.113   -4.124  1.00 23.25 ? 51   LYS A CD  1 
ATOM   437  C  CE  . LYS A 1 51  ? 10.229  2.974   -3.354  1.00 26.77 ? 51   LYS A CE  1 
ATOM   438  N  NZ  . LYS A 1 51  ? 11.359  2.668   -4.300  1.00 24.11 ? 51   LYS A NZ  1 
ATOM   439  N  N   . VAL A 1 52  ? 3.442   4.901   -4.390  1.00 11.44 ? 52   VAL A N   1 
ATOM   440  C  CA  . VAL A 1 52  ? 2.186   4.940   -5.138  1.00 17.41 ? 52   VAL A CA  1 
ATOM   441  C  C   . VAL A 1 52  ? 2.515   5.477   -6.516  1.00 12.87 ? 52   VAL A C   1 
ATOM   442  O  O   . VAL A 1 52  ? 2.965   6.620   -6.648  1.00 12.95 ? 52   VAL A O   1 
ATOM   443  C  CB  . VAL A 1 52  ? 1.167   5.873   -4.454  1.00 15.45 ? 52   VAL A CB  1 
ATOM   444  C  CG1 . VAL A 1 52  ? -0.039  6.155   -5.383  1.00 14.61 ? 52   VAL A CG1 1 
ATOM   445  C  CG2 . VAL A 1 52  ? 0.739   5.251   -3.135  1.00 13.66 ? 52   VAL A CG2 1 
ATOM   446  N  N   . LYS A 1 53  ? 2.308   4.636   -7.528  1.00 12.94 ? 53   LYS A N   1 
ATOM   447  C  CA  . LYS A 1 53  ? 2.683   4.981   -8.895  1.00 16.47 ? 53   LYS A CA  1 
ATOM   448  C  C   . LYS A 1 53  ? 1.434   5.150   -9.770  1.00 14.94 ? 53   LYS A C   1 
ATOM   449  O  O   . LYS A 1 53  ? 0.559   4.289   -9.805  1.00 12.60 ? 53   LYS A O   1 
ATOM   450  C  CB  . LYS A 1 53  ? 3.608   3.897   -9.478  1.00 16.57 ? 53   LYS A CB  1 
ATOM   451  C  CG  . LYS A 1 53  ? 4.238   4.228   -10.847 1.00 16.80 ? 53   LYS A CG  1 
ATOM   452  C  CD  . LYS A 1 53  ? 5.239   3.128   -11.195 1.00 18.25 ? 53   LYS A CD  1 
ATOM   453  C  CE  . LYS A 1 53  ? 5.960   3.409   -12.496 1.00 15.28 ? 53   LYS A CE  1 
ATOM   454  N  NZ  . LYS A 1 53  ? 7.201   2.592   -12.651 1.00 22.10 ? 53   LYS A NZ  1 
ATOM   455  N  N   . LEU A 1 54  ? 1.381   6.280   -10.460 1.00 16.41 ? 54   LEU A N   1 
ATOM   456  C  CA  . LEU A 1 54  ? 0.252   6.638   -11.313 1.00 16.74 ? 54   LEU A CA  1 
ATOM   457  C  C   . LEU A 1 54  ? 0.776   6.655   -12.741 1.00 15.60 ? 54   LEU A C   1 
ATOM   458  O  O   . LEU A 1 54  ? 1.973   6.873   -12.962 1.00 15.15 ? 54   LEU A O   1 
ATOM   459  C  CB  . LEU A 1 54  ? -0.243  8.039   -10.936 1.00 14.04 ? 54   LEU A CB  1 
ATOM   460  C  CG  . LEU A 1 54  ? -0.520  8.299   -9.442  1.00 16.19 ? 54   LEU A CG  1 
ATOM   461  C  CD1 . LEU A 1 54  ? -1.157  9.698   -9.302  1.00 20.52 ? 54   LEU A CD1 1 
ATOM   462  C  CD2 . LEU A 1 54  ? -1.448  7.234   -8.852  1.00 17.37 ? 54   LEU A CD2 1 
ATOM   463  N  N   . ARG A 1 55  ? -0.096  6.409   -13.713 1.00 14.27 ? 55   ARG A N   1 
ATOM   464  C  CA  . ARG A 1 55  ? 0.321   6.514   -15.114 1.00 15.30 ? 55   ARG A CA  1 
ATOM   465  C  C   . ARG A 1 55  ? -0.817  7.153   -15.914 1.00 15.49 ? 55   ARG A C   1 
ATOM   466  O  O   . ARG A 1 55  ? -1.991  6.788   -15.749 1.00 17.98 ? 55   ARG A O   1 
ATOM   467  C  CB  . ARG A 1 55  ? 0.631   5.117   -15.665 1.00 13.14 ? 55   ARG A CB  1 
ATOM   468  C  CG  . ARG A 1 55  ? 1.090   5.098   -17.112 1.00 14.53 ? 55   ARG A CG  1 
ATOM   469  C  CD  . ARG A 1 55  ? 1.453   3.676   -17.514 1.00 26.55 ? 55   ARG A CD  1 
ATOM   470  N  NE  . ARG A 1 55  ? 2.104   3.642   -18.815 1.00 40.11 ? 55   ARG A NE  1 
ATOM   471  C  CZ  . ARG A 1 55  ? 1.458   3.509   -19.969 1.00 59.94 ? 55   ARG A CZ  1 
ATOM   472  N  NH1 . ARG A 1 55  ? 0.137   3.406   -19.983 1.00 40.54 ? 55   ARG A NH1 1 
ATOM   473  N  NH2 . ARG A 1 55  ? 2.133   3.489   -21.112 1.00 46.37 ? 55   ARG A NH2 1 
ATOM   474  N  N   . GLY A 1 56  ? -0.491  8.106   -16.771 1.00 13.85 ? 56   GLY A N   1 
ATOM   475  C  CA  . GLY A 1 56  ? -1.555  8.790   -17.512 1.00 14.20 ? 56   GLY A CA  1 
ATOM   476  C  C   . GLY A 1 56  ? -0.995  9.857   -18.413 1.00 14.88 ? 56   GLY A C   1 
ATOM   477  O  O   . GLY A 1 56  ? 0.212   10.134  -18.397 1.00 15.23 ? 56   GLY A O   1 
ATOM   478  N  N   . GLU A 1 57  ? -1.875  10.449  -19.217 1.00 12.65 ? 57   GLU A N   1 
ATOM   479  C  CA  . GLU A 1 57  ? -1.473  11.572  -20.056 1.00 12.77 ? 57   GLU A CA  1 
ATOM   480  C  C   . GLU A 1 57  ? -1.048  12.785  -19.241 1.00 14.95 ? 57   GLU A C   1 
ATOM   481  O  O   . GLU A 1 57  ? -1.726  13.173  -18.271 1.00 15.54 ? 57   GLU A O   1 
ATOM   482  C  CB  . GLU A 1 57  ? -2.632  12.013  -20.949 1.00 17.73 ? 57   GLU A CB  1 
ATOM   483  C  CG  . GLU A 1 57  ? -2.965  11.041  -22.056 1.00 16.46 ? 57   GLU A CG  1 
ATOM   484  C  CD  . GLU A 1 57  ? -4.185  11.510  -22.813 1.00 23.53 ? 57   GLU A CD  1 
ATOM   485  O  OE1 . GLU A 1 57  ? -4.128  12.587  -23.440 1.00 23.37 ? 57   GLU A OE1 1 
ATOM   486  O  OE2 . GLU A 1 57  ? -5.204  10.806  -22.764 1.00 29.17 ? 57   GLU A OE2 1 
ATOM   487  N  N   . VAL A 1 58  ? 0.021   13.437  -19.693 1.00 11.79 ? 58   VAL A N   1 
ATOM   488  C  CA  A VAL A 1 58  ? 0.415   14.739  -19.150 0.50 13.06 ? 58   VAL A CA  1 
ATOM   489  C  CA  B VAL A 1 58  ? 0.400   14.735  -19.135 0.50 15.28 ? 58   VAL A CA  1 
ATOM   490  C  C   . VAL A 1 58  ? -0.634  15.797  -19.529 1.00 18.52 ? 58   VAL A C   1 
ATOM   491  O  O   . VAL A 1 58  ? -1.021  15.910  -20.685 1.00 17.39 ? 58   VAL A O   1 
ATOM   492  C  CB  A VAL A 1 58  ? 1.801   15.164  -19.689 0.50 9.17  ? 58   VAL A CB  1 
ATOM   493  C  CB  B VAL A 1 58  ? 1.837   15.165  -19.549 0.50 18.12 ? 58   VAL A CB  1 
ATOM   494  C  CG1 A VAL A 1 58  ? 2.217   16.528  -19.132 0.50 10.36 ? 58   VAL A CG1 1 
ATOM   495  C  CG1 B VAL A 1 58  ? 2.867   14.130  -19.094 0.50 18.87 ? 58   VAL A CG1 1 
ATOM   496  C  CG2 A VAL A 1 58  ? 2.863   14.090  -19.399 0.50 10.92 ? 58   VAL A CG2 1 
ATOM   497  C  CG2 B VAL A 1 58  ? 1.942   15.384  -21.056 0.50 23.19 ? 58   VAL A CG2 1 
ATOM   498  N  N   . ASP A 1 59  ? -1.112  16.563  -18.554 1.00 14.57 ? 59   ASP A N   1 
ATOM   499  C  CA  . ASP A 1 59  ? -2.042  17.648  -18.861 1.00 14.62 ? 59   ASP A CA  1 
ATOM   500  C  C   . ASP A 1 59  ? -1.291  18.799  -19.563 1.00 17.05 ? 59   ASP A C   1 
ATOM   501  O  O   . ASP A 1 59  ? -0.218  19.234  -19.110 1.00 16.95 ? 59   ASP A O   1 
ATOM   502  C  CB  . ASP A 1 59  ? -2.680  18.156  -17.563 1.00 20.48 ? 59   ASP A CB  1 
ATOM   503  C  CG  . ASP A 1 59  ? -3.770  19.170  -17.821 1.00 26.81 ? 59   ASP A CG  1 
ATOM   504  O  OD1 . ASP A 1 59  ? -4.911  18.750  -18.063 1.00 21.00 ? 59   ASP A OD1 1 
ATOM   505  O  OD2 . ASP A 1 59  ? -3.476  20.376  -17.820 1.00 19.36 ? 59   ASP A OD2 1 
ATOM   506  N  N   . PRO A 1 60  ? -1.856  19.315  -20.666 1.00 17.77 ? 60   PRO A N   1 
ATOM   507  C  CA  . PRO A 1 60  ? -1.126  20.344  -21.407 1.00 15.63 ? 60   PRO A CA  1 
ATOM   508  C  C   . PRO A 1 60  ? -1.013  21.654  -20.628 1.00 21.08 ? 60   PRO A C   1 
ATOM   509  O  O   . PRO A 1 60  ? -0.086  22.409  -20.867 1.00 17.80 ? 60   PRO A O   1 
ATOM   510  C  CB  . PRO A 1 60  ? -1.975  20.557  -22.683 1.00 19.61 ? 60   PRO A CB  1 
ATOM   511  C  CG  . PRO A 1 60  ? -3.341  20.071  -22.335 1.00 19.80 ? 60   PRO A CG  1 
ATOM   512  C  CD  . PRO A 1 60  ? -3.147  18.971  -21.300 1.00 18.73 ? 60   PRO A CD  1 
ATOM   513  N  N   . THR A 1 61  ? -1.947  21.927  -19.715 1.00 16.41 ? 61   THR A N   1 
ATOM   514  C  CA  . THR A 1 61  ? -1.911  23.191  -18.992 1.00 14.15 ? 61   THR A CA  1 
ATOM   515  C  C   . THR A 1 61  ? -1.062  23.129  -17.710 1.00 17.21 ? 61   THR A C   1 
ATOM   516  O  O   . THR A 1 61  ? -0.165  23.954  -17.503 1.00 19.00 ? 61   THR A O   1 
ATOM   517  C  CB  . THR A 1 61  ? -3.336  23.702  -18.691 1.00 21.39 ? 61   THR A CB  1 
ATOM   518  O  OG1 . THR A 1 61  ? -4.067  23.812  -19.926 1.00 20.16 ? 61   THR A OG1 1 
ATOM   519  C  CG2 . THR A 1 61  ? -3.285  25.080  -18.038 1.00 26.99 ? 61   THR A CG2 1 
ATOM   520  N  N   . SER A 1 62  ? -1.336  22.136  -16.870 1.00 15.68 ? 62   SER A N   1 
ATOM   521  C  CA  . SER A 1 62  ? -0.634  22.010  -15.605 1.00 15.22 ? 62   SER A CA  1 
ATOM   522  C  C   . SER A 1 62  ? 0.699   21.282  -15.750 1.00 19.22 ? 62   SER A C   1 
ATOM   523  O  O   . SER A 1 62  ? 1.543   21.379  -14.877 1.00 19.83 ? 62   SER A O   1 
ATOM   524  C  CB  . SER A 1 62  ? -1.493  21.271  -14.572 1.00 17.57 ? 62   SER A CB  1 
ATOM   525  O  OG  . SER A 1 62  ? -1.671  19.918  -14.950 1.00 16.59 ? 62   SER A OG  1 
ATOM   526  N  N   . GLY A 1 63  ? 0.871   20.529  -16.836 1.00 12.54 ? 63   GLY A N   1 
ATOM   527  C  CA  . GLY A 1 63  ? 2.069   19.684  -16.993 1.00 15.79 ? 63   GLY A CA  1 
ATOM   528  C  C   . GLY A 1 63  ? 2.149   18.479  -16.062 1.00 13.23 ? 63   GLY A C   1 
ATOM   529  O  O   . GLY A 1 63  ? 3.212   17.872  -15.927 1.00 14.03 ? 63   GLY A O   1 
ATOM   530  N  N   . MET A 1 64  ? 1.017   18.115  -15.456 1.00 15.80 ? 64   MET A N   1 
ATOM   531  C  CA  A MET A 1 64  ? 1.010   17.041  -14.464 0.50 11.02 ? 64   MET A CA  1 
ATOM   532  C  CA  B MET A 1 64  ? 0.954   17.068  -14.424 0.50 16.64 ? 64   MET A CA  1 
ATOM   533  C  C   . MET A 1 64  ? 0.169   15.847  -14.893 1.00 15.47 ? 64   MET A C   1 
ATOM   534  O  O   . MET A 1 64  ? -0.872  15.990  -15.544 1.00 16.96 ? 64   MET A O   1 
ATOM   535  C  CB  A MET A 1 64  ? 0.499   17.564  -13.127 0.50 25.31 ? 64   MET A CB  1 
ATOM   536  C  CB  B MET A 1 64  ? 0.234   17.610  -13.189 0.50 14.95 ? 64   MET A CB  1 
ATOM   537  C  CG  A MET A 1 64  ? 1.408   18.594  -12.508 0.50 10.09 ? 64   MET A CG  1 
ATOM   538  C  CG  B MET A 1 64  ? 0.804   18.895  -12.646 0.50 25.59 ? 64   MET A CG  1 
ATOM   539  S  SD  A MET A 1 64  ? 0.736   19.243  -10.963 0.50 46.36 ? 64   MET A SD  1 
ATOM   540  S  SD  B MET A 1 64  ? -0.214  19.485  -11.286 0.50 17.56 ? 64   MET A SD  1 
ATOM   541  C  CE  A MET A 1 64  ? -1.029  19.281  -11.298 0.50 17.44 ? 64   MET A CE  1 
ATOM   542  C  CE  B MET A 1 64  ? 0.651   20.981  -10.822 0.50 12.77 ? 64   MET A CE  1 
ATOM   543  N  N   . VAL A 1 65  ? 0.630   14.661  -14.513 1.00 17.19 ? 65   VAL A N   1 
ATOM   544  C  CA  . VAL A 1 65  ? -0.184  13.429  -14.617 1.00 15.86 ? 65   VAL A CA  1 
ATOM   545  C  C   . VAL A 1 65  ? -1.344  13.439  -13.593 1.00 15.90 ? 65   VAL A C   1 
ATOM   546  O  O   . VAL A 1 65  ? -2.453  12.920  -13.840 1.00 16.17 ? 65   VAL A O   1 
ATOM   547  C  CB  . VAL A 1 65  ? 0.717   12.177  -14.380 1.00 19.37 ? 65   VAL A CB  1 
ATOM   548  C  CG1 . VAL A 1 65  ? -0.131  10.947  -14.137 1.00 19.75 ? 65   VAL A CG1 1 
ATOM   549  C  CG2 . VAL A 1 65  ? 1.669   11.952  -15.564 1.00 21.55 ? 65   VAL A CG2 1 
ATOM   550  N  N   . TYR A 1 66  ? -1.090  14.059  -12.449 1.00 17.82 ? 66   TYR A N   1 
ATOM   551  C  CA  . TYR A 1 66  ? -2.053  14.109  -11.355 1.00 20.04 ? 66   TYR A CA  1 
ATOM   552  C  C   . TYR A 1 66  ? -1.615  15.232  -10.428 1.00 19.53 ? 66   TYR A C   1 
ATOM   553  O  O   . TYR A 1 66  ? -0.430  15.551  -10.326 1.00 25.35 ? 66   TYR A O   1 
ATOM   554  C  CB  . TYR A 1 66  ? -2.036  12.766  -10.587 1.00 16.96 ? 66   TYR A CB  1 
ATOM   555  C  CG  . TYR A 1 66  ? -3.238  12.425  -9.699  1.00 18.35 ? 66   TYR A CG  1 
ATOM   556  C  CD1 . TYR A 1 66  ? -4.378  11.824  -10.227 1.00 20.33 ? 66   TYR A CD1 1 
ATOM   557  C  CD2 . TYR A 1 66  ? -3.194  12.637  -8.320  1.00 21.07 ? 66   TYR A CD2 1 
ATOM   558  C  CE1 . TYR A 1 66  ? -5.466  11.460  -9.404  1.00 34.68 ? 66   TYR A CE1 1 
ATOM   559  C  CE2 . TYR A 1 66  ? -4.282  12.278  -7.483  1.00 19.73 ? 66   TYR A CE2 1 
ATOM   560  C  CZ  . TYR A 1 66  ? -5.408  11.696  -8.032  1.00 18.71 ? 66   TYR A CZ  1 
ATOM   561  O  OH  . TYR A 1 66  ? -6.469  11.332  -7.221  1.00 25.71 ? 66   TYR A OH  1 
ATOM   562  N  N   . ASP A 1 67  ? -2.578  15.807  -9.717  1.00 18.55 ? 67   ASP A N   1 
ATOM   563  C  CA  . ASP A 1 67  ? -2.273  16.857  -8.750  1.00 19.69 ? 67   ASP A CA  1 
ATOM   564  C  C   . ASP A 1 67  ? -1.615  16.273  -7.486  1.00 24.84 ? 67   ASP A C   1 
ATOM   565  O  O   . ASP A 1 67  ? -2.256  15.525  -6.750  1.00 24.04 ? 67   ASP A O   1 
ATOM   566  C  CB  . ASP A 1 67  ? -3.575  17.577  -8.405  1.00 26.48 ? 67   ASP A CB  1 
ATOM   567  C  CG  . ASP A 1 67  ? -3.396  18.632  -7.332  1.00 39.27 ? 67   ASP A CG  1 
ATOM   568  O  OD1 . ASP A 1 67  ? -2.493  19.471  -7.465  1.00 39.33 ? 67   ASP A OD1 1 
ATOM   569  O  OD2 . ASP A 1 67  ? -4.168  18.618  -6.357  1.00 53.07 ? 67   ASP A OD2 1 
ATOM   570  N  N   . LEU A 1 68  ? -0.344  16.591  -7.255  1.00 22.83 ? 68   LEU A N   1 
ATOM   571  C  CA  . LEU A 1 68  ? 0.385   16.003  -6.123  1.00 32.04 ? 68   LEU A CA  1 
ATOM   572  C  C   . LEU A 1 68  ? -0.241  16.384  -4.786  1.00 33.02 ? 68   LEU A C   1 
ATOM   573  O  O   . LEU A 1 68  ? -0.259  15.575  -3.852  1.00 25.12 ? 68   LEU A O   1 
ATOM   574  C  CB  . LEU A 1 68  ? 1.885   16.346  -6.147  1.00 22.38 ? 68   LEU A CB  1 
ATOM   575  C  CG  . LEU A 1 68  ? 2.710   15.867  -4.933  1.00 32.71 ? 68   LEU A CG  1 
ATOM   576  C  CD1 . LEU A 1 68  ? 2.709   14.350  -4.795  1.00 36.35 ? 68   LEU A CD1 1 
ATOM   577  C  CD2 . LEU A 1 68  ? 4.138   16.387  -4.935  1.00 30.75 ? 68   LEU A CD2 1 
ATOM   578  N  N   . ALA A 1 69  ? -0.764  17.606  -4.695  1.00 26.93 ? 69   ALA A N   1 
ATOM   579  C  CA  . ALA A 1 69  ? -1.419  18.050  -3.468  1.00 26.59 ? 69   ALA A CA  1 
ATOM   580  C  C   . ALA A 1 69  ? -2.609  17.151  -3.130  1.00 29.42 ? 69   ALA A C   1 
ATOM   581  O  O   . ALA A 1 69  ? -2.795  16.762  -1.970  1.00 28.46 ? 69   ALA A O   1 
ATOM   582  C  CB  . ALA A 1 69  ? -1.867  19.502  -3.592  1.00 35.59 ? 69   ALA A CB  1 
ATOM   583  N  N   . LYS A 1 70  ? -3.402  16.825  -4.152  1.00 22.63 ? 70   LYS A N   1 
ATOM   584  C  CA  . LYS A 1 70  ? -4.542  15.920  -4.019  1.00 18.70 ? 70   LYS A CA  1 
ATOM   585  C  C   . LYS A 1 70  ? -4.115  14.495  -3.656  1.00 25.11 ? 70   LYS A C   1 
ATOM   586  O  O   . LYS A 1 70  ? -4.717  13.865  -2.778  1.00 22.56 ? 70   LYS A O   1 
ATOM   587  C  CB  . LYS A 1 70  ? -5.341  15.875  -5.315  1.00 26.31 ? 70   LYS A CB  1 
ATOM   588  C  CG  . LYS A 1 70  ? -6.651  16.641  -5.276  1.00 62.25 ? 70   LYS A CG  1 
ATOM   589  C  CD  . LYS A 1 70  ? -7.275  16.749  -6.663  1.00 67.83 ? 70   LYS A CD  1 
ATOM   590  C  CE  . LYS A 1 70  ? -7.669  18.192  -6.999  1.00 71.33 ? 70   LYS A CE  1 
ATOM   591  N  NZ  . LYS A 1 70  ? -6.606  18.930  -7.763  1.00 41.11 ? 70   LYS A NZ  1 
ATOM   592  N  N   . LEU A 1 71  ? -3.092  13.990  -4.343  1.00 21.41 ? 71   LEU A N   1 
ATOM   593  C  CA  . LEU A 1 71  ? -2.546  12.656  -4.028  1.00 18.04 ? 71   LEU A CA  1 
ATOM   594  C  C   . LEU A 1 71  ? -2.065  12.610  -2.575  1.00 17.59 ? 71   LEU A C   1 
ATOM   595  O  O   . LEU A 1 71  ? -2.307  11.628  -1.872  1.00 18.86 ? 71   LEU A O   1 
ATOM   596  C  CB  . LEU A 1 71  ? -1.383  12.305  -4.969  1.00 20.47 ? 71   LEU A CB  1 
ATOM   597  C  CG  . LEU A 1 71  ? -0.854  10.863  -4.883  1.00 25.27 ? 71   LEU A CG  1 
ATOM   598  C  CD1 . LEU A 1 71  ? -1.989  9.874   -5.131  1.00 20.38 ? 71   LEU A CD1 1 
ATOM   599  C  CD2 . LEU A 1 71  ? 0.318   10.602  -5.842  1.00 19.13 ? 71   LEU A CD2 1 
ATOM   600  N  N   . LYS A 1 72  ? -1.374  13.660  -2.127  1.00 16.88 ? 72   LYS A N   1 
ATOM   601  C  CA  A LYS A 1 72  ? -0.871  13.681  -0.753  0.50 21.84 ? 72   LYS A CA  1 
ATOM   602  C  CA  B LYS A 1 72  ? -0.871  13.713  -0.748  0.50 25.51 ? 72   LYS A CA  1 
ATOM   603  C  C   . LYS A 1 72  ? -1.990  13.497  0.265   1.00 26.91 ? 72   LYS A C   1 
ATOM   604  O  O   . LYS A 1 72  ? -1.835  12.720  1.214   1.00 21.43 ? 72   LYS A O   1 
ATOM   605  C  CB  A LYS A 1 72  ? -0.050  14.943  -0.478  0.50 21.23 ? 72   LYS A CB  1 
ATOM   606  C  CB  B LYS A 1 72  ? -0.144  15.036  -0.480  0.50 27.76 ? 72   LYS A CB  1 
ATOM   607  C  CG  A LYS A 1 72  ? 1.362   14.859  -1.013  0.50 17.94 ? 72   LYS A CG  1 
ATOM   608  C  CG  B LYS A 1 72  ? 1.294   15.052  -0.955  0.50 34.04 ? 72   LYS A CG  1 
ATOM   609  C  CD  A LYS A 1 72  ? 2.066   16.211  -0.944  0.50 42.81 ? 72   LYS A CD  1 
ATOM   610  C  CD  B LYS A 1 72  ? 1.942   16.421  -0.771  0.50 35.77 ? 72   LYS A CD  1 
ATOM   611  C  CE  A LYS A 1 72  ? 2.290   16.650  0.494   0.50 39.57 ? 72   LYS A CE  1 
ATOM   612  C  CE  B LYS A 1 72  ? 3.413   16.374  -1.151  0.50 36.07 ? 72   LYS A CE  1 
ATOM   613  N  NZ  A LYS A 1 72  ? 2.622   18.100  0.593   0.50 46.16 ? 72   LYS A NZ  1 
ATOM   614  N  NZ  B LYS A 1 72  ? 4.016   17.726  -1.349  0.50 27.79 ? 72   LYS A NZ  1 
ATOM   615  N  N   . LYS A 1 73  ? -3.114  14.187  0.040   1.00 22.84 ? 73   LYS A N   1 
ATOM   616  C  CA  A LYS A 1 73  ? -4.285  14.091  0.915   0.50 23.37 ? 73   LYS A CA  1 
ATOM   617  C  CA  B LYS A 1 73  ? -4.325  14.105  0.881   0.50 24.43 ? 73   LYS A CA  1 
ATOM   618  C  C   . LYS A 1 73  ? -4.914  12.699  0.904   1.00 24.20 ? 73   LYS A C   1 
ATOM   619  O  O   . LYS A 1 73  ? -5.275  12.162  1.968   1.00 18.51 ? 73   LYS A O   1 
ATOM   620  C  CB  A LYS A 1 73  ? -5.327  15.154  0.537   0.50 20.76 ? 73   LYS A CB  1 
ATOM   621  C  CB  B LYS A 1 73  ? -5.385  15.081  0.341   0.50 27.51 ? 73   LYS A CB  1 
ATOM   622  C  CG  A LYS A 1 73  ? -5.031  16.546  1.082   0.50 20.29 ? 73   LYS A CG  1 
ATOM   623  C  CG  B LYS A 1 73  ? -6.653  15.232  1.188   0.50 28.62 ? 73   LYS A CG  1 
ATOM   624  C  CD  A LYS A 1 73  ? -6.164  17.524  0.766   0.50 26.27 ? 73   LYS A CD  1 
ATOM   625  C  CD  B LYS A 1 73  ? -7.522  13.968  1.233   0.50 48.14 ? 73   LYS A CD  1 
ATOM   626  C  CE  A LYS A 1 73  ? -7.527  16.847  0.826   0.50 27.27 ? 73   LYS A CE  1 
ATOM   627  C  CE  B LYS A 1 73  ? -8.332  13.771  -0.037  0.50 18.40 ? 73   LYS A CE  1 
ATOM   628  N  NZ  A LYS A 1 73  ? -8.641  17.834  0.762   0.50 56.43 ? 73   LYS A NZ  1 
ATOM   629  N  NZ  B LYS A 1 73  ? -9.117  12.505  -0.030  0.50 30.15 ? 73   LYS A NZ  1 
ATOM   630  N  N   . GLU A 1 74  ? -5.039  12.113  -0.287  1.00 17.03 ? 74   GLU A N   1 
ATOM   631  C  CA  . GLU A 1 74  ? -5.631  10.804  -0.455  1.00 21.64 ? 74   GLU A CA  1 
ATOM   632  C  C   . GLU A 1 74  ? -4.727  9.753   0.178   1.00 19.68 ? 74   GLU A C   1 
ATOM   633  O  O   . GLU A 1 74  ? -5.215  8.870   0.878   1.00 18.87 ? 74   GLU A O   1 
ATOM   634  C  CB  . GLU A 1 74  ? -5.860  10.503  -1.939  1.00 19.94 ? 74   GLU A CB  1 
ATOM   635  C  CG  . GLU A 1 74  ? -7.009  11.327  -2.514  1.00 22.57 ? 74   GLU A CG  1 
ATOM   636  C  CD  . GLU A 1 74  ? -6.890  11.607  -4.012  1.00 33.33 ? 74   GLU A CD  1 
ATOM   637  O  OE1 . GLU A 1 74  ? -5.952  11.117  -4.679  1.00 22.09 ? 74   GLU A OE1 1 
ATOM   638  O  OE2 . GLU A 1 74  ? -7.755  12.333  -4.526  1.00 28.74 ? 74   GLU A OE2 1 
ATOM   639  N  N   . MET A 1 75  ? -3.421  9.849   -0.071  1.00 16.65 ? 75   MET A N   1 
ATOM   640  C  CA  . MET A 1 75  ? -2.474  8.914   0.555   1.00 14.97 ? 75   MET A CA  1 
ATOM   641  C  C   . MET A 1 75  ? -2.489  9.037   2.091   1.00 24.55 ? 75   MET A C   1 
ATOM   642  O  O   . MET A 1 75  ? -2.390  8.031   2.793   1.00 19.68 ? 75   MET A O   1 
ATOM   643  C  CB  . MET A 1 75  ? -1.060  9.116   0.010   1.00 18.80 ? 75   MET A CB  1 
ATOM   644  C  CG  . MET A 1 75  ? -0.903  8.574   -1.412  1.00 18.97 ? 75   MET A CG  1 
ATOM   645  S  SD  . MET A 1 75  ? 0.736   8.867   -2.102  1.00 19.12 ? 75   MET A SD  1 
ATOM   646  C  CE  . MET A 1 75  ? 1.810   7.916   -0.997  1.00 18.60 ? 75   MET A CE  1 
ATOM   647  N  N   . SER A 1 76  ? -2.616  10.261  2.602   1.00 19.01 ? 76   SER A N   1 
ATOM   648  C  CA  A SER A 1 76  ? -2.714  10.492  4.052   0.50 16.58 ? 76   SER A CA  1 
ATOM   649  C  CA  B SER A 1 76  ? -2.702  10.474  4.045   0.50 18.52 ? 76   SER A CA  1 
ATOM   650  C  C   . SER A 1 76  ? -3.888  9.734   4.662   1.00 19.23 ? 76   SER A C   1 
ATOM   651  O  O   . SER A 1 76  ? -3.773  9.145   5.740   1.00 18.88 ? 76   SER A O   1 
ATOM   652  C  CB  A SER A 1 76  ? -2.840  11.988  4.370   0.50 20.06 ? 76   SER A CB  1 
ATOM   653  C  CB  B SER A 1 76  ? -2.759  11.969  4.363   0.50 25.62 ? 76   SER A CB  1 
ATOM   654  O  OG  A SER A 1 76  ? -2.564  12.239  5.743   0.50 18.30 ? 76   SER A OG  1 
ATOM   655  O  OG  B SER A 1 76  ? -1.455  12.527  4.324   0.50 22.72 ? 76   SER A OG  1 
ATOM   656  N  N   . LEU A 1 77  ? -5.020  9.748   3.971   1.00 19.98 ? 77   LEU A N   1 
ATOM   657  C  CA  . LEU A 1 77  ? -6.222  9.056   4.432   1.00 18.72 ? 77   LEU A CA  1 
ATOM   658  C  C   . LEU A 1 77  ? -5.973  7.562   4.598   1.00 25.52 ? 77   LEU A C   1 
ATOM   659  O  O   . LEU A 1 77  ? -6.394  6.949   5.593   1.00 19.68 ? 77   LEU A O   1 
ATOM   660  C  CB  . LEU A 1 77  ? -7.360  9.281   3.450   1.00 23.51 ? 77   LEU A CB  1 
ATOM   661  C  CG  . LEU A 1 77  ? -8.049  10.636  3.521   1.00 25.53 ? 77   LEU A CG  1 
ATOM   662  C  CD1 . LEU A 1 77  ? -9.126  10.679  2.462   1.00 23.34 ? 77   LEU A CD1 1 
ATOM   663  C  CD2 . LEU A 1 77  ? -8.650  10.865  4.929   1.00 30.59 ? 77   LEU A CD2 1 
ATOM   664  N  N   . VAL A 1 78  ? -5.250  6.979   3.644   1.00 18.33 ? 78   VAL A N   1 
ATOM   665  C  CA  . VAL A 1 78  ? -4.896  5.570   3.729   1.00 17.96 ? 78   VAL A CA  1 
ATOM   666  C  C   . VAL A 1 78  ? -3.880  5.337   4.862   1.00 18.74 ? 78   VAL A C   1 
ATOM   667  O  O   . VAL A 1 78  ? -4.015  4.391   5.648   1.00 18.27 ? 78   VAL A O   1 
ATOM   668  C  CB  . VAL A 1 78  ? -4.329  5.043   2.377   1.00 19.11 ? 78   VAL A CB  1 
ATOM   669  C  CG1 . VAL A 1 78  ? -4.053  3.555   2.444   1.00 16.80 ? 78   VAL A CG1 1 
ATOM   670  C  CG2 . VAL A 1 78  ? -5.296  5.368   1.209   1.00 20.57 ? 78   VAL A CG2 1 
ATOM   671  N  N   . LEU A 1 79  ? -2.860  6.191   4.930   1.00 19.15 ? 79   LEU A N   1 
ATOM   672  C  CA  . LEU A 1 79  ? -1.787  6.028   5.910   1.00 16.69 ? 79   LEU A CA  1 
ATOM   673  C  C   . LEU A 1 79  ? -2.324  6.144   7.344   1.00 21.89 ? 79   LEU A C   1 
ATOM   674  O  O   . LEU A 1 79  ? -1.813  5.512   8.264   1.00 18.01 ? 79   LEU A O   1 
ATOM   675  C  CB  . LEU A 1 79  ? -0.677  7.050   5.656   1.00 16.96 ? 79   LEU A CB  1 
ATOM   676  C  CG  . LEU A 1 79  ? 0.230   6.706   4.465   1.00 14.59 ? 79   LEU A CG  1 
ATOM   677  C  CD1 . LEU A 1 79  ? 1.020   7.974   4.077   1.00 23.70 ? 79   LEU A CD1 1 
ATOM   678  C  CD2 . LEU A 1 79  ? 1.171   5.555   4.811   1.00 16.06 ? 79   LEU A CD2 1 
ATOM   679  N  N   . ASP A 1 80  ? -3.375  6.938   7.521   1.00 19.08 ? 80   ASP A N   1 
ATOM   680  C  CA  . ASP A 1 80  ? -3.980  7.129   8.846   1.00 15.80 ? 80   ASP A CA  1 
ATOM   681  C  C   . ASP A 1 80  ? -4.490  5.800   9.409   1.00 23.00 ? 80   ASP A C   1 
ATOM   682  O  O   . ASP A 1 80  ? -4.521  5.600   10.626  1.00 19.92 ? 80   ASP A O   1 
ATOM   683  C  CB  . ASP A 1 80  ? -5.176  8.084   8.738   1.00 16.25 ? 80   ASP A CB  1 
ATOM   684  C  CG  . ASP A 1 80  ? -4.771  9.544   8.725   1.00 23.99 ? 80   ASP A CG  1 
ATOM   685  O  OD1 . ASP A 1 80  ? -3.588  9.868   8.962   1.00 24.67 ? 80   ASP A OD1 1 
ATOM   686  O  OD2 . ASP A 1 80  ? -5.660  10.376  8.445   1.00 34.44 ? 80   ASP A OD2 1 
ATOM   687  N  N   . THR A 1 81  ? -4.917  4.912   8.514   1.00 15.55 ? 81   THR A N   1 
ATOM   688  C  CA  . THR A 1 81  ? -5.432  3.599   8.905   1.00 18.27 ? 81   THR A CA  1 
ATOM   689  C  C   . THR A 1 81  ? -4.375  2.624   9.452   1.00 23.54 ? 81   THR A C   1 
ATOM   690  O  O   . THR A 1 81  ? -4.718  1.655   10.141  1.00 17.23 ? 81   THR A O   1 
ATOM   691  C  CB  . THR A 1 81  ? -6.209  2.899   7.764   1.00 17.94 ? 81   THR A CB  1 
ATOM   692  O  OG1 . THR A 1 81  ? -5.317  2.360   6.763   1.00 17.51 ? 81   THR A OG1 1 
ATOM   693  C  CG2 . THR A 1 81  ? -7.247  3.842   7.122   1.00 20.61 ? 81   THR A CG2 1 
ATOM   694  N  N   . VAL A 1 82  ? -3.110  2.858   9.112   1.00 17.16 ? 82   VAL A N   1 
ATOM   695  C  CA  . VAL A 1 82  ? -2.047  1.891   9.414   1.00 16.26 ? 82   VAL A CA  1 
ATOM   696  C  C   . VAL A 1 82  ? -0.859  2.482   10.195  1.00 19.44 ? 82   VAL A C   1 
ATOM   697  O  O   . VAL A 1 82  ? -0.128  1.762   10.875  1.00 17.63 ? 82   VAL A O   1 
ATOM   698  C  CB  . VAL A 1 82  ? -1.528  1.194   8.128   1.00 16.79 ? 82   VAL A CB  1 
ATOM   699  C  CG1 . VAL A 1 82  ? -2.625  0.343   7.510   1.00 16.19 ? 82   VAL A CG1 1 
ATOM   700  C  CG2 . VAL A 1 82  ? -1.043  2.235   7.095   1.00 16.28 ? 82   VAL A CG2 1 
ATOM   701  N  N   . ASP A 1 83  ? -0.649  3.788   10.118  1.00 17.47 ? 83   ASP A N   1 
ATOM   702  C  CA  . ASP A 1 83  ? 0.532   4.313   10.759  1.00 20.48 ? 83   ASP A CA  1 
ATOM   703  C  C   . ASP A 1 83  ? 0.475   4.281   12.295  1.00 16.80 ? 83   ASP A C   1 
ATOM   704  O  O   . ASP A 1 83  ? -0.529  4.681   12.892  1.00 19.51 ? 83   ASP A O   1 
ATOM   705  C  CB  . ASP A 1 83  ? 0.870   5.717   10.289  1.00 23.18 ? 83   ASP A CB  1 
ATOM   706  C  CG  . ASP A 1 83  ? 2.142   6.211   10.918  1.00 27.02 ? 83   ASP A CG  1 
ATOM   707  O  OD1 . ASP A 1 83  ? 3.188   5.553   10.734  1.00 18.14 ? 83   ASP A OD1 1 
ATOM   708  O  OD2 . ASP A 1 83  ? 2.087   7.212   11.660  1.00 43.21 ? 83   ASP A OD2 1 
ATOM   709  N  N   . HIS A 1 84  ? 1.572   3.848   12.916  1.00 15.20 ? 84   HIS A N   1 
ATOM   710  C  CA  . HIS A 1 84  ? 1.619   3.672   14.380  1.00 17.98 ? 84   HIS A CA  1 
ATOM   711  C  C   . HIS A 1 84  ? 0.496   2.788   14.940  1.00 18.18 ? 84   HIS A C   1 
ATOM   712  O  O   . HIS A 1 84  ? 0.019   2.980   16.060  1.00 17.33 ? 84   HIS A O   1 
ATOM   713  C  CB  . HIS A 1 84  ? 1.693   5.028   15.071  1.00 17.35 ? 84   HIS A CB  1 
ATOM   714  C  CG  . HIS A 1 84  ? 3.058   5.635   14.996  1.00 29.01 ? 84   HIS A CG  1 
ATOM   715  N  ND1 . HIS A 1 84  ? 3.512   6.306   13.881  1.00 27.87 ? 84   HIS A ND1 1 
ATOM   716  C  CD2 . HIS A 1 84  ? 4.103   5.592   15.858  1.00 37.33 ? 84   HIS A CD2 1 
ATOM   717  C  CE1 . HIS A 1 84  ? 4.761   6.690   14.075  1.00 32.43 ? 84   HIS A CE1 1 
ATOM   718  N  NE2 . HIS A 1 84  ? 5.144   6.268   15.268  1.00 31.94 ? 84   HIS A NE2 1 
ATOM   719  N  N   . ARG A 1 85  ? 0.112   1.793   14.151  1.00 17.98 ? 85   ARG A N   1 
ATOM   720  C  CA  . ARG A 1 85  ? -0.905  0.838   14.536  1.00 14.61 ? 85   ARG A CA  1 
ATOM   721  C  C   . ARG A 1 85  ? -0.374  -0.595  14.518  1.00 17.67 ? 85   ARG A C   1 
ATOM   722  O  O   . ARG A 1 85  ? 0.726   -0.877  14.025  1.00 15.20 ? 85   ARG A O   1 
ATOM   723  C  CB  . ARG A 1 85  ? -2.108  0.947   13.590  1.00 18.79 ? 85   ARG A CB  1 
ATOM   724  C  CG  . ARG A 1 85  ? -2.689  2.372   13.517  1.00 22.82 ? 85   ARG A CG  1 
ATOM   725  C  CD  . ARG A 1 85  ? -4.202  2.316   13.467  1.00 44.59 ? 85   ARG A CD  1 
ATOM   726  N  NE  . ARG A 1 85  ? -4.792  3.577   13.028  1.00 81.34 ? 85   ARG A NE  1 
ATOM   727  C  CZ  . ARG A 1 85  ? -5.325  4.477   13.848  1.00 97.88 ? 85   ARG A CZ  1 
ATOM   728  N  NH1 . ARG A 1 85  ? -5.341  4.263   15.157  1.00 95.32 ? 85   ARG A NH1 1 
ATOM   729  N  NH2 . ARG A 1 85  ? -5.844  5.595   13.357  1.00 91.63 ? 85   ARG A NH2 1 
ATOM   730  N  N   . ASN A 1 86  ? -1.183  -1.492  15.061  1.00 16.59 ? 86   ASN A N   1 
ATOM   731  C  CA  . ASN A 1 86  ? -0.963  -2.921  14.946  1.00 14.72 ? 86   ASN A CA  1 
ATOM   732  C  C   . ASN A 1 86  ? -1.909  -3.464  13.852  1.00 17.27 ? 86   ASN A C   1 
ATOM   733  O  O   . ASN A 1 86  ? -3.148  -3.409  13.995  1.00 15.76 ? 86   ASN A O   1 
ATOM   734  C  CB  . ASN A 1 86  ? -1.276  -3.559  16.305  1.00 13.61 ? 86   ASN A CB  1 
ATOM   735  C  CG  . ASN A 1 86  ? -1.045  -5.048  16.314  1.00 16.71 ? 86   ASN A CG  1 
ATOM   736  O  OD1 . ASN A 1 86  ? -1.515  -5.756  15.427  1.00 17.38 ? 86   ASN A OD1 1 
ATOM   737  N  ND2 . ASN A 1 86  ? -0.340  -5.541  17.329  1.00 17.81 ? 86   ASN A ND2 1 
ATOM   738  N  N   . LEU A 1 87  ? -1.336  -3.951  12.749  1.00 14.92 ? 87   LEU A N   1 
ATOM   739  C  CA  . LEU A 1 87  ? -2.148  -4.295  11.572  1.00 12.69 ? 87   LEU A CA  1 
ATOM   740  C  C   . LEU A 1 87  ? -3.254  -5.304  11.910  1.00 18.05 ? 87   LEU A C   1 
ATOM   741  O  O   . LEU A 1 87  ? -4.410  -5.113  11.548  1.00 14.11 ? 87   LEU A O   1 
ATOM   742  C  CB  . LEU A 1 87  ? -1.279  -4.807  10.426  1.00 11.75 ? 87   LEU A CB  1 
ATOM   743  C  CG  . LEU A 1 87  ? -0.178  -3.866  9.906   1.00 13.22 ? 87   LEU A CG  1 
ATOM   744  C  CD1 . LEU A 1 87  ? 0.491   -4.506  8.664   1.00 15.09 ? 87   LEU A CD1 1 
ATOM   745  C  CD2 . LEU A 1 87  ? -0.787  -2.530  9.546   1.00 16.00 ? 87   LEU A CD2 1 
ATOM   746  N  N   . ASP A 1 88  ? -2.889  -6.360  12.623  1.00 10.17 ? 88   ASP A N   1 
ATOM   747  C  CA  . ASP A 1 88  ? -3.806  -7.471  12.871  1.00 13.29 ? 88   ASP A CA  1 
ATOM   748  C  C   . ASP A 1 88  ? -4.882  -7.133  13.890  1.00 15.45 ? 88   ASP A C   1 
ATOM   749  O  O   . ASP A 1 88  ? -5.968  -7.702  13.841  1.00 16.66 ? 88   ASP A O   1 
ATOM   750  C  CB  . ASP A 1 88  ? -3.019  -8.690  13.333  1.00 14.31 ? 88   ASP A CB  1 
ATOM   751  C  CG  . ASP A 1 88  ? -1.809  -8.930  12.472  1.00 15.49 ? 88   ASP A CG  1 
ATOM   752  O  OD1 . ASP A 1 88  ? -1.964  -9.342  11.305  1.00 13.16 ? 88   ASP A OD1 1 
ATOM   753  O  OD2 . ASP A 1 88  ? -0.703  -8.657  12.953  1.00 15.92 ? 88   ASP A OD2 1 
ATOM   754  N  N   . LYS A 1 89  ? -4.569  -6.224  14.811  1.00 17.02 ? 89   LYS A N   1 
ATOM   755  C  CA  . LYS A 1 89  ? -5.475  -5.888  15.907  1.00 19.19 ? 89   LYS A CA  1 
ATOM   756  C  C   . LYS A 1 89  ? -6.264  -4.598  15.714  1.00 23.54 ? 89   LYS A C   1 
ATOM   757  O  O   . LYS A 1 89  ? -7.367  -4.440  16.251  1.00 20.94 ? 89   LYS A O   1 
ATOM   758  C  CB  . LYS A 1 89  ? -4.720  -5.844  17.238  1.00 21.52 ? 89   LYS A CB  1 
ATOM   759  C  CG  . LYS A 1 89  ? -4.119  -7.207  17.602  1.00 21.40 ? 89   LYS A CG  1 
ATOM   760  C  CD  . LYS A 1 89  ? -3.417  -7.158  18.926  1.00 27.09 ? 89   LYS A CD  1 
ATOM   761  C  CE  . LYS A 1 89  ? -2.683  -8.466  19.184  1.00 29.18 ? 89   LYS A CE  1 
ATOM   762  N  NZ  . LYS A 1 89  ? -2.093  -8.484  20.549  1.00 37.74 ? 89   LYS A NZ  1 
ATOM   763  N  N   . ASP A 1 90  ? -5.700  -3.661  14.971  1.00 17.16 ? 90   ASP A N   1 
ATOM   764  C  CA  . ASP A 1 90  ? -6.305  -2.321  14.828  1.00 20.46 ? 90   ASP A CA  1 
ATOM   765  C  C   . ASP A 1 90  ? -6.972  -2.076  13.477  1.00 20.12 ? 90   ASP A C   1 
ATOM   766  O  O   . ASP A 1 90  ? -7.706  -1.086  13.295  1.00 22.99 ? 90   ASP A O   1 
ATOM   767  C  CB  . ASP A 1 90  ? -5.241  -1.233  15.012  1.00 18.80 ? 90   ASP A CB  1 
ATOM   768  C  CG  . ASP A 1 90  ? -4.638  -1.236  16.396  1.00 25.57 ? 90   ASP A CG  1 
ATOM   769  O  OD1 . ASP A 1 90  ? -5.356  -1.570  17.363  1.00 21.16 ? 90   ASP A OD1 1 
ATOM   770  O  OD2 . ASP A 1 90  ? -3.431  -0.921  16.508  1.00 18.53 ? 90   ASP A OD2 1 
ATOM   771  N  N   . VAL A 1 91  ? -6.668  -2.925  12.507  1.00 17.56 ? 91   VAL A N   1 
ATOM   772  C  CA  . VAL A 1 91  ? -7.160  -2.736  11.160  1.00 16.08 ? 91   VAL A CA  1 
ATOM   773  C  C   . VAL A 1 91  ? -8.093  -3.895  10.799  1.00 15.21 ? 91   VAL A C   1 
ATOM   774  O  O   . VAL A 1 91  ? -7.687  -5.060  10.748  1.00 15.11 ? 91   VAL A O   1 
ATOM   775  C  CB  . VAL A 1 91  ? -5.995  -2.601  10.120  1.00 20.56 ? 91   VAL A CB  1 
ATOM   776  C  CG1 . VAL A 1 91  ? -6.539  -2.244  8.724   1.00 18.35 ? 91   VAL A CG1 1 
ATOM   777  C  CG2 . VAL A 1 91  ? -5.002  -1.525  10.581  1.00 18.87 ? 91   VAL A CG2 1 
ATOM   778  N  N   . GLU A 1 92  ? -9.360  -3.559  10.568  1.00 18.64 ? 92   GLU A N   1 
ATOM   779  C  CA  . GLU A 1 92  ? -10.376 -4.580  10.450  1.00 17.44 ? 92   GLU A CA  1 
ATOM   780  C  C   . GLU A 1 92  ? -10.016 -5.590  9.371   1.00 14.46 ? 92   GLU A C   1 
ATOM   781  O  O   . GLU A 1 92  ? -10.187 -6.810  9.558   1.00 16.29 ? 92   GLU A O   1 
ATOM   782  C  CB  . GLU A 1 92  ? -11.747 -3.965  10.188  1.00 18.22 ? 92   GLU A CB  1 
ATOM   783  C  CG  . GLU A 1 92  ? -12.873 -4.952  10.324  1.00 28.09 ? 92   GLU A CG  1 
ATOM   784  C  CD  . GLU A 1 92  ? -13.109 -5.402  11.773  1.00 43.55 ? 92   GLU A CD  1 
ATOM   785  O  OE1 . GLU A 1 92  ? -12.616 -4.741  12.724  1.00 35.87 ? 92   GLU A OE1 1 
ATOM   786  O  OE2 . GLU A 1 92  ? -13.808 -6.423  11.958  1.00 41.16 ? 92   GLU A OE2 1 
ATOM   787  N  N   . PHE A 1 93  ? -9.489  -5.082  8.265   1.00 16.32 ? 93   PHE A N   1 
ATOM   788  C  CA  . PHE A 1 93  ? -9.152  -5.918  7.113   1.00 13.54 ? 93   PHE A CA  1 
ATOM   789  C  C   . PHE A 1 93  ? -8.279  -7.130  7.488   1.00 16.41 ? 93   PHE A C   1 
ATOM   790  O  O   . PHE A 1 93  ? -8.453  -8.250  6.967   1.00 15.84 ? 93   PHE A O   1 
ATOM   791  C  CB  . PHE A 1 93  ? -8.437  -5.081  6.045   1.00 12.43 ? 93   PHE A CB  1 
ATOM   792  C  CG  . PHE A 1 93  ? -7.996  -5.889  4.857   1.00 14.29 ? 93   PHE A CG  1 
ATOM   793  C  CD1 . PHE A 1 93  ? -8.885  -6.208  3.838   1.00 19.57 ? 93   PHE A CD1 1 
ATOM   794  C  CD2 . PHE A 1 93  ? -6.683  -6.340  4.767   1.00 12.79 ? 93   PHE A CD2 1 
ATOM   795  C  CE1 . PHE A 1 93  ? -8.461  -6.965  2.733   1.00 19.86 ? 93   PHE A CE1 1 
ATOM   796  C  CE2 . PHE A 1 93  ? -6.252  -7.096  3.694   1.00 13.47 ? 93   PHE A CE2 1 
ATOM   797  C  CZ  . PHE A 1 93  ? -7.144  -7.412  2.658   1.00 20.87 ? 93   PHE A CZ  1 
ATOM   798  N  N   . PHE A 1 94  ? -7.314  -6.895  8.373   1.00 13.26 ? 94   PHE A N   1 
ATOM   799  C  CA  . PHE A 1 94  ? -6.340  -7.940  8.706   1.00 14.04 ? 94   PHE A CA  1 
ATOM   800  C  C   . PHE A 1 94  ? -6.824  -8.948  9.735   1.00 18.37 ? 94   PHE A C   1 
ATOM   801  O  O   . PHE A 1 94  ? -6.152  -9.949  10.019  1.00 14.15 ? 94   PHE A O   1 
ATOM   802  C  CB  . PHE A 1 94  ? -4.985  -7.308  9.089   1.00 13.80 ? 94   PHE A CB  1 
ATOM   803  C  CG  . PHE A 1 94  ? -4.339  -6.581  7.945   1.00 11.49 ? 94   PHE A CG  1 
ATOM   804  C  CD1 . PHE A 1 94  ? -3.784  -7.300  6.865   1.00 12.69 ? 94   PHE A CD1 1 
ATOM   805  C  CD2 . PHE A 1 94  ? -4.334  -5.191  7.906   1.00 14.80 ? 94   PHE A CD2 1 
ATOM   806  C  CE1 . PHE A 1 94  ? -3.216  -6.632  5.770   1.00 19.27 ? 94   PHE A CE1 1 
ATOM   807  C  CE2 . PHE A 1 94  ? -3.768  -4.522  6.818   1.00 19.44 ? 94   PHE A CE2 1 
ATOM   808  C  CZ  . PHE A 1 94  ? -3.203  -5.247  5.752   1.00 20.36 ? 94   PHE A CZ  1 
ATOM   809  N  N   . LYS A 1 95  ? -8.010  -8.725  10.284  1.00 14.82 ? 95   LYS A N   1 
ATOM   810  C  CA  . LYS A 1 95  ? -8.626  -9.787  11.105  1.00 16.18 ? 95   LYS A CA  1 
ATOM   811  C  C   . LYS A 1 95  ? -8.919  -11.071 10.306  1.00 19.21 ? 95   LYS A C   1 
ATOM   812  O  O   . LYS A 1 95  ? -8.984  -12.168 10.869  1.00 17.93 ? 95   LYS A O   1 
ATOM   813  C  CB  . LYS A 1 95  ? -9.915  -9.265  11.764  1.00 21.22 ? 95   LYS A CB  1 
ATOM   814  C  CG  . LYS A 1 95  ? -9.653  -8.167  12.795  1.00 32.44 ? 95   LYS A CG  1 
ATOM   815  C  CD  . LYS A 1 95  ? -10.908 -7.848  13.597  1.00 36.23 ? 95   LYS A CD  1 
ATOM   816  C  CE  . LYS A 1 95  ? -10.595 -6.949  14.789  1.00 64.89 ? 95   LYS A CE  1 
ATOM   817  N  NZ  . LYS A 1 95  ? -9.981  -5.649  14.390  1.00 65.98 ? 95   LYS A NZ  1 
ATOM   818  N  N   . THR A 1 96  ? -9.103  -10.932 8.997   1.00 17.20 ? 96   THR A N   1 
ATOM   819  C  CA  . THR A 1 96  ? -9.548  -12.057 8.167   1.00 14.16 ? 96   THR A CA  1 
ATOM   820  C  C   . THR A 1 96  ? -8.658  -12.331 6.948   1.00 16.25 ? 96   THR A C   1 
ATOM   821  O  O   . THR A 1 96  ? -8.915  -13.266 6.177   1.00 16.11 ? 96   THR A O   1 
ATOM   822  C  CB  . THR A 1 96  ? -11.026 -11.857 7.708   1.00 14.31 ? 96   THR A CB  1 
ATOM   823  O  OG1 . THR A 1 96  ? -11.157 -10.565 7.100   1.00 17.07 ? 96   THR A OG1 1 
ATOM   824  C  CG2 . THR A 1 96  ? -11.972 -11.934 8.933   1.00 19.91 ? 96   THR A CG2 1 
ATOM   825  N  N   . THR A 1 97  ? -7.593  -11.534 6.783   1.00 14.57 ? 97   THR A N   1 
ATOM   826  C  CA  . THR A 1 97  ? -6.620  -11.787 5.736   1.00 12.11 ? 97   THR A CA  1 
ATOM   827  C  C   . THR A 1 97  ? -5.252  -11.582 6.392   1.00 14.20 ? 97   THR A C   1 
ATOM   828  O  O   . THR A 1 97  ? -5.048  -10.569 7.087   1.00 14.22 ? 97   THR A O   1 
ATOM   829  C  CB  . THR A 1 97  ? -6.804  -10.795 4.549   1.00 13.75 ? 97   THR A CB  1 
ATOM   830  O  OG1 . THR A 1 97  ? -8.092  -11.003 3.924   1.00 15.56 ? 97   THR A OG1 1 
ATOM   831  C  CG2 . THR A 1 97  ? -5.668  -10.966 3.509   1.00 12.72 ? 97   THR A CG2 1 
ATOM   832  N  N   . VAL A 1 98  ? -4.360  -12.563 6.235   1.00 12.68 ? 98   VAL A N   1 
ATOM   833  C  CA  A VAL A 1 98  ? -3.048  -12.542 6.886   0.50 15.37 ? 98   VAL A CA  1 
ATOM   834  C  CA  B VAL A 1 98  ? -3.065  -12.506 6.919   0.50 11.93 ? 98   VAL A CA  1 
ATOM   835  C  C   . VAL A 1 98  ? -2.253  -11.296 6.491   1.00 13.79 ? 98   VAL A C   1 
ATOM   836  O  O   . VAL A 1 98  ? -2.272  -10.889 5.334   1.00 14.72 ? 98   VAL A O   1 
ATOM   837  C  CB  A VAL A 1 98  ? -2.246  -13.834 6.552   0.50 19.41 ? 98   VAL A CB  1 
ATOM   838  C  CB  B VAL A 1 98  ? -2.226  -13.820 6.796   0.50 15.23 ? 98   VAL A CB  1 
ATOM   839  C  CG1 A VAL A 1 98  ? -1.782  -13.860 5.078   0.50 8.52  ? 98   VAL A CG1 1 
ATOM   840  C  CG1 B VAL A 1 98  ? -2.756  -14.869 7.753   0.50 23.25 ? 98   VAL A CG1 1 
ATOM   841  C  CG2 A VAL A 1 98  ? -1.085  -14.012 7.511   0.50 18.29 ? 98   VAL A CG2 1 
ATOM   842  C  CG2 B VAL A 1 98  ? -2.163  -14.360 5.346   0.50 5.91  ? 98   VAL A CG2 1 
ATOM   843  N  N   . SER A 1 99  ? -1.546  -10.696 7.441   1.00 12.38 ? 99   SER A N   1 
ATOM   844  C  CA  . SER A 1 99  ? -0.845  -9.435  7.170   1.00 15.10 ? 99   SER A CA  1 
ATOM   845  C  C   . SER A 1 99  ? 0.569   -9.604  6.544   1.00 16.42 ? 99   SER A C   1 
ATOM   846  O  O   . SER A 1 99  ? 1.520   -8.881  6.890   1.00 13.42 ? 99   SER A O   1 
ATOM   847  C  CB  . SER A 1 99  ? -0.757  -8.618  8.470   1.00 15.05 ? 99   SER A CB  1 
ATOM   848  O  OG  . SER A 1 99  ? 0.004   -9.337  9.441   1.00 15.05 ? 99   SER A OG  1 
ATOM   849  N  N   . THR A 1 100 ? 0.714   -10.549 5.625   1.00 11.65 ? 100  THR A N   1 
ATOM   850  C  CA  . THR A 1 100 ? 1.963   -10.647 4.837   1.00 13.90 ? 100  THR A CA  1 
ATOM   851  C  C   . THR A 1 100 ? 2.081   -9.380  4.026   1.00 16.72 ? 100  THR A C   1 
ATOM   852  O  O   . THR A 1 100 ? 1.080   -8.740  3.730   1.00 14.00 ? 100  THR A O   1 
ATOM   853  C  CB  . THR A 1 100 ? 1.932   -11.815 3.822   1.00 16.38 ? 100  THR A CB  1 
ATOM   854  O  OG1 . THR A 1 100 ? 0.733   -11.728 3.028   1.00 12.62 ? 100  THR A OG1 1 
ATOM   855  C  CG2 . THR A 1 100 ? 1.976   -13.140 4.538   1.00 14.44 ? 100  THR A CG2 1 
ATOM   856  N  N   . SER A 1 101 ? 3.294   -9.025  3.609   1.00 11.44 ? 101  SER A N   1 
ATOM   857  C  CA  . SER A 1 101 ? 3.437   -7.785  2.845   1.00 11.13 ? 101  SER A CA  1 
ATOM   858  C  C   . SER A 1 101 ? 2.750   -7.844  1.469   1.00 11.54 ? 101  SER A C   1 
ATOM   859  O  O   . SER A 1 101 ? 2.322   -6.822  0.947   1.00 13.13 ? 101  SER A O   1 
ATOM   860  C  CB  . SER A 1 101 ? 4.912   -7.392  2.725   1.00 17.23 ? 101  SER A CB  1 
ATOM   861  O  OG  . SER A 1 101 ? 5.448   -7.164  4.021   1.00 19.23 ? 101  SER A OG  1 
ATOM   862  N  N   . GLU A 1 102 ? 2.620   -9.040  0.907   1.00 14.60 ? 102  GLU A N   1 
ATOM   863  C  CA  . GLU A 1 102 ? 1.783   -9.247  -0.299  1.00 14.12 ? 102  GLU A CA  1 
ATOM   864  C  C   . GLU A 1 102 ? 0.387   -8.699  -0.037  1.00 14.30 ? 102  GLU A C   1 
ATOM   865  O  O   . GLU A 1 102 ? -0.158  -7.915  -0.824  1.00 13.72 ? 102  GLU A O   1 
ATOM   866  C  CB  . GLU A 1 102 ? 1.684   -10.755 -0.635  1.00 12.68 ? 102  GLU A CB  1 
ATOM   867  C  CG  . GLU A 1 102 ? 2.976   -11.393 -1.182  1.00 15.43 ? 102  GLU A CG  1 
ATOM   868  C  CD  . GLU A 1 102 ? 3.893   -11.954 -0.097  1.00 15.12 ? 102  GLU A CD  1 
ATOM   869  O  OE1 . GLU A 1 102 ? 3.878   -11.462 1.070   1.00 15.74 ? 102  GLU A OE1 1 
ATOM   870  O  OE2 . GLU A 1 102 ? 4.659   -12.875 -0.435  1.00 16.89 ? 102  GLU A OE2 1 
ATOM   871  N  N   . ASN A 1 103 ? -0.200  -9.099  1.085   1.00 11.06 ? 103  ASN A N   1 
ATOM   872  C  CA  . ASN A 1 103 ? -1.579  -8.683  1.392   1.00 12.86 ? 103  ASN A CA  1 
ATOM   873  C  C   . ASN A 1 103 ? -1.689  -7.230  1.841   1.00 13.28 ? 103  ASN A C   1 
ATOM   874  O  O   . ASN A 1 103 ? -2.729  -6.583  1.638   1.00 14.52 ? 103  ASN A O   1 
ATOM   875  C  CB  . ASN A 1 103 ? -2.242  -9.644  2.402   1.00 12.77 ? 103  ASN A CB  1 
ATOM   876  C  CG  . ASN A 1 103 ? -2.713  -10.934 1.758   1.00 16.46 ? 103  ASN A CG  1 
ATOM   877  O  OD1 . ASN A 1 103 ? -3.289  -10.924 0.655   1.00 16.13 ? 103  ASN A OD1 1 
ATOM   878  N  ND2 . ASN A 1 103 ? -2.438  -12.069 2.421   1.00 13.49 ? 103  ASN A ND2 1 
ATOM   879  N  N   . VAL A 1 104 ? -0.609  -6.701  2.408   1.00 14.17 ? 104  VAL A N   1 
ATOM   880  C  CA  . VAL A 1 104 ? -0.550  -5.272  2.737   1.00 15.27 ? 104  VAL A CA  1 
ATOM   881  C  C   . VAL A 1 104 ? -0.549  -4.459  1.442   1.00 11.98 ? 104  VAL A C   1 
ATOM   882  O  O   . VAL A 1 104 ? -1.234  -3.457  1.329   1.00 14.92 ? 104  VAL A O   1 
ATOM   883  C  CB  . VAL A 1 104 ? 0.697   -4.929  3.607   1.00 14.57 ? 104  VAL A CB  1 
ATOM   884  C  CG1 . VAL A 1 104 ? 0.796   -3.413  3.853   1.00 14.43 ? 104  VAL A CG1 1 
ATOM   885  C  CG2 . VAL A 1 104 ? 0.624   -5.686  4.972   1.00 16.47 ? 104  VAL A CG2 1 
ATOM   886  N  N   . ALA A 1 105 ? 0.213   -4.912  0.447   1.00 12.02 ? 105  ALA A N   1 
ATOM   887  C  CA  . ALA A 1 105 ? 0.268   -4.177  -0.821  1.00 10.34 ? 105  ALA A CA  1 
ATOM   888  C  C   . ALA A 1 105 ? -1.134  -4.111  -1.442  1.00 14.42 ? 105  ALA A C   1 
ATOM   889  O  O   . ALA A 1 105 ? -1.567  -3.070  -1.952  1.00 12.11 ? 105  ALA A O   1 
ATOM   890  C  CB  . ALA A 1 105 ? 1.245   -4.853  -1.753  1.00 12.00 ? 105  ALA A CB  1 
ATOM   891  N  N   . ILE A 1 106 ? -1.845  -5.228  -1.378  1.00 13.94 ? 106  ILE A N   1 
ATOM   892  C  CA  . ILE A 1 106 ? -3.195  -5.300  -1.923  1.00 13.21 ? 106  ILE A CA  1 
ATOM   893  C  C   . ILE A 1 106 ? -4.132  -4.370  -1.140  1.00 16.22 ? 106  ILE A C   1 
ATOM   894  O  O   . ILE A 1 106 ? -4.882  -3.576  -1.724  1.00 14.39 ? 106  ILE A O   1 
ATOM   895  C  CB  . ILE A 1 106 ? -3.745  -6.775  -1.953  1.00 15.58 ? 106  ILE A CB  1 
ATOM   896  C  CG1 . ILE A 1 106 ? -2.938  -7.638  -2.932  1.00 11.95 ? 106  ILE A CG1 1 
ATOM   897  C  CG2 . ILE A 1 106 ? -5.237  -6.796  -2.365  1.00 15.19 ? 106  ILE A CG2 1 
ATOM   898  C  CD1 . ILE A 1 106 ? -3.195  -9.140  -2.778  1.00 16.17 ? 106  ILE A CD1 1 
ATOM   899  N  N   . TYR A 1 107 ? -4.081  -4.467  0.184   1.00 12.75 ? 107  TYR A N   1 
ATOM   900  C  CA  . TYR A 1 107 ? -4.858  -3.591  1.053   1.00 14.69 ? 107  TYR A CA  1 
ATOM   901  C  C   . TYR A 1 107 ? -4.656  -2.115  0.721   1.00 15.93 ? 107  TYR A C   1 
ATOM   902  O  O   . TYR A 1 107 ? -5.619  -1.380  0.546   1.00 14.39 ? 107  TYR A O   1 
ATOM   903  C  CB  . TYR A 1 107 ? -4.550  -3.877  2.548   1.00 11.29 ? 107  TYR A CB  1 
ATOM   904  C  CG  . TYR A 1 107 ? -5.134  -2.812  3.436   1.00 14.36 ? 107  TYR A CG  1 
ATOM   905  C  CD1 . TYR A 1 107 ? -6.492  -2.822  3.765   1.00 19.56 ? 107  TYR A CD1 1 
ATOM   906  C  CD2 . TYR A 1 107 ? -4.342  -1.765  3.908   1.00 15.39 ? 107  TYR A CD2 1 
ATOM   907  C  CE1 . TYR A 1 107 ? -7.027  -1.817  4.567   1.00 18.84 ? 107  TYR A CE1 1 
ATOM   908  C  CE2 . TYR A 1 107 ? -4.864  -0.783  4.704   1.00 14.14 ? 107  TYR A CE2 1 
ATOM   909  C  CZ  . TYR A 1 107 ? -6.210  -0.801  5.018   1.00 24.18 ? 107  TYR A CZ  1 
ATOM   910  O  OH  . TYR A 1 107 ? -6.724  0.201   5.813   1.00 18.39 ? 107  TYR A OH  1 
ATOM   911  N  N   . MET A 1 108 ? -3.402  -1.672  0.620   1.00 13.28 ? 108  MET A N   1 
ATOM   912  C  CA  . MET A 1 108 ? -3.118  -0.258  0.421   1.00 15.68 ? 108  MET A CA  1 
ATOM   913  C  C   . MET A 1 108 ? -3.579  0.201   -0.971  1.00 14.46 ? 108  MET A C   1 
ATOM   914  O  O   . MET A 1 108 ? -4.130  1.285   -1.120  1.00 13.77 ? 108  MET A O   1 
ATOM   915  C  CB  . MET A 1 108 ? -1.629  0.034   0.604   1.00 12.08 ? 108  MET A CB  1 
ATOM   916  C  CG  . MET A 1 108 ? -1.117  -0.331  2.007   1.00 11.85 ? 108  MET A CG  1 
ATOM   917  S  SD  . MET A 1 108 ? -1.718  0.741   3.329   1.00 15.77 ? 108  MET A SD  1 
ATOM   918  C  CE  . MET A 1 108 ? -0.745  2.240   3.035   1.00 15.58 ? 108  MET A CE  1 
ATOM   919  N  N   . PHE A 1 109 ? -3.322  -0.626  -1.972  1.00 14.67 ? 109  PHE A N   1 
ATOM   920  C  CA  . PHE A 1 109 ? -3.812  -0.370  -3.336  1.00 19.12 ? 109  PHE A CA  1 
ATOM   921  C  C   . PHE A 1 109 ? -5.336  -0.184  -3.321  1.00 22.15 ? 109  PHE A C   1 
ATOM   922  O  O   . PHE A 1 109 ? -5.862  0.802   -3.844  1.00 15.50 ? 109  PHE A O   1 
ATOM   923  C  CB  . PHE A 1 109 ? -3.435  -1.550  -4.226  1.00 14.02 ? 109  PHE A CB  1 
ATOM   924  C  CG  . PHE A 1 109 ? -3.745  -1.360  -5.686  1.00 15.13 ? 109  PHE A CG  1 
ATOM   925  C  CD1 . PHE A 1 109 ? -2.770  -0.911  -6.563  1.00 17.57 ? 109  PHE A CD1 1 
ATOM   926  C  CD2 . PHE A 1 109 ? -5.016  -1.655  -6.185  1.00 19.01 ? 109  PHE A CD2 1 
ATOM   927  C  CE1 . PHE A 1 109 ? -3.052  -0.758  -7.934  1.00 17.39 ? 109  PHE A CE1 1 
ATOM   928  C  CE2 . PHE A 1 109 ? -5.305  -1.511  -7.545  1.00 17.66 ? 109  PHE A CE2 1 
ATOM   929  C  CZ  . PHE A 1 109 ? -4.313  -1.057  -8.419  1.00 18.07 ? 109  PHE A CZ  1 
ATOM   930  N  N   . GLU A 1 110 ? -6.048  -1.134  -2.734  1.00 14.97 ? 110  GLU A N   1 
ATOM   931  C  CA  . GLU A 1 110 ? -7.508  -1.079  -2.775  1.00 21.72 ? 110  GLU A CA  1 
ATOM   932  C  C   . GLU A 1 110 ? -8.087  0.070   -1.942  1.00 16.16 ? 110  GLU A C   1 
ATOM   933  O  O   . GLU A 1 110 ? -9.040  0.737   -2.368  1.00 18.51 ? 110  GLU A O   1 
ATOM   934  C  CB  . GLU A 1 110 ? -8.119  -2.429  -2.381  1.00 22.17 ? 110  GLU A CB  1 
ATOM   935  C  CG  . GLU A 1 110 ? -7.884  -3.543  -3.413  1.00 19.15 ? 110  GLU A CG  1 
ATOM   936  C  CD  . GLU A 1 110 ? -8.496  -3.233  -4.792  1.00 36.11 ? 110  GLU A CD  1 
ATOM   937  O  OE1 . GLU A 1 110 ? -9.471  -2.456  -4.862  1.00 40.41 ? 110  GLU A OE1 1 
ATOM   938  O  OE2 . GLU A 1 110 ? -8.000  -3.768  -5.810  1.00 41.28 ? 110  GLU A OE2 1 
ATOM   939  N  N   . LYS A 1 111 ? -7.517  0.310   -0.757  1.00 17.63 ? 111  LYS A N   1 
ATOM   940  C  CA  . LYS A 1 111 ? -7.967  1.418   0.090   1.00 18.76 ? 111  LYS A CA  1 
ATOM   941  C  C   . LYS A 1 111 ? -7.702  2.775   -0.588  1.00 22.29 ? 111  LYS A C   1 
ATOM   942  O  O   . LYS A 1 111 ? -8.543  3.685   -0.567  1.00 20.48 ? 111  LYS A O   1 
ATOM   943  C  CB  . LYS A 1 111 ? -7.301  1.360   1.469   1.00 20.37 ? 111  LYS A CB  1 
ATOM   944  C  CG  . LYS A 1 111 ? -7.679  2.507   2.389   1.00 26.95 ? 111  LYS A CG  1 
ATOM   945  C  CD  . LYS A 1 111 ? -9.073  2.270   2.984   1.00 28.56 ? 111  LYS A CD  1 
ATOM   946  C  CE  . LYS A 1 111 ? -9.608  3.529   3.651   1.00 42.43 ? 111  LYS A CE  1 
ATOM   947  N  NZ  . LYS A 1 111 ? -11.072 3.412   3.909   1.00 51.87 ? 111  LYS A NZ  1 
ATOM   948  N  N   . LEU A 1 112 ? -6.545  2.902   -1.221  1.00 14.15 ? 112  LEU A N   1 
ATOM   949  C  CA  . LEU A 1 112 ? -6.232  4.146   -1.927  1.00 15.73 ? 112  LEU A CA  1 
ATOM   950  C  C   . LEU A 1 112 ? -7.200  4.312   -3.077  1.00 17.13 ? 112  LEU A C   1 
ATOM   951  O  O   . LEU A 1 112 ? -7.784  5.375   -3.248  1.00 19.63 ? 112  LEU A O   1 
ATOM   952  C  CB  . LEU A 1 112 ? -4.807  4.165   -2.455  1.00 12.88 ? 112  LEU A CB  1 
ATOM   953  C  CG  . LEU A 1 112 ? -4.445  5.417   -3.245  1.00 14.04 ? 112  LEU A CG  1 
ATOM   954  C  CD1 . LEU A 1 112 ? -4.696  6.678   -2.395  1.00 18.59 ? 112  LEU A CD1 1 
ATOM   955  C  CD2 . LEU A 1 112 ? -2.987  5.358   -3.754  1.00 14.28 ? 112  LEU A CD2 1 
ATOM   956  N  N   . LYS A 1 113 ? -7.373  3.259   -3.860  1.00 18.69 ? 113  LYS A N   1 
ATOM   957  C  CA  . LYS A 1 113 ? -8.295  3.351   -5.001  1.00 24.50 ? 113  LYS A CA  1 
ATOM   958  C  C   . LYS A 1 113 ? -9.682  3.850   -4.552  1.00 32.27 ? 113  LYS A C   1 
ATOM   959  O  O   . LYS A 1 113 ? -10.317 4.672   -5.233  1.00 24.38 ? 113  LYS A O   1 
ATOM   960  C  CB  . LYS A 1 113 ? -8.358  2.021   -5.728  1.00 19.95 ? 113  LYS A CB  1 
ATOM   961  C  CG  . LYS A 1 113 ? -8.701  2.111   -7.199  1.00 30.99 ? 113  LYS A CG  1 
ATOM   962  C  CD  . LYS A 1 113 ? -8.318  0.812   -7.885  1.00 34.35 ? 113  LYS A CD  1 
ATOM   963  C  CE  . LYS A 1 113 ? -9.368  0.373   -8.887  1.00 69.02 ? 113  LYS A CE  1 
ATOM   964  N  NZ  . LYS A 1 113 ? -9.117  -1.019  -9.363  1.00 41.29 ? 113  LYS A NZ  1 
ATOM   965  N  N   . SER A 1 114 ? -10.104 3.398   -3.371  1.00 19.30 ? 114  SER A N   1 
ATOM   966  C  CA  . SER A 1 114 ? -11.378 3.752   -2.758  1.00 26.13 ? 114  SER A CA  1 
ATOM   967  C  C   . SER A 1 114 ? -11.531 5.224   -2.354  1.00 31.36 ? 114  SER A C   1 
ATOM   968  O  O   . SER A 1 114 ? -12.646 5.702   -2.200  1.00 30.70 ? 114  SER A O   1 
ATOM   969  C  CB  . SER A 1 114 ? -11.663 2.833   -1.558  1.00 22.00 ? 114  SER A CB  1 
ATOM   970  O  OG  . SER A 1 114 ? -11.177 3.386   -0.352  1.00 25.05 ? 114  SER A OG  1 
ATOM   971  N  N   . VAL A 1 115 ? -10.426 5.945   -2.183  1.00 22.24 ? 115  VAL A N   1 
ATOM   972  C  CA  A VAL A 1 115 ? -10.500 7.337   -1.741  0.50 20.07 ? 115  VAL A CA  1 
ATOM   973  C  CA  B VAL A 1 115 ? -10.473 7.325   -1.722  0.50 21.34 ? 115  VAL A CA  1 
ATOM   974  C  C   . VAL A 1 115 ? -10.057 8.329   -2.810  1.00 25.65 ? 115  VAL A C   1 
ATOM   975  O  O   . VAL A 1 115 ? -10.153 9.540   -2.622  1.00 22.20 ? 115  VAL A O   1 
ATOM   976  C  CB  A VAL A 1 115 ? -9.754  7.613   -0.395  0.50 23.07 ? 115  VAL A CB  1 
ATOM   977  C  CB  B VAL A 1 115 ? -9.605  7.516   -0.459  0.50 25.83 ? 115  VAL A CB  1 
ATOM   978  C  CG1 A VAL A 1 115 ? -10.342 6.775   0.739   0.50 29.02 ? 115  VAL A CG1 1 
ATOM   979  C  CG1 B VAL A 1 115 ? -9.604  8.958   -0.028  0.50 25.72 ? 115  VAL A CG1 1 
ATOM   980  C  CG2 A VAL A 1 115 ? -8.234  7.414   -0.519  0.50 9.83  ? 115  VAL A CG2 1 
ATOM   981  C  CG2 B VAL A 1 115 ? -10.114 6.635   0.677   0.50 32.50 ? 115  VAL A CG2 1 
ATOM   982  N  N   . MET A 1 116 ? -9.589  7.822   -3.945  1.00 25.38 ? 116  MET A N   1 
ATOM   983  C  CA  . MET A 1 116 ? -8.993  8.704   -4.949  1.00 27.40 ? 116  MET A CA  1 
ATOM   984  C  C   . MET A 1 116 ? -10.009 9.520   -5.727  1.00 25.80 ? 116  MET A C   1 
ATOM   985  O  O   . MET A 1 116 ? -11.021 8.988   -6.170  1.00 29.67 ? 116  MET A O   1 
ATOM   986  C  CB  . MET A 1 116 ? -8.134  7.914   -5.929  1.00 25.74 ? 116  MET A CB  1 
ATOM   987  C  CG  . MET A 1 116 ? -6.742  7.650   -5.427  1.00 22.60 ? 116  MET A CG  1 
ATOM   988  S  SD  . MET A 1 116 ? -5.830  6.670   -6.613  1.00 23.12 ? 116  MET A SD  1 
ATOM   989  C  CE  . MET A 1 116 ? -5.233  7.977   -7.716  1.00 20.94 ? 116  MET A CE  1 
ATOM   990  N  N   . SER A 1 117 ? -9.695  10.799  -5.918  1.00 31.50 ? 117  SER A N   1 
ATOM   991  C  CA  . SER A 1 117 ? -10.466 11.673  -6.817  1.00 46.22 ? 117  SER A CA  1 
ATOM   992  C  C   . SER A 1 117 ? -10.492 11.182  -8.270  1.00 49.03 ? 117  SER A C   1 
ATOM   993  O  O   . SER A 1 117 ? -11.526 11.254  -8.935  1.00 50.86 ? 117  SER A O   1 
ATOM   994  C  CB  . SER A 1 117 ? -10.025 13.153  -6.707  1.00 37.65 ? 117  SER A CB  1 
ATOM   995  O  OG  . SER A 1 117 ? -8.632  13.359  -6.957  1.00 28.37 ? 117  SER A OG  1 
ATOM   996  N  N   . ASN A 1 118 ? -9.367  10.655  -8.747  1.00 37.78 ? 118  ASN A N   1 
ATOM   997  C  CA  . ASN A 1 118 ? -9.303  10.036  -10.079 1.00 40.83 ? 118  ASN A CA  1 
ATOM   998  C  C   . ASN A 1 118 ? -8.588  8.675   -10.052 1.00 24.31 ? 118  ASN A C   1 
ATOM   999  O  O   . ASN A 1 118 ? -7.382  8.586   -10.338 1.00 32.04 ? 118  ASN A O   1 
ATOM   1000 C  CB  . ASN A 1 118 ? -8.633  10.997  -11.085 1.00 39.42 ? 118  ASN A CB  1 
ATOM   1001 C  CG  . ASN A 1 118 ? -8.445  10.379  -12.472 1.00 65.30 ? 118  ASN A CG  1 
ATOM   1002 O  OD1 . ASN A 1 118 ? -9.216  9.515   -12.894 1.00 57.36 ? 118  ASN A OD1 1 
ATOM   1003 N  ND2 . ASN A 1 118 ? -7.417  10.832  -13.187 1.00 58.40 ? 118  ASN A ND2 1 
ATOM   1004 N  N   . PRO A 1 119 ? -9.319  7.620   -9.685  1.00 30.36 ? 119  PRO A N   1 
ATOM   1005 C  CA  . PRO A 1 119 ? -8.680  6.324   -9.439  1.00 37.64 ? 119  PRO A CA  1 
ATOM   1006 C  C   . PRO A 1 119 ? -8.222  5.624   -10.716 1.00 35.90 ? 119  PRO A C   1 
ATOM   1007 O  O   . PRO A 1 119 ? -7.428  4.682   -10.649 1.00 23.35 ? 119  PRO A O   1 
ATOM   1008 C  CB  . PRO A 1 119 ? -9.768  5.518   -8.724  1.00 31.81 ? 119  PRO A CB  1 
ATOM   1009 C  CG  . PRO A 1 119 ? -11.056 6.173   -9.121  1.00 29.52 ? 119  PRO A CG  1 
ATOM   1010 C  CD  . PRO A 1 119 ? -10.771 7.596   -9.436  1.00 38.90 ? 119  PRO A CD  1 
ATOM   1011 N  N   . SER A 1 120 ? -8.698  6.089   -11.869 1.00 23.26 ? 120  SER A N   1 
ATOM   1012 C  CA  . SER A 1 120 ? -8.322  5.468   -13.146 1.00 25.83 ? 120  SER A CA  1 
ATOM   1013 C  C   . SER A 1 120 ? -6.805  5.516   -13.433 1.00 23.97 ? 120  SER A C   1 
ATOM   1014 O  O   . SER A 1 120 ? -6.274  4.617   -14.076 1.00 24.59 ? 120  SER A O   1 
ATOM   1015 C  CB  . SER A 1 120 ? -9.113  6.088   -14.313 1.00 25.14 ? 120  SER A CB  1 
ATOM   1016 O  OG  . SER A 1 120 ? -8.649  7.403   -14.582 1.00 40.95 ? 120  SER A OG  1 
ATOM   1017 N  N   . VAL A 1 121 ? -6.118  6.548   -12.942 1.00 20.22 ? 121  VAL A N   1 
ATOM   1018 C  CA  . VAL A 1 121 ? -4.659  6.631   -13.120 1.00 26.27 ? 121  VAL A CA  1 
ATOM   1019 C  C   . VAL A 1 121 ? -3.808  5.801   -12.143 1.00 18.58 ? 121  VAL A C   1 
ATOM   1020 O  O   . VAL A 1 121 ? -2.593  5.736   -12.314 1.00 16.16 ? 121  VAL A O   1 
ATOM   1021 C  CB  . VAL A 1 121 ? -4.117  8.088   -13.162 1.00 29.86 ? 121  VAL A CB  1 
ATOM   1022 C  CG1 . VAL A 1 121 ? -4.656  8.837   -14.379 1.00 30.44 ? 121  VAL A CG1 1 
ATOM   1023 C  CG2 . VAL A 1 121 ? -4.416  8.822   -11.869 1.00 24.87 ? 121  VAL A CG2 1 
ATOM   1024 N  N   . LEU A 1 122 ? -4.424  5.168   -11.141 1.00 17.51 ? 122  LEU A N   1 
ATOM   1025 C  CA  . LEU A 1 122 ? -3.626  4.353   -10.215 1.00 19.73 ? 122  LEU A CA  1 
ATOM   1026 C  C   . LEU A 1 122 ? -3.050  3.169   -10.971 1.00 18.85 ? 122  LEU A C   1 
ATOM   1027 O  O   . LEU A 1 122 ? -3.782  2.401   -11.615 1.00 18.68 ? 122  LEU A O   1 
ATOM   1028 C  CB  . LEU A 1 122 ? -4.453  3.873   -9.003  1.00 14.18 ? 122  LEU A CB  1 
ATOM   1029 C  CG  . LEU A 1 122 ? -3.722  2.934   -8.027  1.00 16.47 ? 122  LEU A CG  1 
ATOM   1030 C  CD1 . LEU A 1 122 ? -2.470  3.632   -7.425  1.00 16.95 ? 122  LEU A CD1 1 
ATOM   1031 C  CD2 . LEU A 1 122 ? -4.690  2.462   -6.946  1.00 25.80 ? 122  LEU A CD2 1 
ATOM   1032 N  N   . TYR A 1 123 ? -1.735  3.007   -10.895 1.00 15.75 ? 123  TYR A N   1 
ATOM   1033 C  CA  . TYR A 1 123 ? -1.086  2.034   -11.729 1.00 14.34 ? 123  TYR A CA  1 
ATOM   1034 C  C   . TYR A 1 123 ? -0.408  0.923   -10.896 1.00 17.05 ? 123  TYR A C   1 
ATOM   1035 O  O   . TYR A 1 123 ? -0.528  -0.255  -11.203 1.00 15.91 ? 123  TYR A O   1 
ATOM   1036 C  CB  . TYR A 1 123 ? -0.117  2.741   -12.684 1.00 13.60 ? 123  TYR A CB  1 
ATOM   1037 C  CG  . TYR A 1 123 ? 0.713   1.787   -13.503 1.00 16.44 ? 123  TYR A CG  1 
ATOM   1038 C  CD1 . TYR A 1 123 ? 0.148   1.063   -14.544 1.00 19.89 ? 123  TYR A CD1 1 
ATOM   1039 C  CD2 . TYR A 1 123 ? 2.057   1.584   -13.211 1.00 23.46 ? 123  TYR A CD2 1 
ATOM   1040 C  CE1 . TYR A 1 123 ? 0.910   0.171   -15.275 1.00 27.43 ? 123  TYR A CE1 1 
ATOM   1041 C  CE2 . TYR A 1 123 ? 2.817   0.688   -13.926 1.00 32.54 ? 123  TYR A CE2 1 
ATOM   1042 C  CZ  . TYR A 1 123 ? 2.240   -0.010  -14.960 1.00 39.06 ? 123  TYR A CZ  1 
ATOM   1043 O  OH  . TYR A 1 123 ? 3.009   -0.897  -15.671 1.00 41.40 ? 123  TYR A OH  1 
ATOM   1044 N  N   . LYS A 1 124 ? 0.301   1.300   -9.839  1.00 15.53 ? 124  LYS A N   1 
ATOM   1045 C  CA  . LYS A 1 124 ? 1.024   0.288   -9.073  1.00 16.40 ? 124  LYS A CA  1 
ATOM   1046 C  C   . LYS A 1 124 ? 1.261   0.751   -7.642  1.00 17.76 ? 124  LYS A C   1 
ATOM   1047 O  O   . LYS A 1 124 ? 1.524   1.940   -7.397  1.00 15.02 ? 124  LYS A O   1 
ATOM   1048 C  CB  . LYS A 1 124 ? 2.353   -0.035  -9.738  1.00 11.41 ? 124  LYS A CB  1 
ATOM   1049 C  CG  . LYS A 1 124 ? 3.122   -1.143  -9.007  1.00 18.22 ? 124  LYS A CG  1 
ATOM   1050 C  CD  . LYS A 1 124 ? 4.363   -1.542  -9.757  1.00 22.75 ? 124  LYS A CD  1 
ATOM   1051 C  CE  . LYS A 1 124 ? 5.576   -0.825  -9.203  1.00 21.23 ? 124  LYS A CE  1 
ATOM   1052 N  NZ  . LYS A 1 124 ? 6.842   -1.125  -9.972  1.00 22.57 ? 124  LYS A NZ  1 
ATOM   1053 N  N   . VAL A 1 125 ? 1.182   -0.185  -6.702  1.00 13.59 ? 125  VAL A N   1 
ATOM   1054 C  CA  . VAL A 1 125 ? 1.618   0.084   -5.328  1.00 13.51 ? 125  VAL A CA  1 
ATOM   1055 C  C   . VAL A 1 125 ? 2.827   -0.793  -5.018  1.00 11.14 ? 125  VAL A C   1 
ATOM   1056 O  O   . VAL A 1 125 ? 2.869   -1.967  -5.394  1.00 11.88 ? 125  VAL A O   1 
ATOM   1057 C  CB  . VAL A 1 125 ? 0.463   -0.222  -4.318  1.00 17.10 ? 125  VAL A CB  1 
ATOM   1058 C  CG1 . VAL A 1 125 ? 1.008   -0.593  -2.937  1.00 24.07 ? 125  VAL A CG1 1 
ATOM   1059 C  CG2 . VAL A 1 125 ? -0.491  0.964   -4.217  1.00 13.55 ? 125  VAL A CG2 1 
ATOM   1060 N  N   . THR A 1 126 ? 3.797   -0.219  -4.322  1.00 13.19 ? 126  THR A N   1 
ATOM   1061 C  CA  . THR A 1 126 ? 4.943   -0.949  -3.822  1.00 14.56 ? 126  THR A CA  1 
ATOM   1062 C  C   . THR A 1 126 ? 4.924   -0.877  -2.291  1.00 12.28 ? 126  THR A C   1 
ATOM   1063 O  O   . THR A 1 126 ? 4.678   0.188   -1.729  1.00 13.64 ? 126  THR A O   1 
ATOM   1064 C  CB  . THR A 1 126 ? 6.258   -0.305  -4.341  1.00 12.50 ? 126  THR A CB  1 
ATOM   1065 O  OG1 . THR A 1 126 ? 6.257   -0.350  -5.770  1.00 13.26 ? 126  THR A OG1 1 
ATOM   1066 C  CG2 . THR A 1 126 ? 7.491   -1.078  -3.821  1.00 9.98  ? 126  THR A CG2 1 
ATOM   1067 N  N   . ILE A 1 127 ? 5.209   -2.002  -1.638  1.00 12.92 ? 127  ILE A N   1 
ATOM   1068 C  CA  . ILE A 1 127 ? 5.473   -2.000  -0.200  1.00 12.84 ? 127  ILE A CA  1 
ATOM   1069 C  C   . ILE A 1 127 ? 6.870   -2.575  0.002   1.00 15.19 ? 127  ILE A C   1 
ATOM   1070 O  O   . ILE A 1 127 ? 7.155   -3.664  -0.467  1.00 14.77 ? 127  ILE A O   1 
ATOM   1071 C  CB  . ILE A 1 127 ? 4.445   -2.885  0.558   1.00 17.13 ? 127  ILE A CB  1 
ATOM   1072 C  CG1 . ILE A 1 127 ? 3.065   -2.184  0.600   1.00 14.96 ? 127  ILE A CG1 1 
ATOM   1073 C  CG2 . ILE A 1 127 ? 4.951   -3.213  1.976   1.00 12.88 ? 127  ILE A CG2 1 
ATOM   1074 C  CD1 . ILE A 1 127 ? 3.041   -0.871  1.409   1.00 11.86 ? 127  ILE A CD1 1 
ATOM   1075 N  N   . GLU A 1 128 ? 7.737   -1.834  0.685   1.00 12.47 ? 128  GLU A N   1 
ATOM   1076 C  CA  . GLU A 1 128 ? 9.017   -2.403  1.113   1.00 13.20 ? 128  GLU A CA  1 
ATOM   1077 C  C   . GLU A 1 128 ? 8.894   -2.687  2.600   1.00 12.60 ? 128  GLU A C   1 
ATOM   1078 O  O   . GLU A 1 128 ? 8.837   -1.774  3.422   1.00 15.34 ? 128  GLU A O   1 
ATOM   1079 C  CB  . GLU A 1 128 ? 10.182  -1.452  0.815   1.00 15.72 ? 128  GLU A CB  1 
ATOM   1080 C  CG  . GLU A 1 128 ? 10.212  -0.927  -0.634  1.00 14.34 ? 128  GLU A CG  1 
ATOM   1081 C  CD  . GLU A 1 128 ? 11.464  -0.139  -0.996  1.00 28.72 ? 128  GLU A CD  1 
ATOM   1082 O  OE1 . GLU A 1 128 ? 12.191  0.304   -0.083  1.00 26.51 ? 128  GLU A OE1 1 
ATOM   1083 O  OE2 . GLU A 1 128 ? 11.709  0.044   -2.213  1.00 23.34 ? 128  GLU A OE2 1 
ATOM   1084 N  N   . GLU A 1 129 ? 8.826   -3.960  2.929   1.00 13.03 ? 129  GLU A N   1 
ATOM   1085 C  CA  . GLU A 1 129 ? 8.719   -4.402  4.305   1.00 10.03 ? 129  GLU A CA  1 
ATOM   1086 C  C   . GLU A 1 129 ? 10.023  -4.120  5.062   1.00 17.56 ? 129  GLU A C   1 
ATOM   1087 O  O   . GLU A 1 129 ? 9.996   -3.698  6.218   1.00 17.37 ? 129  GLU A O   1 
ATOM   1088 C  CB  . GLU A 1 129 ? 8.422   -5.885  4.255   1.00 18.88 ? 129  GLU A CB  1 
ATOM   1089 C  CG  . GLU A 1 129 ? 8.501   -6.633  5.520   1.00 25.08 ? 129  GLU A CG  1 
ATOM   1090 C  CD  . GLU A 1 129 ? 8.469   -8.110  5.209   1.00 30.78 ? 129  GLU A CD  1 
ATOM   1091 O  OE1 . GLU A 1 129 ? 9.539   -8.747  5.246   1.00 29.13 ? 129  GLU A OE1 1 
ATOM   1092 O  OE2 . GLU A 1 129 ? 7.384   -8.609  4.851   1.00 26.26 ? 129  GLU A OE2 1 
ATOM   1093 N  N   . THR A 1 130 ? 11.148  -4.372  4.391   1.00 14.72 ? 130  THR A N   1 
ATOM   1094 C  CA  . THR A 1 130 ? 12.463  -3.866  4.779   1.00 17.91 ? 130  THR A CA  1 
ATOM   1095 C  C   . THR A 1 130 ? 13.157  -3.464  3.480   1.00 21.08 ? 130  THR A C   1 
ATOM   1096 O  O   . THR A 1 130 ? 12.632  -3.703  2.394   1.00 17.16 ? 130  THR A O   1 
ATOM   1097 C  CB  . THR A 1 130 ? 13.325  -4.948  5.460   1.00 17.06 ? 130  THR A CB  1 
ATOM   1098 O  OG1 . THR A 1 130 ? 13.783  -5.860  4.471   1.00 17.16 ? 130  THR A OG1 1 
ATOM   1099 C  CG2 . THR A 1 130 ? 12.521  -5.716  6.543   1.00 16.85 ? 130  THR A CG2 1 
ATOM   1100 N  N   . PRO A 1 131 ? 14.329  -2.836  3.584   1.00 17.94 ? 131  PRO A N   1 
ATOM   1101 C  CA  . PRO A 1 131 ? 15.065  -2.471  2.371   1.00 26.07 ? 131  PRO A CA  1 
ATOM   1102 C  C   . PRO A 1 131 ? 15.404  -3.651  1.467   1.00 20.11 ? 131  PRO A C   1 
ATOM   1103 O  O   . PRO A 1 131 ? 15.742  -3.455  0.298   1.00 27.85 ? 131  PRO A O   1 
ATOM   1104 C  CB  . PRO A 1 131 ? 16.328  -1.765  2.915   1.00 22.60 ? 131  PRO A CB  1 
ATOM   1105 C  CG  . PRO A 1 131 ? 15.859  -1.210  4.277   1.00 20.75 ? 131  PRO A CG  1 
ATOM   1106 C  CD  . PRO A 1 131 ? 15.001  -2.354  4.810   1.00 21.32 ? 131  PRO A CD  1 
ATOM   1107 N  N   . LYS A 1 132 ? 15.279  -4.863  1.980   1.00 14.94 ? 132  LYS A N   1 
ATOM   1108 C  CA  . LYS A 1 132 ? 15.666  -6.056  1.247   1.00 23.39 ? 132  LYS A CA  1 
ATOM   1109 C  C   . LYS A 1 132 ? 14.498  -6.879  0.703   1.00 15.68 ? 132  LYS A C   1 
ATOM   1110 O  O   . LYS A 1 132 ? 14.728  -7.810  -0.073  1.00 15.03 ? 132  LYS A O   1 
ATOM   1111 C  CB  . LYS A 1 132 ? 16.522  -6.978  2.119   1.00 29.86 ? 132  LYS A CB  1 
ATOM   1112 C  CG  . LYS A 1 132 ? 17.931  -6.458  2.401   1.00 33.71 ? 132  LYS A CG  1 
ATOM   1113 C  CD  . LYS A 1 132 ? 18.542  -7.159  3.615   1.00 40.39 ? 132  LYS A CD  1 
ATOM   1114 C  CE  . LYS A 1 132 ? 18.612  -8.672  3.441   1.00 59.91 ? 132  LYS A CE  1 
ATOM   1115 N  NZ  . LYS A 1 132 ? 19.787  -9.099  2.620   1.00 62.16 ? 132  LYS A NZ  1 
ATOM   1116 N  N   . ASN A 1 133 ? 13.272  -6.560  1.125   1.00 14.72 ? 133  ASN A N   1 
ATOM   1117 C  CA  . ASN A 1 133 ? 12.082  -7.370  0.807   1.00 12.09 ? 133  ASN A CA  1 
ATOM   1118 C  C   . ASN A 1 133 ? 11.015  -6.429  0.245   1.00 12.59 ? 133  ASN A C   1 
ATOM   1119 O  O   . ASN A 1 133 ? 10.436  -5.633  0.994   1.00 14.74 ? 133  ASN A O   1 
ATOM   1120 C  CB  . ASN A 1 133 ? 11.512  -8.039  2.069   1.00 15.57 ? 133  ASN A CB  1 
ATOM   1121 C  CG  . ASN A 1 133 ? 12.454  -9.066  2.683   1.00 28.00 ? 133  ASN A CG  1 
ATOM   1122 O  OD1 . ASN A 1 133 ? 13.096  -9.830  1.975   1.00 21.98 ? 133  ASN A OD1 1 
ATOM   1123 N  ND2 . ASN A 1 133 ? 12.508  -9.108  4.009   1.00 29.26 ? 133  ASN A ND2 1 
ATOM   1124 N  N   . ILE A 1 134 ? 10.774  -6.519  -1.063  1.00 10.89 ? 134  ILE A N   1 
ATOM   1125 C  CA  A ILE A 1 134 ? 9.975   -5.532  -1.792  0.50 11.38 ? 134  ILE A CA  1 
ATOM   1126 C  CA  B ILE A 1 134 ? 9.946   -5.537  -1.761  0.50 8.99  ? 134  ILE A CA  1 
ATOM   1127 C  C   . ILE A 1 134 ? 8.811   -6.220  -2.514  1.00 13.49 ? 134  ILE A C   1 
ATOM   1128 O  O   . ILE A 1 134 ? 9.021   -7.211  -3.212  1.00 15.93 ? 134  ILE A O   1 
ATOM   1129 C  CB  A ILE A 1 134 ? 10.855  -4.803  -2.837  0.50 13.86 ? 134  ILE A CB  1 
ATOM   1130 C  CB  B ILE A 1 134 ? 10.793  -4.714  -2.746  0.50 12.74 ? 134  ILE A CB  1 
ATOM   1131 C  CG1 A ILE A 1 134 ? 12.017  -4.072  -2.149  0.50 29.79 ? 134  ILE A CG1 1 
ATOM   1132 C  CG1 B ILE A 1 134 ? 11.902  -3.978  -1.990  0.50 5.89  ? 134  ILE A CG1 1 
ATOM   1133 C  CG2 A ILE A 1 134 ? 10.028  -3.819  -3.661  0.50 18.84 ? 134  ILE A CG2 1 
ATOM   1134 C  CG2 B ILE A 1 134 ? 9.928   -3.709  -3.506  0.50 9.64  ? 134  ILE A CG2 1 
ATOM   1135 C  CD1 A ILE A 1 134 ? 13.338  -4.838  -2.146  0.50 8.15  ? 134  ILE A CD1 1 
ATOM   1136 C  CD1 B ILE A 1 134 ? 13.205  -3.890  -2.764  0.50 23.09 ? 134  ILE A CD1 1 
ATOM   1137 N  N   . PHE A 1 135 ? 7.604   -5.665  -2.374  1.00 12.90 ? 135  PHE A N   1 
ATOM   1138 C  CA  . PHE A 1 135 ? 6.390   -6.244  -2.992  1.00 13.94 ? 135  PHE A CA  1 
ATOM   1139 C  C   . PHE A 1 135 ? 5.630   -5.233  -3.839  1.00 15.33 ? 135  PHE A C   1 
ATOM   1140 O  O   . PHE A 1 135 ? 5.536   -4.050  -3.467  1.00 12.68 ? 135  PHE A O   1 
ATOM   1141 C  CB  . PHE A 1 135 ? 5.473   -6.778  -1.893  1.00 12.35 ? 135  PHE A CB  1 
ATOM   1142 C  CG  . PHE A 1 135 ? 6.178   -7.732  -0.977  1.00 17.26 ? 135  PHE A CG  1 
ATOM   1143 C  CD1 . PHE A 1 135 ? 6.058   -9.098  -1.163  1.00 16.10 ? 135  PHE A CD1 1 
ATOM   1144 C  CD2 . PHE A 1 135 ? 7.023   -7.253  0.026   1.00 14.58 ? 135  PHE A CD2 1 
ATOM   1145 C  CE1 . PHE A 1 135 ? 6.753   -10.000 -0.349  1.00 16.08 ? 135  PHE A CE1 1 
ATOM   1146 C  CE2 . PHE A 1 135 ? 7.730   -8.157  0.846   1.00 15.92 ? 135  PHE A CE2 1 
ATOM   1147 C  CZ  . PHE A 1 135 ? 7.584   -9.526  0.651   1.00 13.68 ? 135  PHE A CZ  1 
ATOM   1148 N  N   . THR A 1 136 ? 5.064   -5.694  -4.962  1.00 10.12 ? 136  THR A N   1 
ATOM   1149 C  CA  . THR A 1 136 ? 4.283   -4.776  -5.786  1.00 10.81 ? 136  THR A CA  1 
ATOM   1150 C  C   . THR A 1 136 ? 2.992   -5.420  -6.232  1.00 15.50 ? 136  THR A C   1 
ATOM   1151 O  O   . THR A 1 136 ? 2.878   -6.656  -6.312  1.00 14.82 ? 136  THR A O   1 
ATOM   1152 C  CB  . THR A 1 136 ? 5.051   -4.246  -7.012  1.00 14.80 ? 136  THR A CB  1 
ATOM   1153 O  OG1 . THR A 1 136 ? 5.029   -5.211  -8.071  1.00 14.21 ? 136  THR A OG1 1 
ATOM   1154 C  CG2 . THR A 1 136 ? 6.516   -3.845  -6.638  1.00 14.50 ? 136  THR A CG2 1 
ATOM   1155 N  N   . TYR A 1 137 ? 2.031   -4.570  -6.527  1.00 12.63 ? 137  TYR A N   1 
ATOM   1156 C  CA  . TYR A 1 137 ? 0.694   -5.039  -6.891  1.00 15.29 ? 137  TYR A CA  1 
ATOM   1157 C  C   . TYR A 1 137 ? 0.114   -4.020  -7.858  1.00 14.73 ? 137  TYR A C   1 
ATOM   1158 O  O   . TYR A 1 137 ? 0.261   -2.810  -7.646  1.00 15.84 ? 137  TYR A O   1 
ATOM   1159 C  CB  . TYR A 1 137 ? -0.185  -5.153  -5.656  1.00 11.34 ? 137  TYR A CB  1 
ATOM   1160 C  CG  . TYR A 1 137 ? -1.592  -5.618  -5.961  1.00 13.27 ? 137  TYR A CG  1 
ATOM   1161 C  CD1 . TYR A 1 137 ? -1.817  -6.825  -6.606  1.00 13.30 ? 137  TYR A CD1 1 
ATOM   1162 C  CD2 . TYR A 1 137 ? -2.691  -4.834  -5.603  1.00 21.05 ? 137  TYR A CD2 1 
ATOM   1163 C  CE1 . TYR A 1 137 ? -3.130  -7.249  -6.890  1.00 16.28 ? 137  TYR A CE1 1 
ATOM   1164 C  CE2 . TYR A 1 137 ? -3.979  -5.242  -5.870  1.00 17.12 ? 137  TYR A CE2 1 
ATOM   1165 C  CZ  . TYR A 1 137 ? -4.190  -6.455  -6.502  1.00 19.60 ? 137  TYR A CZ  1 
ATOM   1166 O  OH  . TYR A 1 137 ? -5.468  -6.866  -6.753  1.00 26.94 ? 137  TYR A OH  1 
ATOM   1167 N  N   . LYS A 1 138 ? -0.499  -4.522  -8.931  1.00 12.68 ? 138  LYS A N   1 
ATOM   1168 C  CA  . LYS A 1 138 ? -1.101  -3.661  -9.959  1.00 14.28 ? 138  LYS A CA  1 
ATOM   1169 C  C   . LYS A 1 138 ? -2.615  -3.808  -10.106 1.00 23.53 ? 138  LYS A C   1 
ATOM   1170 O  O   . LYS A 1 138 ? -3.218  -3.280  -11.055 1.00 18.80 ? 138  LYS A O   1 
ATOM   1171 C  CB  . LYS A 1 138 ? -0.444  -3.883  -11.324 1.00 20.24 ? 138  LYS A CB  1 
ATOM   1172 C  CG  . LYS A 1 138 ? 0.994   -3.394  -11.426 1.00 21.74 ? 138  LYS A CG  1 
ATOM   1173 C  CD  . LYS A 1 138 ? 1.586   -3.878  -12.754 1.00 26.50 ? 138  LYS A CD  1 
ATOM   1174 C  CE  . LYS A 1 138 ? 2.880   -3.192  -13.087 1.00 39.18 ? 138  LYS A CE  1 
ATOM   1175 N  NZ  . LYS A 1 138 ? 3.198   -3.361  -14.555 1.00 33.52 ? 138  LYS A NZ  1 
ATOM   1176 N  N   . GLY A 1 139 ? -3.228  -4.506  -9.168  1.00 17.01 ? 139  GLY A N   1 
ATOM   1177 C  CA  . GLY A 1 139 ? -4.689  -4.610  -9.140  1.00 21.01 ? 139  GLY A CA  1 
ATOM   1178 C  C   . GLY A 1 139 ? -5.163  -5.783  -9.981  1.00 41.74 ? 139  GLY A C   1 
ATOM   1179 O  O   . GLY A 1 139 ? -4.361  -6.591  -10.449 1.00 30.13 ? 139  GLY A O   1 
ATOM   1180 N  N   . SER A 1 140 ? -6.476  -5.870  -10.170 1.00 34.44 ? 140  SER A N   1 
ATOM   1181 C  CA  . SER A 1 140 ? -7.067  -6.859  -11.067 1.00 63.60 ? 140  SER A CA  1 
ATOM   1182 C  C   . SER A 1 140 ? -6.912  -6.434  -12.527 1.00 67.79 ? 140  SER A C   1 
ATOM   1183 O  O   . SER A 1 140 ? -6.362  -5.374  -12.839 1.00 89.58 ? 140  SER A O   1 
ATOM   1184 C  CB  . SER A 1 140 ? -8.551  -7.052  -10.740 1.00 64.08 ? 140  SER A CB  1 
ATOM   1185 O  OG  . SER A 1 140 ? -8.722  -7.649  -9.466  1.00 89.29 ? 140  SER A OG  1 
ATOM   1186 O  OXT . SER A 1 140 ? -7.345  -7.141  -13.434 1.00 75.81 ? 140  SER A OXT 1 
HETATM 1187 NA NA  . NA  B 2 .   ? 11.457  -0.760  4.564   1.00 29.42 ? 1001 NA  A NA  1 
HETATM 1188 NA NA  . NA  C 2 .   ? 5.334   -11.860 15.200  1.00 30.42 ? 1002 NA  A NA  1 
HETATM 1189 ZN ZN  . ZN  D 3 .   ? 6.985   -8.838  9.511   0.80 19.71 ? 2001 ZN  A ZN  1 
HETATM 1190 C  C1  . GOL E 4 .   ? 6.863   -0.153  -13.001 1.00 29.28 ? 3001 GOL A C1  1 
HETATM 1191 O  O1  . GOL E 4 .   ? 6.071   0.231   -11.936 1.00 29.91 ? 3001 GOL A O1  1 
HETATM 1192 C  C2  . GOL E 4 .   ? 6.139   -1.233  -13.733 1.00 27.22 ? 3001 GOL A C2  1 
HETATM 1193 O  O2  . GOL E 4 .   ? 5.827   -0.698  -14.992 1.00 47.61 ? 3001 GOL A O2  1 
HETATM 1194 C  C3  . GOL E 4 .   ? 7.104   -2.400  -13.824 1.00 66.65 ? 3001 GOL A C3  1 
HETATM 1195 O  O3  . GOL E 4 .   ? 6.639   -3.535  -13.128 1.00 38.37 ? 3001 GOL A O3  1 
HETATM 1196 O  O   . HOH F 5 .   ? 7.186   7.029   -11.880 1.00 16.00 ? 3002 HOH A O   1 
HETATM 1197 O  O   . HOH F 5 .   ? -3.791  -11.020 10.368  1.00 17.24 ? 3003 HOH A O   1 
HETATM 1198 O  O   . HOH F 5 .   ? 2.412   20.686  -20.067 1.00 14.97 ? 3004 HOH A O   1 
HETATM 1199 O  O   . HOH F 5 .   ? 8.651   5.085   -10.740 1.00 17.51 ? 3005 HOH A O   1 
HETATM 1200 O  O   . HOH F 5 .   ? 3.693   -7.244  6.367   1.00 14.52 ? 3006 HOH A O   1 
HETATM 1201 O  O   . HOH F 5 .   ? -1.155  12.267  -30.169 1.00 16.39 ? 3007 HOH A O   1 
HETATM 1202 O  O   . HOH F 5 .   ? -9.917  -9.320  4.991   1.00 18.02 ? 3008 HOH A O   1 
HETATM 1203 O  O   . HOH F 5 .   ? -10.008 -2.477  7.482   1.00 18.22 ? 3009 HOH A O   1 
HETATM 1204 O  O   . HOH F 5 .   ? 4.891   1.740   -6.836  1.00 15.19 ? 3010 HOH A O   1 
HETATM 1205 O  O   . HOH F 5 .   ? -0.609  -8.497  15.776  1.00 17.16 ? 3011 HOH A O   1 
HETATM 1206 O  O   . HOH F 5 .   ? -3.056  11.728  -16.257 1.00 19.15 ? 3012 HOH A O   1 
HETATM 1207 O  O   . HOH F 5 .   ? 8.310   1.647   -8.679  1.00 26.56 ? 3013 HOH A O   1 
HETATM 1208 O  O   . HOH F 5 .   ? -10.377 -14.721 10.955  1.00 24.17 ? 3014 HOH A O   1 
HETATM 1209 O  O   . HOH F 5 .   ? -2.257  -1.327  -12.957 1.00 21.11 ? 3015 HOH A O   1 
HETATM 1210 O  O   . HOH F 5 .   ? 8.475   -0.424  -7.236  1.00 22.57 ? 3016 HOH A O   1 
HETATM 1211 O  O   . HOH F 5 .   ? -1.363  -12.363 10.183  1.00 17.24 ? 3017 HOH A O   1 
HETATM 1212 O  O   . HOH F 5 .   ? -12.052 -8.577  8.513   1.00 23.62 ? 3018 HOH A O   1 
HETATM 1213 O  O   . HOH F 5 .   ? 12.958  0.037   2.529   1.00 22.09 ? 3019 HOH A O   1 
HETATM 1214 O  O   . HOH F 5 .   ? 6.266   -13.435 21.954  1.00 23.26 ? 3020 HOH A O   1 
HETATM 1215 O  O   . HOH F 5 .   ? 7.600   -18.042 16.217  1.00 29.83 ? 3021 HOH A O   1 
HETATM 1216 O  O   . HOH F 5 .   ? -10.730 -15.270 6.445   1.00 18.70 ? 3022 HOH A O   1 
HETATM 1217 O  O   . HOH F 5 .   ? 0.621   9.413   -26.166 1.00 24.22 ? 3023 HOH A O   1 
HETATM 1218 O  O   . HOH F 5 .   ? -4.965  -8.682  0.569   1.00 19.38 ? 3024 HOH A O   1 
HETATM 1219 O  O   . HOH F 5 .   ? -1.714  -11.923 13.832  1.00 21.19 ? 3025 HOH A O   1 
HETATM 1220 O  O   . HOH F 5 .   ? -8.630  7.239   6.928   1.00 26.53 ? 3026 HOH A O   1 
HETATM 1221 O  O   . HOH F 5 .   ? 0.355   10.044  -29.079 1.00 23.51 ? 3027 HOH A O   1 
HETATM 1222 O  O   . HOH F 5 .   ? -6.942  1.578   11.537  1.00 29.66 ? 3028 HOH A O   1 
HETATM 1223 O  O   . HOH F 5 .   ? -4.517  9.483   -18.963 1.00 25.23 ? 3029 HOH A O   1 
HETATM 1224 O  O   . HOH F 5 .   ? -8.376  -18.535 3.216   1.00 25.26 ? 3030 HOH A O   1 
HETATM 1225 O  O   . HOH F 5 .   ? -5.936  13.932  -24.739 1.00 25.66 ? 3031 HOH A O   1 
HETATM 1226 O  O   . HOH F 5 .   ? 1.616   13.105  -27.544 1.00 25.55 ? 3032 HOH A O   1 
HETATM 1227 O  O   . HOH F 5 .   ? -0.787  -25.028 20.677  1.00 25.28 ? 3033 HOH A O   1 
HETATM 1228 O  O   . HOH F 5 .   ? -2.593  6.378   12.342  1.00 25.10 ? 3034 HOH A O   1 
HETATM 1229 O  O   . HOH F 5 .   ? 0.916   12.850  -32.009 1.00 17.27 ? 3035 HOH A O   1 
HETATM 1230 O  O   . HOH F 5 .   ? 12.445  2.321   5.916   1.00 20.67 ? 3036 HOH A O   1 
HETATM 1231 O  O   . HOH F 5 .   ? -2.384  -10.656 16.315  1.00 24.52 ? 3037 HOH A O   1 
HETATM 1232 O  O   . HOH F 5 .   ? -5.987  13.554  4.027   1.00 27.14 ? 3038 HOH A O   1 
HETATM 1233 O  O   . HOH F 5 .   ? -2.838  24.309  -22.670 1.00 23.98 ? 3039 HOH A O   1 
HETATM 1234 O  O   . HOH F 5 .   ? 3.603   8.445   -24.570 1.00 22.83 ? 3040 HOH A O   1 
HETATM 1235 O  O   . HOH F 5 .   ? -5.266  12.382  6.695   1.00 28.52 ? 3041 HOH A O   1 
HETATM 1236 O  O   . HOH F 5 .   ? 1.332   -20.689 16.398  1.00 22.52 ? 3042 HOH A O   1 
HETATM 1237 O  O   . HOH F 5 .   ? -5.679  21.547  -16.328 1.00 36.74 ? 3043 HOH A O   1 
HETATM 1238 O  O   . HOH F 5 .   ? -6.959  10.398  -24.662 1.00 23.55 ? 3044 HOH A O   1 
HETATM 1239 O  O   . HOH F 5 .   ? -8.218  -12.496 13.533  1.00 26.52 ? 3045 HOH A O   1 
HETATM 1240 O  O   . HOH F 5 .   ? -3.536  18.849  -13.516 1.00 31.01 ? 3046 HOH A O   1 
HETATM 1241 O  O   . HOH F 5 .   ? 11.068  -0.362  -4.719  1.00 29.03 ? 3047 HOH A O   1 
HETATM 1242 O  O   . HOH F 5 .   ? 0.615   12.221  2.169   1.00 31.30 ? 3048 HOH A O   1 
HETATM 1243 O  O   . HOH F 5 .   ? -1.175  -7.036  -10.063 1.00 28.16 ? 3049 HOH A O   1 
HETATM 1244 O  O   . HOH F 5 .   ? 9.091   -16.198 17.470  1.00 29.77 ? 3050 HOH A O   1 
HETATM 1245 O  O   . HOH F 5 .   ? 13.952  2.534   3.679   1.00 24.39 ? 3051 HOH A O   1 
HETATM 1246 O  O   . HOH F 5 .   ? -10.229 -16.643 8.847   1.00 26.08 ? 3052 HOH A O   1 
HETATM 1247 O  O   . HOH F 5 .   ? -8.320  9.744   8.378   1.00 30.85 ? 3053 HOH A O   1 
HETATM 1248 O  O   . HOH F 5 .   ? -8.935  0.298   7.345   1.00 23.59 ? 3054 HOH A O   1 
HETATM 1249 O  O   . HOH F 5 .   ? 0.488   -9.987  19.647  1.00 32.70 ? 3055 HOH A O   1 
HETATM 1250 O  O   . HOH F 5 .   ? 5.998   -26.529 14.552  1.00 30.87 ? 3056 HOH A O   1 
HETATM 1251 O  O   . HOH F 5 .   ? 1.229   -8.448  17.692  1.00 23.37 ? 3057 HOH A O   1 
HETATM 1252 O  O   . HOH F 5 .   ? -10.014 -3.040  16.430  1.00 40.78 ? 3058 HOH A O   1 
HETATM 1253 O  O   . HOH F 5 .   ? -4.251  17.749  -25.574 1.00 29.36 ? 3059 HOH A O   1 
HETATM 1254 O  O   . HOH F 5 .   ? -11.895 -19.465 1.800   1.00 26.16 ? 3060 HOH A O   1 
HETATM 1255 O  O   . HOH F 5 .   ? 5.100   -26.114 16.949  1.00 32.07 ? 3061 HOH A O   1 
HETATM 1256 O  O   . HOH F 5 .   ? 10.701  4.345   6.257   1.00 26.56 ? 3062 HOH A O   1 
HETATM 1257 O  O   . HOH F 5 .   ? -11.890 -18.797 9.670   1.00 29.35 ? 3063 HOH A O   1 
HETATM 1258 O  O   . HOH F 5 .   ? -10.360 -0.847  10.922  1.00 23.49 ? 3064 HOH A O   1 
HETATM 1259 O  O   . HOH F 5 .   ? -1.217  -29.192 14.339  1.00 26.34 ? 3065 HOH A O   1 
HETATM 1260 O  O   . HOH F 5 .   ? 16.350  3.229   4.098   0.50 19.31 ? 3066 HOH A O   1 
HETATM 1261 O  O   . HOH F 5 .   ? -1.822  3.285   -17.763 1.00 32.29 ? 3067 HOH A O   1 
HETATM 1262 O  O   . HOH F 5 .   ? 6.895   -13.805 0.976   1.00 31.08 ? 3068 HOH A O   1 
HETATM 1263 O  O   . HOH F 5 .   ? -4.988  -10.824 16.678  1.00 26.85 ? 3069 HOH A O   1 
HETATM 1264 O  O   . HOH F 5 .   ? -2.777  3.911   -15.476 1.00 28.89 ? 3070 HOH A O   1 
HETATM 1265 O  O   . HOH F 5 .   ? -5.855  -13.765 14.092  1.00 34.01 ? 3071 HOH A O   1 
HETATM 1266 O  O   . HOH F 5 .   ? -1.660  4.969   16.924  1.00 30.47 ? 3072 HOH A O   1 
HETATM 1267 O  O   . HOH F 5 .   ? 3.201   14.155  -31.357 1.00 31.74 ? 3073 HOH A O   1 
HETATM 1268 O  O   . HOH F 5 .   ? 2.924   -24.732 18.102  1.00 29.99 ? 3074 HOH A O   1 
HETATM 1269 O  O   . HOH F 5 .   ? -5.276  15.364  -10.334 1.00 31.02 ? 3075 HOH A O   1 
HETATM 1270 O  O   . HOH F 5 .   ? -3.800  -13.070 12.602  1.00 23.51 ? 3076 HOH A O   1 
HETATM 1271 O  O   . HOH F 5 .   ? -1.295  -5.972  21.659  1.00 36.16 ? 3077 HOH A O   1 
HETATM 1272 O  O   . HOH F 5 .   ? 10.886  4.210   -7.161  1.00 27.39 ? 3078 HOH A O   1 
HETATM 1273 O  O   . HOH F 5 .   ? 5.236   -19.020 17.438  1.00 29.37 ? 3079 HOH A O   1 
HETATM 1274 O  O   . HOH F 5 .   ? 15.219  -7.922  5.365   1.00 34.71 ? 3080 HOH A O   1 
HETATM 1275 O  O   . HOH F 5 .   ? 11.208  5.969   4.441   1.00 28.23 ? 3081 HOH A O   1 
HETATM 1276 O  O   . HOH F 5 .   ? 2.512   7.803   7.602   1.00 29.58 ? 3082 HOH A O   1 
HETATM 1277 O  O   . HOH F 5 .   ? -10.972 0.001   -3.891  1.00 34.62 ? 3083 HOH A O   1 
HETATM 1278 O  O   . HOH F 5 .   ? 7.699   5.821   16.457  1.00 31.89 ? 3084 HOH A O   1 
HETATM 1279 O  O   . HOH F 5 .   ? -4.322  2.309   -14.347 1.00 27.27 ? 3085 HOH A O   1 
HETATM 1280 O  O   . HOH F 5 .   ? 2.498   11.414  0.423   1.00 38.10 ? 3086 HOH A O   1 
HETATM 1281 O  O   . HOH F 5 .   ? 2.900   -5.935  -9.913  1.00 28.21 ? 3087 HOH A O   1 
HETATM 1282 O  O   . HOH F 5 .   ? 13.133  4.828   2.751   1.00 36.10 ? 3088 HOH A O   1 
HETATM 1283 O  O   . HOH F 5 .   ? -11.407 7.640   -12.459 1.00 40.74 ? 3089 HOH A O   1 
HETATM 1284 O  O   . HOH F 5 .   ? -6.970  19.298  -22.215 1.00 32.26 ? 3090 HOH A O   1 
HETATM 1285 O  O   . HOH F 5 .   ? 1.487   17.834  -8.924  1.00 29.09 ? 3091 HOH A O   1 
HETATM 1286 O  O   . HOH F 5 .   ? -1.929  -12.642 18.148  1.00 35.45 ? 3092 HOH A O   1 
HETATM 1287 O  O   . HOH F 5 .   ? 9.868   5.530   8.328   1.00 29.54 ? 3093 HOH A O   1 
HETATM 1288 O  O   . HOH F 5 .   ? -4.139  15.390  -21.359 1.00 27.26 ? 3094 HOH A O   1 
HETATM 1289 O  O   . HOH F 5 .   ? 2.545   10.801  -27.599 1.00 42.03 ? 3095 HOH A O   1 
HETATM 1290 O  O   . HOH F 5 .   ? 5.171   6.068   -19.350 1.00 43.80 ? 3096 HOH A O   1 
HETATM 1291 O  O   . HOH F 5 .   ? 7.707   4.910   9.509   1.00 41.56 ? 3097 HOH A O   1 
HETATM 1292 O  O   . HOH F 5 .   ? -3.757  -21.562 14.937  1.00 41.83 ? 3098 HOH A O   1 
HETATM 1293 O  O   . HOH F 5 .   ? 3.165   -27.460 8.434   1.00 36.34 ? 3099 HOH A O   1 
HETATM 1294 O  O   . HOH F 5 .   ? 4.656   10.143  -26.463 1.00 36.89 ? 3100 HOH A O   1 
HETATM 1295 O  O   . HOH F 5 .   ? 4.878   2.654   -18.412 1.00 46.61 ? 3101 HOH A O   1 
HETATM 1296 O  O   . HOH F 5 .   ? 9.750   7.020   2.598   1.00 40.07 ? 3102 HOH A O   1 
HETATM 1297 O  O   . HOH F 5 .   ? 11.937  8.023   6.007   1.00 37.35 ? 3103 HOH A O   1 
HETATM 1298 O  O   . HOH F 5 .   ? -4.093  -22.648 20.652  1.00 28.63 ? 3104 HOH A O   1 
HETATM 1299 O  O   . HOH F 5 .   ? -3.413  -19.756 18.642  1.00 45.45 ? 3105 HOH A O   1 
HETATM 1300 O  O   . HOH F 5 .   ? -5.793  -19.638 18.166  1.00 50.99 ? 3106 HOH A O   1 
HETATM 1301 O  O   . HOH F 5 .   ? -5.897  -19.557 15.459  1.00 47.35 ? 3107 HOH A O   1 
HETATM 1302 O  O   . HOH F 5 .   ? -3.659  -0.028  -14.745 1.00 40.38 ? 3108 HOH A O   1 
HETATM 1303 O  O   . HOH F 5 .   ? -0.465  21.057  -6.551  1.00 55.15 ? 3109 HOH A O   1 
HETATM 1304 O  O   . HOH F 5 .   ? 2.156   19.046  -2.939  1.00 44.23 ? 3110 HOH A O   1 
HETATM 1305 O  O   . HOH F 5 .   ? -9.020  1.139   9.786   1.00 34.26 ? 3111 HOH A O   1 
HETATM 1306 O  O   . HOH F 5 .   ? -5.167  2.024   16.888  1.00 50.52 ? 3112 HOH A O   1 
HETATM 1307 O  O   . HOH F 5 .   ? 9.560   -12.145 1.618   1.00 34.16 ? 3113 HOH A O   1 
HETATM 1308 O  O   . HOH F 5 .   ? 5.548   -12.169 3.147   1.00 39.11 ? 3114 HOH A O   1 
HETATM 1309 O  O   . HOH F 5 .   ? -10.751 -0.476  0.649   1.00 36.76 ? 3115 HOH A O   1 
HETATM 1310 O  O   . HOH F 5 .   ? 8.274   2.963   -15.167 1.00 26.16 ? 3116 HOH A O   1 
HETATM 1311 O  O   . HOH F 5 .   ? 12.807  -0.061  6.888   1.00 35.15 ? 3117 HOH A O   1 
HETATM 1312 O  O   . HOH F 5 .   ? -1.182  8.640   11.278  1.00 57.35 ? 3118 HOH A O   1 
HETATM 1313 O  O   . HOH F 5 .   ? -0.158  11.121  6.768   1.00 46.45 ? 3119 HOH A O   1 
HETATM 1314 O  O   . HOH F 5 .   ? -13.623 -8.736  10.487  1.00 37.42 ? 3120 HOH A O   1 
HETATM 1315 O  O   . HOH F 5 .   ? 5.562   -2.402  -17.046 1.00 49.46 ? 3121 HOH A O   1 
HETATM 1316 O  O   . HOH F 5 .   ? 14.957  -1.107  -1.143  1.00 42.48 ? 3122 HOH A O   1 
HETATM 1317 O  O   . HOH F 5 .   ? -2.302  18.179  0.055   1.00 38.25 ? 3123 HOH A O   1 
HETATM 1318 O  O   . HOH F 5 .   ? 12.075  -17.767 11.083  1.00 35.03 ? 3124 HOH A O   1 
HETATM 1319 O  O   . HOH F 5 .   ? -7.887  -1.192  17.859  1.00 37.62 ? 3125 HOH A O   1 
HETATM 1320 O  O   . HOH F 5 .   ? -7.072  1.634   -14.251 1.00 49.92 ? 3126 HOH A O   1 
HETATM 1321 O  O   . HOH F 5 .   ? -10.711 -1.317  13.653  1.00 48.25 ? 3127 HOH A O   1 
HETATM 1322 O  O   . HOH F 5 .   ? 3.220   -6.813  17.761  1.00 33.57 ? 3128 HOH A O   1 
HETATM 1323 O  O   . HOH F 5 .   ? -3.393  16.301  -14.005 1.00 34.79 ? 3129 HOH A O   1 
HETATM 1324 O  O   . HOH F 5 .   ? -9.144  13.979  -3.018  1.00 36.98 ? 3130 HOH A O   1 
HETATM 1325 O  O   . HOH F 5 .   ? 5.437   7.373   10.821  1.00 37.93 ? 3131 HOH A O   1 
HETATM 1326 O  O   . HOH F 5 .   ? -7.466  -6.129  -5.339  1.00 38.04 ? 3132 HOH A O   1 
HETATM 1327 O  O   . HOH F 5 .   ? 8.236   8.915   4.624   1.00 47.22 ? 3133 HOH A O   1 
HETATM 1328 O  O   . HOH F 5 .   ? 13.216  2.894   -0.742  1.00 34.07 ? 3134 HOH A O   1 
HETATM 1329 O  O   . HOH F 5 .   ? 9.574   -22.502 10.392  1.00 35.67 ? 3135 HOH A O   1 
HETATM 1330 O  O   . HOH F 5 .   ? -12.456 3.975   1.738   1.00 40.63 ? 3136 HOH A O   1 
HETATM 1331 O  O   . HOH F 5 .   ? 5.890   -16.815 20.056  1.00 36.04 ? 3137 HOH A O   1 
HETATM 1332 O  O   . HOH F 5 .   ? 3.177   -6.161  -15.079 1.00 51.37 ? 3138 HOH A O   1 
HETATM 1333 O  O   . HOH F 5 .   ? 7.100   -10.209 8.309   1.00 26.05 ? 3139 HOH A O   1 
HETATM 1334 O  O   . HOH F 5 .   ? -0.365  -13.968 21.250  1.00 53.25 ? 3140 HOH A O   1 
HETATM 1335 O  O   . HOH F 5 .   ? 1.314   -10.312 26.142  1.00 49.92 ? 3141 HOH A O   1 
HETATM 1336 O  O   . HOH F 5 .   ? -8.461  -2.235  1.195   1.00 34.25 ? 3142 HOH A O   1 
HETATM 1337 O  O   . HOH F 5 .   ? -2.746  21.532  -9.391  1.00 31.47 ? 3143 HOH A O   1 
HETATM 1338 O  O   . HOH F 5 .   ? -6.900  -9.900  14.928  1.00 29.29 ? 3144 HOH A O   1 
HETATM 1339 O  O   . HOH F 5 .   ? 11.174  -9.221  7.229   1.00 32.52 ? 3145 HOH A O   1 
HETATM 1340 O  O   . HOH F 5 .   ? 7.717   6.396   12.771  1.00 39.99 ? 3146 HOH A O   1 
HETATM 1341 O  O   . HOH F 5 .   ? 3.898   -12.169 26.855  1.00 35.44 ? 3147 HOH A O   1 
HETATM 1342 O  O   . HOH F 5 .   ? -10.866 1.856   6.155   1.00 41.18 ? 3148 HOH A O   1 
HETATM 1343 O  O   . HOH F 5 .   ? -5.256  13.166  -13.338 1.00 44.05 ? 3149 HOH A O   1 
HETATM 1344 O  O   . HOH F 5 .   ? -4.340  6.983   -17.086 1.00 44.22 ? 3150 HOH A O   1 
HETATM 1345 O  O   . HOH F 5 .   ? 11.556  -10.978 -0.100  1.00 31.72 ? 3151 HOH A O   1 
HETATM 1346 O  O   . HOH F 5 .   ? 18.679  -3.166  -0.041  1.00 37.17 ? 3152 HOH A O   1 
HETATM 1347 O  O   . HOH F 5 .   ? -0.095  -19.494 18.530  1.00 34.97 ? 3153 HOH A O   1 
HETATM 1348 O  O   . HOH F 5 .   ? 12.283  4.883   -2.359  1.00 37.98 ? 3154 HOH A O   1 
HETATM 1349 O  O   . HOH F 5 .   ? 1.757   -13.653 23.986  1.00 37.72 ? 3155 HOH A O   1 
HETATM 1350 O  O   . HOH F 5 .   ? 16.855  -5.715  5.769   1.00 37.36 ? 3156 HOH A O   1 
HETATM 1351 O  O   . HOH F 5 .   ? -8.193  -3.722  -8.530  1.00 55.65 ? 3157 HOH A O   1 
HETATM 1352 O  O   . HOH F 5 .   ? 1.562   11.523  4.672   1.00 34.86 ? 3158 HOH A O   1 
HETATM 1353 O  O   . HOH F 5 .   ? -6.383  20.135  -19.965 1.00 47.72 ? 3159 HOH A O   1 
HETATM 1354 O  O   . HOH F 5 .   ? -14.333 7.448   -4.359  1.00 51.59 ? 3160 HOH A O   1 
HETATM 1355 O  O   . HOH F 5 .   ? 9.585   -22.843 13.069  1.00 43.61 ? 3161 HOH A O   1 
HETATM 1356 O  O   . HOH F 5 .   ? 6.938   17.117  -2.369  1.00 46.94 ? 3162 HOH A O   1 
HETATM 1357 O  O   . HOH F 5 .   ? -6.697  7.817   -16.769 1.00 51.28 ? 3163 HOH A O   1 
HETATM 1358 O  O   . HOH F 5 .   ? 6.599   7.132   8.656   1.00 54.46 ? 3164 HOH A O   1 
HETATM 1359 O  O   . HOH F 5 .   ? -2.857  -8.143  -12.266 1.00 68.33 ? 3165 HOH A O   1 
HETATM 1360 O  O   . HOH F 5 .   ? 12.574  5.433   -5.246  1.00 43.18 ? 3166 HOH A O   1 
HETATM 1361 O  O   . HOH F 5 .   ? -6.865  -1.250  -10.599 1.00 44.32 ? 3167 HOH A O   1 
HETATM 1362 O  O   . HOH F 5 .   ? 5.445   -10.208 5.513   1.00 34.79 ? 3168 HOH A O   1 
# 
loop_
_pdbx_poly_seq_scheme.asym_id 
_pdbx_poly_seq_scheme.entity_id 
_pdbx_poly_seq_scheme.seq_id 
_pdbx_poly_seq_scheme.mon_id 
_pdbx_poly_seq_scheme.ndb_seq_num 
_pdbx_poly_seq_scheme.pdb_seq_num 
_pdbx_poly_seq_scheme.auth_seq_num 
_pdbx_poly_seq_scheme.pdb_mon_id 
_pdbx_poly_seq_scheme.auth_mon_id 
_pdbx_poly_seq_scheme.pdb_strand_id 
_pdbx_poly_seq_scheme.pdb_ins_code 
_pdbx_poly_seq_scheme.hetero 
A 1 1   MET 1   1   1   MET MET A . n 
A 1 2   PHE 2   2   2   PHE PHE A . n 
A 1 3   ARG 3   3   3   ARG ARG A . n 
A 1 4   MET 4   4   4   MET MET A . n 
A 1 5   PRO 5   5   5   PRO PRO A . n 
A 1 6   ILE 6   6   6   ILE ILE A . n 
A 1 7   VAL 7   7   7   VAL VAL A . n 
A 1 8   THR 8   8   8   THR THR A . n 
A 1 9   MET 9   9   9   MET MET A . n 
A 1 10  GLU 10  10  10  GLU GLU A . n 
A 1 11  ARG 11  11  11  ARG ARG A . n 
A 1 12  VAL 12  12  12  VAL VAL A . n 
A 1 13  ASP 13  13  13  ASP ASP A . n 
A 1 14  SER 14  14  14  SER SER A . n 
A 1 15  PHE 15  15  15  PHE PHE A . n 
A 1 16  SER 16  16  16  SER SER A . n 
A 1 17  ALA 17  17  17  ALA ALA A . n 
A 1 18  ALA 18  18  18  ALA ALA A . n 
A 1 19  HIS 19  19  19  HIS HIS A . n 
A 1 20  ARG 20  20  20  ARG ARG A . n 
A 1 21  LEU 21  21  21  LEU LEU A . n 
A 1 22  HIS 22  22  22  HIS HIS A . n 
A 1 23  SER 23  23  23  SER SER A . n 
A 1 24  GLU 24  24  24  GLU GLU A . n 
A 1 25  LYS 25  25  25  LYS LYS A . n 
A 1 26  LEU 26  26  26  LEU LEU A . n 
A 1 27  SER 27  27  27  SER SER A . n 
A 1 28  ASP 28  28  28  ASP ASP A . n 
A 1 29  ALA 29  29  29  ALA ALA A . n 
A 1 30  GLU 30  30  30  GLU GLU A . n 
A 1 31  ASN 31  31  31  ASN ASN A . n 
A 1 32  LYS 32  32  32  LYS LYS A . n 
A 1 33  GLU 33  33  33  GLU GLU A . n 
A 1 34  THR 34  34  34  THR THR A . n 
A 1 35  PHE 35  35  35  PHE PHE A . n 
A 1 36  GLY 36  36  36  GLY GLY A . n 
A 1 37  LYS 37  37  37  LYS LYS A . n 
A 1 38  CYS 38  38  38  CYS CYS A . n 
A 1 39  ASN 39  39  39  ASN ASN A . n 
A 1 40  ASN 40  40  40  ASN ASN A . n 
A 1 41  SER 41  41  41  SER SER A . n 
A 1 42  ASN 42  42  42  ASN ASN A . n 
A 1 43  GLY 43  43  43  GLY GLY A . n 
A 1 44  HIS 44  44  44  HIS HIS A . n 
A 1 45  GLY 45  45  45  GLY GLY A . n 
A 1 46  HIS 46  46  46  HIS HIS A . n 
A 1 47  ASN 47  47  47  ASN ASN A . n 
A 1 48  TYR 48  48  48  TYR TYR A . n 
A 1 49  VAL 49  49  49  VAL VAL A . n 
A 1 50  TRP 50  50  50  TRP TRP A . n 
A 1 51  LYS 51  51  51  LYS LYS A . n 
A 1 52  VAL 52  52  52  VAL VAL A . n 
A 1 53  LYS 53  53  53  LYS LYS A . n 
A 1 54  LEU 54  54  54  LEU LEU A . n 
A 1 55  ARG 55  55  55  ARG ARG A . n 
A 1 56  GLY 56  56  56  GLY GLY A . n 
A 1 57  GLU 57  57  57  GLU GLU A . n 
A 1 58  VAL 58  58  58  VAL VAL A . n 
A 1 59  ASP 59  59  59  ASP ASP A . n 
A 1 60  PRO 60  60  60  PRO PRO A . n 
A 1 61  THR 61  61  61  THR THR A . n 
A 1 62  SER 62  62  62  SER SER A . n 
A 1 63  GLY 63  63  63  GLY GLY A . n 
A 1 64  MET 64  64  64  MET MET A . n 
A 1 65  VAL 65  65  65  VAL VAL A . n 
A 1 66  TYR 66  66  66  TYR TYR A . n 
A 1 67  ASP 67  67  67  ASP ASP A . n 
A 1 68  LEU 68  68  68  LEU LEU A . n 
A 1 69  ALA 69  69  69  ALA ALA A . n 
A 1 70  LYS 70  70  70  LYS LYS A . n 
A 1 71  LEU 71  71  71  LEU LEU A . n 
A 1 72  LYS 72  72  72  LYS LYS A . n 
A 1 73  LYS 73  73  73  LYS LYS A . n 
A 1 74  GLU 74  74  74  GLU GLU A . n 
A 1 75  MET 75  75  75  MET MET A . n 
A 1 76  SER 76  76  76  SER SER A . n 
A 1 77  LEU 77  77  77  LEU LEU A . n 
A 1 78  VAL 78  78  78  VAL VAL A . n 
A 1 79  LEU 79  79  79  LEU LEU A . n 
A 1 80  ASP 80  80  80  ASP ASP A . n 
A 1 81  THR 81  81  81  THR THR A . n 
A 1 82  VAL 82  82  82  VAL VAL A . n 
A 1 83  ASP 83  83  83  ASP ASP A . n 
A 1 84  HIS 84  84  84  HIS HIS A . n 
A 1 85  ARG 85  85  85  ARG ARG A . n 
A 1 86  ASN 86  86  86  ASN ASN A . n 
A 1 87  LEU 87  87  87  LEU LEU A . n 
A 1 88  ASP 88  88  88  ASP ASP A . n 
A 1 89  LYS 89  89  89  LYS LYS A . n 
A 1 90  ASP 90  90  90  ASP ASP A . n 
A 1 91  VAL 91  91  91  VAL VAL A . n 
A 1 92  GLU 92  92  92  GLU GLU A . n 
A 1 93  PHE 93  93  93  PHE PHE A . n 
A 1 94  PHE 94  94  94  PHE PHE A . n 
A 1 95  LYS 95  95  95  LYS LYS A . n 
A 1 96  THR 96  96  96  THR THR A . n 
A 1 97  THR 97  97  97  THR THR A . n 
A 1 98  VAL 98  98  98  VAL VAL A . n 
A 1 99  SER 99  99  99  SER SER A . n 
A 1 100 THR 100 100 100 THR THR A . n 
A 1 101 SER 101 101 101 SER SER A . n 
A 1 102 GLU 102 102 102 GLU GLU A . n 
A 1 103 ASN 103 103 103 ASN ASN A . n 
A 1 104 VAL 104 104 104 VAL VAL A . n 
A 1 105 ALA 105 105 105 ALA ALA A . n 
A 1 106 ILE 106 106 106 ILE ILE A . n 
A 1 107 TYR 107 107 107 TYR TYR A . n 
A 1 108 MET 108 108 108 MET MET A . n 
A 1 109 PHE 109 109 109 PHE PHE A . n 
A 1 110 GLU 110 110 110 GLU GLU A . n 
A 1 111 LYS 111 111 111 LYS LYS A . n 
A 1 112 LEU 112 112 112 LEU LEU A . n 
A 1 113 LYS 113 113 113 LYS LYS A . n 
A 1 114 SER 114 114 114 SER SER A . n 
A 1 115 VAL 115 115 115 VAL VAL A . n 
A 1 116 MET 116 116 116 MET MET A . n 
A 1 117 SER 117 117 117 SER SER A . n 
A 1 118 ASN 118 118 118 ASN ASN A . n 
A 1 119 PRO 119 119 119 PRO PRO A . n 
A 1 120 SER 120 120 120 SER SER A . n 
A 1 121 VAL 121 121 121 VAL VAL A . n 
A 1 122 LEU 122 122 122 LEU LEU A . n 
A 1 123 TYR 123 123 123 TYR TYR A . n 
A 1 124 LYS 124 124 124 LYS LYS A . n 
A 1 125 VAL 125 125 125 VAL VAL A . n 
A 1 126 THR 126 126 126 THR THR A . n 
A 1 127 ILE 127 127 127 ILE ILE A . n 
A 1 128 GLU 128 128 128 GLU GLU A . n 
A 1 129 GLU 129 129 129 GLU GLU A . n 
A 1 130 THR 130 130 130 THR THR A . n 
A 1 131 PRO 131 131 131 PRO PRO A . n 
A 1 132 LYS 132 132 132 LYS LYS A . n 
A 1 133 ASN 133 133 133 ASN ASN A . n 
A 1 134 ILE 134 134 134 ILE ILE A . n 
A 1 135 PHE 135 135 135 PHE PHE A . n 
A 1 136 THR 136 136 136 THR THR A . n 
A 1 137 TYR 137 137 137 TYR TYR A . n 
A 1 138 LYS 138 138 138 LYS LYS A . n 
A 1 139 GLY 139 139 139 GLY GLY A . n 
A 1 140 SER 140 140 140 SER SER A . n 
# 
_pdbx_SG_project.id                    1 
_pdbx_SG_project.project_name          'PSI, Protein Structure Initiative' 
_pdbx_SG_project.full_name_of_center   'New York SGX Research Center for Structural Genomics' 
_pdbx_SG_project.initial_of_center     NYSGXRC 
# 
loop_
_pdbx_nonpoly_scheme.asym_id 
_pdbx_nonpoly_scheme.entity_id 
_pdbx_nonpoly_scheme.mon_id 
_pdbx_nonpoly_scheme.ndb_seq_num 
_pdbx_nonpoly_scheme.pdb_seq_num 
_pdbx_nonpoly_scheme.auth_seq_num 
_pdbx_nonpoly_scheme.pdb_mon_id 
_pdbx_nonpoly_scheme.auth_mon_id 
_pdbx_nonpoly_scheme.pdb_strand_id 
_pdbx_nonpoly_scheme.pdb_ins_code 
B 2 NA  1   1001 1   NA  NA  A . 
C 2 NA  1   1002 2   NA  NA  A . 
D 3 ZN  1   2001 1   ZN  ZN  A . 
E 4 GOL 1   3001 1   GOL GOL A . 
F 5 HOH 1   3002 3   HOH HOH A . 
F 5 HOH 2   3003 4   HOH HOH A . 
F 5 HOH 3   3004 5   HOH HOH A . 
F 5 HOH 4   3005 6   HOH HOH A . 
F 5 HOH 5   3006 7   HOH HOH A . 
F 5 HOH 6   3007 8   HOH HOH A . 
F 5 HOH 7   3008 9   HOH HOH A . 
F 5 HOH 8   3009 10  HOH HOH A . 
F 5 HOH 9   3010 12  HOH HOH A . 
F 5 HOH 10  3011 13  HOH HOH A . 
F 5 HOH 11  3012 14  HOH HOH A . 
F 5 HOH 12  3013 15  HOH HOH A . 
F 5 HOH 13  3014 16  HOH HOH A . 
F 5 HOH 14  3015 18  HOH HOH A . 
F 5 HOH 15  3016 19  HOH HOH A . 
F 5 HOH 16  3017 20  HOH HOH A . 
F 5 HOH 17  3018 21  HOH HOH A . 
F 5 HOH 18  3019 22  HOH HOH A . 
F 5 HOH 19  3020 23  HOH HOH A . 
F 5 HOH 20  3021 24  HOH HOH A . 
F 5 HOH 21  3022 25  HOH HOH A . 
F 5 HOH 22  3023 26  HOH HOH A . 
F 5 HOH 23  3024 27  HOH HOH A . 
F 5 HOH 24  3025 28  HOH HOH A . 
F 5 HOH 25  3026 29  HOH HOH A . 
F 5 HOH 26  3027 30  HOH HOH A . 
F 5 HOH 27  3028 31  HOH HOH A . 
F 5 HOH 28  3029 32  HOH HOH A . 
F 5 HOH 29  3030 33  HOH HOH A . 
F 5 HOH 30  3031 34  HOH HOH A . 
F 5 HOH 31  3032 35  HOH HOH A . 
F 5 HOH 32  3033 36  HOH HOH A . 
F 5 HOH 33  3034 38  HOH HOH A . 
F 5 HOH 34  3035 39  HOH HOH A . 
F 5 HOH 35  3036 40  HOH HOH A . 
F 5 HOH 36  3037 42  HOH HOH A . 
F 5 HOH 37  3038 43  HOH HOH A . 
F 5 HOH 38  3039 44  HOH HOH A . 
F 5 HOH 39  3040 45  HOH HOH A . 
F 5 HOH 40  3041 46  HOH HOH A . 
F 5 HOH 41  3042 47  HOH HOH A . 
F 5 HOH 42  3043 49  HOH HOH A . 
F 5 HOH 43  3044 50  HOH HOH A . 
F 5 HOH 44  3045 51  HOH HOH A . 
F 5 HOH 45  3046 52  HOH HOH A . 
F 5 HOH 46  3047 53  HOH HOH A . 
F 5 HOH 47  3048 54  HOH HOH A . 
F 5 HOH 48  3049 56  HOH HOH A . 
F 5 HOH 49  3050 57  HOH HOH A . 
F 5 HOH 50  3051 58  HOH HOH A . 
F 5 HOH 51  3052 59  HOH HOH A . 
F 5 HOH 52  3053 60  HOH HOH A . 
F 5 HOH 53  3054 61  HOH HOH A . 
F 5 HOH 54  3055 62  HOH HOH A . 
F 5 HOH 55  3056 63  HOH HOH A . 
F 5 HOH 56  3057 64  HOH HOH A . 
F 5 HOH 57  3058 65  HOH HOH A . 
F 5 HOH 58  3059 67  HOH HOH A . 
F 5 HOH 59  3060 69  HOH HOH A . 
F 5 HOH 60  3061 70  HOH HOH A . 
F 5 HOH 61  3062 71  HOH HOH A . 
F 5 HOH 62  3063 72  HOH HOH A . 
F 5 HOH 63  3064 73  HOH HOH A . 
F 5 HOH 64  3065 74  HOH HOH A . 
F 5 HOH 65  3066 75  HOH HOH A . 
F 5 HOH 66  3067 76  HOH HOH A . 
F 5 HOH 67  3068 77  HOH HOH A . 
F 5 HOH 68  3069 78  HOH HOH A . 
F 5 HOH 69  3070 79  HOH HOH A . 
F 5 HOH 70  3071 80  HOH HOH A . 
F 5 HOH 71  3072 81  HOH HOH A . 
F 5 HOH 72  3073 83  HOH HOH A . 
F 5 HOH 73  3074 84  HOH HOH A . 
F 5 HOH 74  3075 85  HOH HOH A . 
F 5 HOH 75  3076 86  HOH HOH A . 
F 5 HOH 76  3077 91  HOH HOH A . 
F 5 HOH 77  3078 93  HOH HOH A . 
F 5 HOH 78  3079 94  HOH HOH A . 
F 5 HOH 79  3080 95  HOH HOH A . 
F 5 HOH 80  3081 96  HOH HOH A . 
F 5 HOH 81  3082 97  HOH HOH A . 
F 5 HOH 82  3083 98  HOH HOH A . 
F 5 HOH 83  3084 99  HOH HOH A . 
F 5 HOH 84  3085 100 HOH HOH A . 
F 5 HOH 85  3086 101 HOH HOH A . 
F 5 HOH 86  3087 102 HOH HOH A . 
F 5 HOH 87  3088 103 HOH HOH A . 
F 5 HOH 88  3089 104 HOH HOH A . 
F 5 HOH 89  3090 105 HOH HOH A . 
F 5 HOH 90  3091 106 HOH HOH A . 
F 5 HOH 91  3092 107 HOH HOH A . 
F 5 HOH 92  3093 108 HOH HOH A . 
F 5 HOH 93  3094 109 HOH HOH A . 
F 5 HOH 94  3095 110 HOH HOH A . 
F 5 HOH 95  3096 111 HOH HOH A . 
F 5 HOH 96  3097 112 HOH HOH A . 
F 5 HOH 97  3098 113 HOH HOH A . 
F 5 HOH 98  3099 114 HOH HOH A . 
F 5 HOH 99  3100 115 HOH HOH A . 
F 5 HOH 100 3101 116 HOH HOH A . 
F 5 HOH 101 3102 117 HOH HOH A . 
F 5 HOH 102 3103 118 HOH HOH A . 
F 5 HOH 103 3104 119 HOH HOH A . 
F 5 HOH 104 3105 120 HOH HOH A . 
F 5 HOH 105 3106 121 HOH HOH A . 
F 5 HOH 106 3107 122 HOH HOH A . 
F 5 HOH 107 3108 124 HOH HOH A . 
F 5 HOH 108 3109 125 HOH HOH A . 
F 5 HOH 109 3110 126 HOH HOH A . 
F 5 HOH 110 3111 127 HOH HOH A . 
F 5 HOH 111 3112 128 HOH HOH A . 
F 5 HOH 112 3113 129 HOH HOH A . 
F 5 HOH 113 3114 130 HOH HOH A . 
F 5 HOH 114 3115 131 HOH HOH A . 
F 5 HOH 115 3116 136 HOH HOH A . 
F 5 HOH 116 3117 138 HOH HOH A . 
F 5 HOH 117 3118 139 HOH HOH A . 
F 5 HOH 118 3119 2   HOH HOH A . 
F 5 HOH 119 3120 3   HOH HOH A . 
F 5 HOH 120 3121 4   HOH HOH A . 
F 5 HOH 121 3122 5   HOH HOH A . 
F 5 HOH 122 3123 6   HOH HOH A . 
F 5 HOH 123 3124 7   HOH HOH A . 
F 5 HOH 124 3125 8   HOH HOH A . 
F 5 HOH 125 3126 9   HOH HOH A . 
F 5 HOH 126 3127 10  HOH HOH A . 
F 5 HOH 127 3128 11  HOH HOH A . 
F 5 HOH 128 3129 12  HOH HOH A . 
F 5 HOH 129 3130 13  HOH HOH A . 
F 5 HOH 130 3131 14  HOH HOH A . 
F 5 HOH 131 3132 15  HOH HOH A . 
F 5 HOH 132 3133 16  HOH HOH A . 
F 5 HOH 133 3134 17  HOH HOH A . 
F 5 HOH 134 3135 18  HOH HOH A . 
F 5 HOH 135 3136 19  HOH HOH A . 
F 5 HOH 136 3137 20  HOH HOH A . 
F 5 HOH 137 3138 21  HOH HOH A . 
F 5 HOH 138 3139 22  HOH HOH A . 
F 5 HOH 139 3140 23  HOH HOH A . 
F 5 HOH 140 3141 24  HOH HOH A . 
F 5 HOH 141 3142 25  HOH HOH A . 
F 5 HOH 142 3143 26  HOH HOH A . 
F 5 HOH 143 3144 27  HOH HOH A . 
F 5 HOH 144 3145 28  HOH HOH A . 
F 5 HOH 145 3146 29  HOH HOH A . 
F 5 HOH 146 3147 30  HOH HOH A . 
F 5 HOH 147 3148 31  HOH HOH A . 
F 5 HOH 148 3149 32  HOH HOH A . 
F 5 HOH 149 3150 33  HOH HOH A . 
F 5 HOH 150 3151 34  HOH HOH A . 
F 5 HOH 151 3152 35  HOH HOH A . 
F 5 HOH 152 3153 36  HOH HOH A . 
F 5 HOH 153 3154 37  HOH HOH A . 
F 5 HOH 154 3155 38  HOH HOH A . 
F 5 HOH 155 3156 39  HOH HOH A . 
F 5 HOH 156 3157 40  HOH HOH A . 
F 5 HOH 157 3158 41  HOH HOH A . 
F 5 HOH 158 3159 42  HOH HOH A . 
F 5 HOH 159 3160 43  HOH HOH A . 
F 5 HOH 160 3161 44  HOH HOH A . 
F 5 HOH 161 3162 45  HOH HOH A . 
F 5 HOH 162 3163 46  HOH HOH A . 
F 5 HOH 163 3164 47  HOH HOH A . 
F 5 HOH 164 3165 48  HOH HOH A . 
F 5 HOH 165 3166 49  HOH HOH A . 
F 5 HOH 166 3167 50  HOH HOH A . 
F 5 HOH 167 3168 51  HOH HOH A . 
# 
_pdbx_struct_assembly.id                   1 
_pdbx_struct_assembly.details              author_and_software_defined_assembly 
_pdbx_struct_assembly.method_details       PISA,PQS 
_pdbx_struct_assembly.oligomeric_details   hexameric 
_pdbx_struct_assembly.oligomeric_count     6 
# 
_pdbx_struct_assembly_gen.assembly_id       1 
_pdbx_struct_assembly_gen.oper_expression   1,2,3,4,5,6 
_pdbx_struct_assembly_gen.asym_id_list      A,B,C,D,E,F 
# 
loop_
_pdbx_struct_assembly_prop.biol_id 
_pdbx_struct_assembly_prop.type 
_pdbx_struct_assembly_prop.value 
_pdbx_struct_assembly_prop.details 
1 'ABSA (A^2)' 14840 ? 
1 MORE         -352  ? 
1 'SSA (A^2)'  37860 ? 
# 
loop_
_pdbx_struct_oper_list.id 
_pdbx_struct_oper_list.type 
_pdbx_struct_oper_list.name 
_pdbx_struct_oper_list.symmetry_operation 
_pdbx_struct_oper_list.matrix[1][1] 
_pdbx_struct_oper_list.matrix[1][2] 
_pdbx_struct_oper_list.matrix[1][3] 
_pdbx_struct_oper_list.vector[1] 
_pdbx_struct_oper_list.matrix[2][1] 
_pdbx_struct_oper_list.matrix[2][2] 
_pdbx_struct_oper_list.matrix[2][3] 
_pdbx_struct_oper_list.vector[2] 
_pdbx_struct_oper_list.matrix[3][1] 
_pdbx_struct_oper_list.matrix[3][2] 
_pdbx_struct_oper_list.matrix[3][3] 
_pdbx_struct_oper_list.vector[3] 
1 'identity operation'         1_555  x,y,z                  1.0000000000  0.0000000000  0.0000000000  0.0000000000  0.0000000000  1.0000000000  0.0000000000  0.0000000000   0.0000000000  0.0000000000  1.0000000000  0.0000000000   
2 'crystal symmetry operation' 2_665  -y+1,x-y+1,z           -0.0145516967 -0.3270379580 0.9448991598  22.1347189544 0.9496253664  -0.3003829252 -0.0893407061 -12.6783469703 0.3130493757  0.8960001520  0.3149346218  -10.8089830026 
3 'crystal symmetry operation' 3_565  -x+y,-x+1,z            -0.0145516967 0.9496253664  0.3130493757  15.7455229835 -0.3270379580 -0.3003829252 0.8960001520  13.1153847497  0.9448991598  -0.0893407061 0.3149346218  -18.6436468383 
4 'crystal symmetry operation' 10_456 y-1/3,x+1/3,-z+4/3     -0.9586558735 -0.2664354932 0.0999552109  41.1007128144 -0.2664354932 0.7170001652  -0.6441450854 6.9241483994   0.0999552109  -0.6441450854 -0.7583442917 1.4563105076   
5 'crystal symmetry operation' 11_566 x-y+2/3,-y+4/3,-z+4/3  -0.2077729170 0.4831094162  -0.8505502378 22.1786819344 0.4831094162  -0.7053941818 -0.5186755636 -1.1011499542  -0.8505502378 -0.5186755636 -0.0868329012 20.0324164585  
6 'crystal symmetry operation' 12_556 -x+2/3,-x+y+1/3,-z+4/3 0.1955321839  -0.8392613314 -0.5073535086 20.6482410698 -0.8392613314 -0.4108401330 0.3561612033  24.1419287358  -0.5073535086 0.3561612033  -0.7846920508 8.7202501027 
# 
loop_
_pdbx_struct_conn_angle.id 
_pdbx_struct_conn_angle.ptnr1_label_atom_id 
_pdbx_struct_conn_angle.ptnr1_label_alt_id 
_pdbx_struct_conn_angle.ptnr1_label_asym_id 
_pdbx_struct_conn_angle.ptnr1_label_comp_id 
_pdbx_struct_conn_angle.ptnr1_label_seq_id 
_pdbx_struct_conn_angle.ptnr1_auth_atom_id 
_pdbx_struct_conn_angle.ptnr1_auth_asym_id 
_pdbx_struct_conn_angle.ptnr1_auth_comp_id 
_pdbx_struct_conn_angle.ptnr1_auth_seq_id 
_pdbx_struct_conn_angle.ptnr1_PDB_ins_code 
_pdbx_struct_conn_angle.ptnr1_symmetry 
_pdbx_struct_conn_angle.ptnr2_label_atom_id 
_pdbx_struct_conn_angle.ptnr2_label_alt_id 
_pdbx_struct_conn_angle.ptnr2_label_asym_id 
_pdbx_struct_conn_angle.ptnr2_label_comp_id 
_pdbx_struct_conn_angle.ptnr2_label_seq_id 
_pdbx_struct_conn_angle.ptnr2_auth_atom_id 
_pdbx_struct_conn_angle.ptnr2_auth_asym_id 
_pdbx_struct_conn_angle.ptnr2_auth_comp_id 
_pdbx_struct_conn_angle.ptnr2_auth_seq_id 
_pdbx_struct_conn_angle.ptnr2_PDB_ins_code 
_pdbx_struct_conn_angle.ptnr2_symmetry 
_pdbx_struct_conn_angle.ptnr3_label_atom_id 
_pdbx_struct_conn_angle.ptnr3_label_alt_id 
_pdbx_struct_conn_angle.ptnr3_label_asym_id 
_pdbx_struct_conn_angle.ptnr3_label_comp_id 
_pdbx_struct_conn_angle.ptnr3_label_seq_id 
_pdbx_struct_conn_angle.ptnr3_auth_atom_id 
_pdbx_struct_conn_angle.ptnr3_auth_asym_id 
_pdbx_struct_conn_angle.ptnr3_auth_comp_id 
_pdbx_struct_conn_angle.ptnr3_auth_seq_id 
_pdbx_struct_conn_angle.ptnr3_PDB_ins_code 
_pdbx_struct_conn_angle.ptnr3_symmetry 
_pdbx_struct_conn_angle.value 
_pdbx_struct_conn_angle.value_esd 
1  NE2 ? A HIS 19 ? A HIS 19   ? 1_555  ZN ? D ZN . ? A ZN 2001 ? 1_555 NE2 ? A HIS 44 ? A HIS 44   ? 1_555  93.9  ? 
2  NE2 ? A HIS 19 ? A HIS 19   ? 1_555  ZN ? D ZN . ? A ZN 2001 ? 1_555 NE2 ? A HIS 46 ? A HIS 46   ? 1_555  111.5 ? 
3  NE2 ? A HIS 44 ? A HIS 44   ? 1_555  ZN ? D ZN . ? A ZN 2001 ? 1_555 NE2 ? A HIS 46 ? A HIS 46   ? 1_555  109.3 ? 
4  NE2 ? A HIS 19 ? A HIS 19   ? 1_555  ZN ? D ZN . ? A ZN 2001 ? 1_555 O   ? F HOH .  ? A HOH 3084 ? 11_566 166.5 ? 
5  NE2 ? A HIS 44 ? A HIS 44   ? 1_555  ZN ? D ZN . ? A ZN 2001 ? 1_555 O   ? F HOH .  ? A HOH 3084 ? 11_566 83.7  ? 
6  NE2 ? A HIS 46 ? A HIS 46   ? 1_555  ZN ? D ZN . ? A ZN 2001 ? 1_555 O   ? F HOH .  ? A HOH 3084 ? 11_566 81.7  ? 
7  NE2 ? A HIS 19 ? A HIS 19   ? 1_555  ZN ? D ZN . ? A ZN 2001 ? 1_555 O   ? F HOH .  ? A HOH 3139 ? 1_555  109.0 ? 
8  NE2 ? A HIS 44 ? A HIS 44   ? 1_555  ZN ? D ZN . ? A ZN 2001 ? 1_555 O   ? F HOH .  ? A HOH 3139 ? 1_555  111.5 ? 
9  NE2 ? A HIS 46 ? A HIS 46   ? 1_555  ZN ? D ZN . ? A ZN 2001 ? 1_555 O   ? F HOH .  ? A HOH 3139 ? 1_555  118.8 ? 
10 O   ? F HOH .  ? A HOH 3084 ? 11_566 ZN ? D ZN . ? A ZN 2001 ? 1_555 O   ? F HOH .  ? A HOH 3139 ? 1_555  60.2  ? 
11 O   ? A CYS 38 ? A CYS 38   ? 1_555  NA ? C NA . ? A NA 1002 ? 1_555 O   ? A ASN 40 ? A ASN 40   ? 1_555  111.6 ? 
12 O   ? A CYS 38 ? A CYS 38   ? 1_555  NA ? C NA . ? A NA 1002 ? 1_555 ND1 ? A HIS 44 ? A HIS 44   ? 1_555  86.6  ? 
13 O   ? A ASN 40 ? A ASN 40   ? 1_555  NA ? C NA . ? A NA 1002 ? 1_555 ND1 ? A HIS 44 ? A HIS 44   ? 1_555  159.9 ? 
14 O   ? A ASN 47 ? A ASN 47   ? 1_555  NA ? B NA . ? A NA 1001 ? 1_555 O   ? F HOH .  ? A HOH 3019 ? 1_555  150.6 ? 
15 O   ? A ASN 47 ? A ASN 47   ? 1_555  NA ? B NA . ? A NA 1001 ? 1_555 O   ? F HOH .  ? A HOH 3117 ? 1_555  69.9  ? 
16 O   ? F HOH .  ? A HOH 3019 ? 1_555  NA ? B NA . ? A NA 1001 ? 1_555 O   ? F HOH .  ? A HOH 3117 ? 1_555  106.9 ? 
# 
loop_
_pdbx_audit_revision_history.ordinal 
_pdbx_audit_revision_history.data_content_type 
_pdbx_audit_revision_history.major_revision 
_pdbx_audit_revision_history.minor_revision 
_pdbx_audit_revision_history.revision_date 
1 'Structure model' 1 0 2006-03-14 
2 'Structure model' 1 1 2008-05-01 
3 'Structure model' 1 2 2011-07-13 
4 'Structure model' 1 3 2021-02-03 
5 'Structure model' 1 4 2021-10-20 
6 'Structure model' 1 5 2023-08-30 
# 
_pdbx_audit_revision_details.ordinal             1 
_pdbx_audit_revision_details.revision_ordinal    1 
_pdbx_audit_revision_details.data_content_type   'Structure model' 
_pdbx_audit_revision_details.provider            repository 
_pdbx_audit_revision_details.type                'Initial release' 
_pdbx_audit_revision_details.description         ? 
_pdbx_audit_revision_details.details             ? 
# 
loop_
_pdbx_audit_revision_group.ordinal 
_pdbx_audit_revision_group.revision_ordinal 
_pdbx_audit_revision_group.data_content_type 
_pdbx_audit_revision_group.group 
1 2 'Structure model' 'Version format compliance' 
2 3 'Structure model' 'Derived calculations'      
3 3 'Structure model' 'Version format compliance' 
4 4 'Structure model' 'Derived calculations'      
5 4 'Structure model' 'Structure summary'         
6 5 'Structure model' 'Database references'       
7 6 'Structure model' 'Data collection'           
8 6 'Structure model' 'Refinement description'    
# 
loop_
_pdbx_audit_revision_category.ordinal 
_pdbx_audit_revision_category.revision_ordinal 
_pdbx_audit_revision_category.data_content_type 
_pdbx_audit_revision_category.category 
1 4 'Structure model' audit_author                  
2 4 'Structure model' pdbx_struct_conn_angle        
3 4 'Structure model' struct_conn                   
4 4 'Structure model' struct_site                   
5 5 'Structure model' database_2                    
6 5 'Structure model' struct_ref_seq_dif            
7 6 'Structure model' chem_comp_atom                
8 6 'Structure model' chem_comp_bond                
9 6 'Structure model' pdbx_initial_refinement_model 
# 
loop_
_pdbx_audit_revision_item.ordinal 
_pdbx_audit_revision_item.revision_ordinal 
_pdbx_audit_revision_item.data_content_type 
_pdbx_audit_revision_item.item 
1  4 'Structure model' '_audit_author.identifier_ORCID'             
2  4 'Structure model' '_pdbx_struct_conn_angle.ptnr1_auth_seq_id'  
3  4 'Structure model' '_pdbx_struct_conn_angle.ptnr1_label_seq_id' 
4  4 'Structure model' '_pdbx_struct_conn_angle.ptnr1_symmetry'     
5  4 'Structure model' '_pdbx_struct_conn_angle.ptnr3_auth_seq_id'  
6  4 'Structure model' '_pdbx_struct_conn_angle.ptnr3_label_seq_id' 
7  4 'Structure model' '_pdbx_struct_conn_angle.ptnr3_symmetry'     
8  4 'Structure model' '_pdbx_struct_conn_angle.value'              
9  4 'Structure model' '_struct_conn.pdbx_dist_value'               
10 4 'Structure model' '_struct_conn.ptnr1_auth_comp_id'            
11 4 'Structure model' '_struct_conn.ptnr1_auth_seq_id'             
12 4 'Structure model' '_struct_conn.ptnr1_label_asym_id'           
13 4 'Structure model' '_struct_conn.ptnr1_label_atom_id'           
14 4 'Structure model' '_struct_conn.ptnr1_label_comp_id'           
15 4 'Structure model' '_struct_conn.ptnr1_label_seq_id'            
16 4 'Structure model' '_struct_conn.ptnr2_auth_comp_id'            
17 4 'Structure model' '_struct_conn.ptnr2_auth_seq_id'             
18 4 'Structure model' '_struct_conn.ptnr2_label_asym_id'           
19 4 'Structure model' '_struct_conn.ptnr2_label_atom_id'           
20 4 'Structure model' '_struct_conn.ptnr2_label_comp_id'           
21 4 'Structure model' '_struct_conn.ptnr2_label_seq_id'            
22 4 'Structure model' '_struct_conn.ptnr2_symmetry'                
23 4 'Structure model' '_struct_site.pdbx_auth_asym_id'             
24 4 'Structure model' '_struct_site.pdbx_auth_comp_id'             
25 4 'Structure model' '_struct_site.pdbx_auth_seq_id'              
26 5 'Structure model' '_database_2.pdbx_DOI'                       
27 5 'Structure model' '_database_2.pdbx_database_accession'        
28 5 'Structure model' '_struct_ref_seq_dif.details'                
# 
loop_
_software.name 
_software.classification 
_software.version 
_software.citation_id 
_software.pdbx_ordinal 
DENZO     'data reduction' .        ? 1 
SCALEPACK 'data scaling'   .        ? 2 
MOLREP    phasing          .        ? 3 
REFMAC    refinement       5.2.0005 ? 4 
# 
_pdbx_validate_torsion.id              1 
_pdbx_validate_torsion.PDB_model_num   1 
_pdbx_validate_torsion.auth_comp_id    SER 
_pdbx_validate_torsion.auth_asym_id    A 
_pdbx_validate_torsion.auth_seq_id     99 
_pdbx_validate_torsion.PDB_ins_code    ? 
_pdbx_validate_torsion.label_alt_id    ? 
_pdbx_validate_torsion.phi             -85.25 
_pdbx_validate_torsion.psi             39.95 
# 
loop_
_chem_comp_atom.comp_id 
_chem_comp_atom.atom_id 
_chem_comp_atom.type_symbol 
_chem_comp_atom.pdbx_aromatic_flag 
_chem_comp_atom.pdbx_stereo_config 
_chem_comp_atom.pdbx_ordinal 
ALA N    N  N N 1   
ALA CA   C  N S 2   
ALA C    C  N N 3   
ALA O    O  N N 4   
ALA CB   C  N N 5   
ALA OXT  O  N N 6   
ALA H    H  N N 7   
ALA H2   H  N N 8   
ALA HA   H  N N 9   
ALA HB1  H  N N 10  
ALA HB2  H  N N 11  
ALA HB3  H  N N 12  
ALA HXT  H  N N 13  
ARG N    N  N N 14  
ARG CA   C  N S 15  
ARG C    C  N N 16  
ARG O    O  N N 17  
ARG CB   C  N N 18  
ARG CG   C  N N 19  
ARG CD   C  N N 20  
ARG NE   N  N N 21  
ARG CZ   C  N N 22  
ARG NH1  N  N N 23  
ARG NH2  N  N N 24  
ARG OXT  O  N N 25  
ARG H    H  N N 26  
ARG H2   H  N N 27  
ARG HA   H  N N 28  
ARG HB2  H  N N 29  
ARG HB3  H  N N 30  
ARG HG2  H  N N 31  
ARG HG3  H  N N 32  
ARG HD2  H  N N 33  
ARG HD3  H  N N 34  
ARG HE   H  N N 35  
ARG HH11 H  N N 36  
ARG HH12 H  N N 37  
ARG HH21 H  N N 38  
ARG HH22 H  N N 39  
ARG HXT  H  N N 40  
ASN N    N  N N 41  
ASN CA   C  N S 42  
ASN C    C  N N 43  
ASN O    O  N N 44  
ASN CB   C  N N 45  
ASN CG   C  N N 46  
ASN OD1  O  N N 47  
ASN ND2  N  N N 48  
ASN OXT  O  N N 49  
ASN H    H  N N 50  
ASN H2   H  N N 51  
ASN HA   H  N N 52  
ASN HB2  H  N N 53  
ASN HB3  H  N N 54  
ASN HD21 H  N N 55  
ASN HD22 H  N N 56  
ASN HXT  H  N N 57  
ASP N    N  N N 58  
ASP CA   C  N S 59  
ASP C    C  N N 60  
ASP O    O  N N 61  
ASP CB   C  N N 62  
ASP CG   C  N N 63  
ASP OD1  O  N N 64  
ASP OD2  O  N N 65  
ASP OXT  O  N N 66  
ASP H    H  N N 67  
ASP H2   H  N N 68  
ASP HA   H  N N 69  
ASP HB2  H  N N 70  
ASP HB3  H  N N 71  
ASP HD2  H  N N 72  
ASP HXT  H  N N 73  
CYS N    N  N N 74  
CYS CA   C  N R 75  
CYS C    C  N N 76  
CYS O    O  N N 77  
CYS CB   C  N N 78  
CYS SG   S  N N 79  
CYS OXT  O  N N 80  
CYS H    H  N N 81  
CYS H2   H  N N 82  
CYS HA   H  N N 83  
CYS HB2  H  N N 84  
CYS HB3  H  N N 85  
CYS HG   H  N N 86  
CYS HXT  H  N N 87  
GLU N    N  N N 88  
GLU CA   C  N S 89  
GLU C    C  N N 90  
GLU O    O  N N 91  
GLU CB   C  N N 92  
GLU CG   C  N N 93  
GLU CD   C  N N 94  
GLU OE1  O  N N 95  
GLU OE2  O  N N 96  
GLU OXT  O  N N 97  
GLU H    H  N N 98  
GLU H2   H  N N 99  
GLU HA   H  N N 100 
GLU HB2  H  N N 101 
GLU HB3  H  N N 102 
GLU HG2  H  N N 103 
GLU HG3  H  N N 104 
GLU HE2  H  N N 105 
GLU HXT  H  N N 106 
GLY N    N  N N 107 
GLY CA   C  N N 108 
GLY C    C  N N 109 
GLY O    O  N N 110 
GLY OXT  O  N N 111 
GLY H    H  N N 112 
GLY H2   H  N N 113 
GLY HA2  H  N N 114 
GLY HA3  H  N N 115 
GLY HXT  H  N N 116 
GOL C1   C  N N 117 
GOL O1   O  N N 118 
GOL C2   C  N N 119 
GOL O2   O  N N 120 
GOL C3   C  N N 121 
GOL O3   O  N N 122 
GOL H11  H  N N 123 
GOL H12  H  N N 124 
GOL HO1  H  N N 125 
GOL H2   H  N N 126 
GOL HO2  H  N N 127 
GOL H31  H  N N 128 
GOL H32  H  N N 129 
GOL HO3  H  N N 130 
HIS N    N  N N 131 
HIS CA   C  N S 132 
HIS C    C  N N 133 
HIS O    O  N N 134 
HIS CB   C  N N 135 
HIS CG   C  Y N 136 
HIS ND1  N  Y N 137 
HIS CD2  C  Y N 138 
HIS CE1  C  Y N 139 
HIS NE2  N  Y N 140 
HIS OXT  O  N N 141 
HIS H    H  N N 142 
HIS H2   H  N N 143 
HIS HA   H  N N 144 
HIS HB2  H  N N 145 
HIS HB3  H  N N 146 
HIS HD1  H  N N 147 
HIS HD2  H  N N 148 
HIS HE1  H  N N 149 
HIS HE2  H  N N 150 
HIS HXT  H  N N 151 
HOH O    O  N N 152 
HOH H1   H  N N 153 
HOH H2   H  N N 154 
ILE N    N  N N 155 
ILE CA   C  N S 156 
ILE C    C  N N 157 
ILE O    O  N N 158 
ILE CB   C  N S 159 
ILE CG1  C  N N 160 
ILE CG2  C  N N 161 
ILE CD1  C  N N 162 
ILE OXT  O  N N 163 
ILE H    H  N N 164 
ILE H2   H  N N 165 
ILE HA   H  N N 166 
ILE HB   H  N N 167 
ILE HG12 H  N N 168 
ILE HG13 H  N N 169 
ILE HG21 H  N N 170 
ILE HG22 H  N N 171 
ILE HG23 H  N N 172 
ILE HD11 H  N N 173 
ILE HD12 H  N N 174 
ILE HD13 H  N N 175 
ILE HXT  H  N N 176 
LEU N    N  N N 177 
LEU CA   C  N S 178 
LEU C    C  N N 179 
LEU O    O  N N 180 
LEU CB   C  N N 181 
LEU CG   C  N N 182 
LEU CD1  C  N N 183 
LEU CD2  C  N N 184 
LEU OXT  O  N N 185 
LEU H    H  N N 186 
LEU H2   H  N N 187 
LEU HA   H  N N 188 
LEU HB2  H  N N 189 
LEU HB3  H  N N 190 
LEU HG   H  N N 191 
LEU HD11 H  N N 192 
LEU HD12 H  N N 193 
LEU HD13 H  N N 194 
LEU HD21 H  N N 195 
LEU HD22 H  N N 196 
LEU HD23 H  N N 197 
LEU HXT  H  N N 198 
LYS N    N  N N 199 
LYS CA   C  N S 200 
LYS C    C  N N 201 
LYS O    O  N N 202 
LYS CB   C  N N 203 
LYS CG   C  N N 204 
LYS CD   C  N N 205 
LYS CE   C  N N 206 
LYS NZ   N  N N 207 
LYS OXT  O  N N 208 
LYS H    H  N N 209 
LYS H2   H  N N 210 
LYS HA   H  N N 211 
LYS HB2  H  N N 212 
LYS HB3  H  N N 213 
LYS HG2  H  N N 214 
LYS HG3  H  N N 215 
LYS HD2  H  N N 216 
LYS HD3  H  N N 217 
LYS HE2  H  N N 218 
LYS HE3  H  N N 219 
LYS HZ1  H  N N 220 
LYS HZ2  H  N N 221 
LYS HZ3  H  N N 222 
LYS HXT  H  N N 223 
MET N    N  N N 224 
MET CA   C  N S 225 
MET C    C  N N 226 
MET O    O  N N 227 
MET CB   C  N N 228 
MET CG   C  N N 229 
MET SD   S  N N 230 
MET CE   C  N N 231 
MET OXT  O  N N 232 
MET H    H  N N 233 
MET H2   H  N N 234 
MET HA   H  N N 235 
MET HB2  H  N N 236 
MET HB3  H  N N 237 
MET HG2  H  N N 238 
MET HG3  H  N N 239 
MET HE1  H  N N 240 
MET HE2  H  N N 241 
MET HE3  H  N N 242 
MET HXT  H  N N 243 
NA  NA   NA N N 244 
PHE N    N  N N 245 
PHE CA   C  N S 246 
PHE C    C  N N 247 
PHE O    O  N N 248 
PHE CB   C  N N 249 
PHE CG   C  Y N 250 
PHE CD1  C  Y N 251 
PHE CD2  C  Y N 252 
PHE CE1  C  Y N 253 
PHE CE2  C  Y N 254 
PHE CZ   C  Y N 255 
PHE OXT  O  N N 256 
PHE H    H  N N 257 
PHE H2   H  N N 258 
PHE HA   H  N N 259 
PHE HB2  H  N N 260 
PHE HB3  H  N N 261 
PHE HD1  H  N N 262 
PHE HD2  H  N N 263 
PHE HE1  H  N N 264 
PHE HE2  H  N N 265 
PHE HZ   H  N N 266 
PHE HXT  H  N N 267 
PRO N    N  N N 268 
PRO CA   C  N S 269 
PRO C    C  N N 270 
PRO O    O  N N 271 
PRO CB   C  N N 272 
PRO CG   C  N N 273 
PRO CD   C  N N 274 
PRO OXT  O  N N 275 
PRO H    H  N N 276 
PRO HA   H  N N 277 
PRO HB2  H  N N 278 
PRO HB3  H  N N 279 
PRO HG2  H  N N 280 
PRO HG3  H  N N 281 
PRO HD2  H  N N 282 
PRO HD3  H  N N 283 
PRO HXT  H  N N 284 
SER N    N  N N 285 
SER CA   C  N S 286 
SER C    C  N N 287 
SER O    O  N N 288 
SER CB   C  N N 289 
SER OG   O  N N 290 
SER OXT  O  N N 291 
SER H    H  N N 292 
SER H2   H  N N 293 
SER HA   H  N N 294 
SER HB2  H  N N 295 
SER HB3  H  N N 296 
SER HG   H  N N 297 
SER HXT  H  N N 298 
THR N    N  N N 299 
THR CA   C  N S 300 
THR C    C  N N 301 
THR O    O  N N 302 
THR CB   C  N R 303 
THR OG1  O  N N 304 
THR CG2  C  N N 305 
THR OXT  O  N N 306 
THR H    H  N N 307 
THR H2   H  N N 308 
THR HA   H  N N 309 
THR HB   H  N N 310 
THR HG1  H  N N 311 
THR HG21 H  N N 312 
THR HG22 H  N N 313 
THR HG23 H  N N 314 
THR HXT  H  N N 315 
TRP N    N  N N 316 
TRP CA   C  N S 317 
TRP C    C  N N 318 
TRP O    O  N N 319 
TRP CB   C  N N 320 
TRP CG   C  Y N 321 
TRP CD1  C  Y N 322 
TRP CD2  C  Y N 323 
TRP NE1  N  Y N 324 
TRP CE2  C  Y N 325 
TRP CE3  C  Y N 326 
TRP CZ2  C  Y N 327 
TRP CZ3  C  Y N 328 
TRP CH2  C  Y N 329 
TRP OXT  O  N N 330 
TRP H    H  N N 331 
TRP H2   H  N N 332 
TRP HA   H  N N 333 
TRP HB2  H  N N 334 
TRP HB3  H  N N 335 
TRP HD1  H  N N 336 
TRP HE1  H  N N 337 
TRP HE3  H  N N 338 
TRP HZ2  H  N N 339 
TRP HZ3  H  N N 340 
TRP HH2  H  N N 341 
TRP HXT  H  N N 342 
TYR N    N  N N 343 
TYR CA   C  N S 344 
TYR C    C  N N 345 
TYR O    O  N N 346 
TYR CB   C  N N 347 
TYR CG   C  Y N 348 
TYR CD1  C  Y N 349 
TYR CD2  C  Y N 350 
TYR CE1  C  Y N 351 
TYR CE2  C  Y N 352 
TYR CZ   C  Y N 353 
TYR OH   O  N N 354 
TYR OXT  O  N N 355 
TYR H    H  N N 356 
TYR H2   H  N N 357 
TYR HA   H  N N 358 
TYR HB2  H  N N 359 
TYR HB3  H  N N 360 
TYR HD1  H  N N 361 
TYR HD2  H  N N 362 
TYR HE1  H  N N 363 
TYR HE2  H  N N 364 
TYR HH   H  N N 365 
TYR HXT  H  N N 366 
VAL N    N  N N 367 
VAL CA   C  N S 368 
VAL C    C  N N 369 
VAL O    O  N N 370 
VAL CB   C  N N 371 
VAL CG1  C  N N 372 
VAL CG2  C  N N 373 
VAL OXT  O  N N 374 
VAL H    H  N N 375 
VAL H2   H  N N 376 
VAL HA   H  N N 377 
VAL HB   H  N N 378 
VAL HG11 H  N N 379 
VAL HG12 H  N N 380 
VAL HG13 H  N N 381 
VAL HG21 H  N N 382 
VAL HG22 H  N N 383 
VAL HG23 H  N N 384 
VAL HXT  H  N N 385 
ZN  ZN   ZN N N 386 
# 
loop_
_chem_comp_bond.comp_id 
_chem_comp_bond.atom_id_1 
_chem_comp_bond.atom_id_2 
_chem_comp_bond.value_order 
_chem_comp_bond.pdbx_aromatic_flag 
_chem_comp_bond.pdbx_stereo_config 
_chem_comp_bond.pdbx_ordinal 
ALA N   CA   sing N N 1   
ALA N   H    sing N N 2   
ALA N   H2   sing N N 3   
ALA CA  C    sing N N 4   
ALA CA  CB   sing N N 5   
ALA CA  HA   sing N N 6   
ALA C   O    doub N N 7   
ALA C   OXT  sing N N 8   
ALA CB  HB1  sing N N 9   
ALA CB  HB2  sing N N 10  
ALA CB  HB3  sing N N 11  
ALA OXT HXT  sing N N 12  
ARG N   CA   sing N N 13  
ARG N   H    sing N N 14  
ARG N   H2   sing N N 15  
ARG CA  C    sing N N 16  
ARG CA  CB   sing N N 17  
ARG CA  HA   sing N N 18  
ARG C   O    doub N N 19  
ARG C   OXT  sing N N 20  
ARG CB  CG   sing N N 21  
ARG CB  HB2  sing N N 22  
ARG CB  HB3  sing N N 23  
ARG CG  CD   sing N N 24  
ARG CG  HG2  sing N N 25  
ARG CG  HG3  sing N N 26  
ARG CD  NE   sing N N 27  
ARG CD  HD2  sing N N 28  
ARG CD  HD3  sing N N 29  
ARG NE  CZ   sing N N 30  
ARG NE  HE   sing N N 31  
ARG CZ  NH1  sing N N 32  
ARG CZ  NH2  doub N N 33  
ARG NH1 HH11 sing N N 34  
ARG NH1 HH12 sing N N 35  
ARG NH2 HH21 sing N N 36  
ARG NH2 HH22 sing N N 37  
ARG OXT HXT  sing N N 38  
ASN N   CA   sing N N 39  
ASN N   H    sing N N 40  
ASN N   H2   sing N N 41  
ASN CA  C    sing N N 42  
ASN CA  CB   sing N N 43  
ASN CA  HA   sing N N 44  
ASN C   O    doub N N 45  
ASN C   OXT  sing N N 46  
ASN CB  CG   sing N N 47  
ASN CB  HB2  sing N N 48  
ASN CB  HB3  sing N N 49  
ASN CG  OD1  doub N N 50  
ASN CG  ND2  sing N N 51  
ASN ND2 HD21 sing N N 52  
ASN ND2 HD22 sing N N 53  
ASN OXT HXT  sing N N 54  
ASP N   CA   sing N N 55  
ASP N   H    sing N N 56  
ASP N   H2   sing N N 57  
ASP CA  C    sing N N 58  
ASP CA  CB   sing N N 59  
ASP CA  HA   sing N N 60  
ASP C   O    doub N N 61  
ASP C   OXT  sing N N 62  
ASP CB  CG   sing N N 63  
ASP CB  HB2  sing N N 64  
ASP CB  HB3  sing N N 65  
ASP CG  OD1  doub N N 66  
ASP CG  OD2  sing N N 67  
ASP OD2 HD2  sing N N 68  
ASP OXT HXT  sing N N 69  
CYS N   CA   sing N N 70  
CYS N   H    sing N N 71  
CYS N   H2   sing N N 72  
CYS CA  C    sing N N 73  
CYS CA  CB   sing N N 74  
CYS CA  HA   sing N N 75  
CYS C   O    doub N N 76  
CYS C   OXT  sing N N 77  
CYS CB  SG   sing N N 78  
CYS CB  HB2  sing N N 79  
CYS CB  HB3  sing N N 80  
CYS SG  HG   sing N N 81  
CYS OXT HXT  sing N N 82  
GLU N   CA   sing N N 83  
GLU N   H    sing N N 84  
GLU N   H2   sing N N 85  
GLU CA  C    sing N N 86  
GLU CA  CB   sing N N 87  
GLU CA  HA   sing N N 88  
GLU C   O    doub N N 89  
GLU C   OXT  sing N N 90  
GLU CB  CG   sing N N 91  
GLU CB  HB2  sing N N 92  
GLU CB  HB3  sing N N 93  
GLU CG  CD   sing N N 94  
GLU CG  HG2  sing N N 95  
GLU CG  HG3  sing N N 96  
GLU CD  OE1  doub N N 97  
GLU CD  OE2  sing N N 98  
GLU OE2 HE2  sing N N 99  
GLU OXT HXT  sing N N 100 
GLY N   CA   sing N N 101 
GLY N   H    sing N N 102 
GLY N   H2   sing N N 103 
GLY CA  C    sing N N 104 
GLY CA  HA2  sing N N 105 
GLY CA  HA3  sing N N 106 
GLY C   O    doub N N 107 
GLY C   OXT  sing N N 108 
GLY OXT HXT  sing N N 109 
GOL C1  O1   sing N N 110 
GOL C1  C2   sing N N 111 
GOL C1  H11  sing N N 112 
GOL C1  H12  sing N N 113 
GOL O1  HO1  sing N N 114 
GOL C2  O2   sing N N 115 
GOL C2  C3   sing N N 116 
GOL C2  H2   sing N N 117 
GOL O2  HO2  sing N N 118 
GOL C3  O3   sing N N 119 
GOL C3  H31  sing N N 120 
GOL C3  H32  sing N N 121 
GOL O3  HO3  sing N N 122 
HIS N   CA   sing N N 123 
HIS N   H    sing N N 124 
HIS N   H2   sing N N 125 
HIS CA  C    sing N N 126 
HIS CA  CB   sing N N 127 
HIS CA  HA   sing N N 128 
HIS C   O    doub N N 129 
HIS C   OXT  sing N N 130 
HIS CB  CG   sing N N 131 
HIS CB  HB2  sing N N 132 
HIS CB  HB3  sing N N 133 
HIS CG  ND1  sing Y N 134 
HIS CG  CD2  doub Y N 135 
HIS ND1 CE1  doub Y N 136 
HIS ND1 HD1  sing N N 137 
HIS CD2 NE2  sing Y N 138 
HIS CD2 HD2  sing N N 139 
HIS CE1 NE2  sing Y N 140 
HIS CE1 HE1  sing N N 141 
HIS NE2 HE2  sing N N 142 
HIS OXT HXT  sing N N 143 
HOH O   H1   sing N N 144 
HOH O   H2   sing N N 145 
ILE N   CA   sing N N 146 
ILE N   H    sing N N 147 
ILE N   H2   sing N N 148 
ILE CA  C    sing N N 149 
ILE CA  CB   sing N N 150 
ILE CA  HA   sing N N 151 
ILE C   O    doub N N 152 
ILE C   OXT  sing N N 153 
ILE CB  CG1  sing N N 154 
ILE CB  CG2  sing N N 155 
ILE CB  HB   sing N N 156 
ILE CG1 CD1  sing N N 157 
ILE CG1 HG12 sing N N 158 
ILE CG1 HG13 sing N N 159 
ILE CG2 HG21 sing N N 160 
ILE CG2 HG22 sing N N 161 
ILE CG2 HG23 sing N N 162 
ILE CD1 HD11 sing N N 163 
ILE CD1 HD12 sing N N 164 
ILE CD1 HD13 sing N N 165 
ILE OXT HXT  sing N N 166 
LEU N   CA   sing N N 167 
LEU N   H    sing N N 168 
LEU N   H2   sing N N 169 
LEU CA  C    sing N N 170 
LEU CA  CB   sing N N 171 
LEU CA  HA   sing N N 172 
LEU C   O    doub N N 173 
LEU C   OXT  sing N N 174 
LEU CB  CG   sing N N 175 
LEU CB  HB2  sing N N 176 
LEU CB  HB3  sing N N 177 
LEU CG  CD1  sing N N 178 
LEU CG  CD2  sing N N 179 
LEU CG  HG   sing N N 180 
LEU CD1 HD11 sing N N 181 
LEU CD1 HD12 sing N N 182 
LEU CD1 HD13 sing N N 183 
LEU CD2 HD21 sing N N 184 
LEU CD2 HD22 sing N N 185 
LEU CD2 HD23 sing N N 186 
LEU OXT HXT  sing N N 187 
LYS N   CA   sing N N 188 
LYS N   H    sing N N 189 
LYS N   H2   sing N N 190 
LYS CA  C    sing N N 191 
LYS CA  CB   sing N N 192 
LYS CA  HA   sing N N 193 
LYS C   O    doub N N 194 
LYS C   OXT  sing N N 195 
LYS CB  CG   sing N N 196 
LYS CB  HB2  sing N N 197 
LYS CB  HB3  sing N N 198 
LYS CG  CD   sing N N 199 
LYS CG  HG2  sing N N 200 
LYS CG  HG3  sing N N 201 
LYS CD  CE   sing N N 202 
LYS CD  HD2  sing N N 203 
LYS CD  HD3  sing N N 204 
LYS CE  NZ   sing N N 205 
LYS CE  HE2  sing N N 206 
LYS CE  HE3  sing N N 207 
LYS NZ  HZ1  sing N N 208 
LYS NZ  HZ2  sing N N 209 
LYS NZ  HZ3  sing N N 210 
LYS OXT HXT  sing N N 211 
MET N   CA   sing N N 212 
MET N   H    sing N N 213 
MET N   H2   sing N N 214 
MET CA  C    sing N N 215 
MET CA  CB   sing N N 216 
MET CA  HA   sing N N 217 
MET C   O    doub N N 218 
MET C   OXT  sing N N 219 
MET CB  CG   sing N N 220 
MET CB  HB2  sing N N 221 
MET CB  HB3  sing N N 222 
MET CG  SD   sing N N 223 
MET CG  HG2  sing N N 224 
MET CG  HG3  sing N N 225 
MET SD  CE   sing N N 226 
MET CE  HE1  sing N N 227 
MET CE  HE2  sing N N 228 
MET CE  HE3  sing N N 229 
MET OXT HXT  sing N N 230 
PHE N   CA   sing N N 231 
PHE N   H    sing N N 232 
PHE N   H2   sing N N 233 
PHE CA  C    sing N N 234 
PHE CA  CB   sing N N 235 
PHE CA  HA   sing N N 236 
PHE C   O    doub N N 237 
PHE C   OXT  sing N N 238 
PHE CB  CG   sing N N 239 
PHE CB  HB2  sing N N 240 
PHE CB  HB3  sing N N 241 
PHE CG  CD1  doub Y N 242 
PHE CG  CD2  sing Y N 243 
PHE CD1 CE1  sing Y N 244 
PHE CD1 HD1  sing N N 245 
PHE CD2 CE2  doub Y N 246 
PHE CD2 HD2  sing N N 247 
PHE CE1 CZ   doub Y N 248 
PHE CE1 HE1  sing N N 249 
PHE CE2 CZ   sing Y N 250 
PHE CE2 HE2  sing N N 251 
PHE CZ  HZ   sing N N 252 
PHE OXT HXT  sing N N 253 
PRO N   CA   sing N N 254 
PRO N   CD   sing N N 255 
PRO N   H    sing N N 256 
PRO CA  C    sing N N 257 
PRO CA  CB   sing N N 258 
PRO CA  HA   sing N N 259 
PRO C   O    doub N N 260 
PRO C   OXT  sing N N 261 
PRO CB  CG   sing N N 262 
PRO CB  HB2  sing N N 263 
PRO CB  HB3  sing N N 264 
PRO CG  CD   sing N N 265 
PRO CG  HG2  sing N N 266 
PRO CG  HG3  sing N N 267 
PRO CD  HD2  sing N N 268 
PRO CD  HD3  sing N N 269 
PRO OXT HXT  sing N N 270 
SER N   CA   sing N N 271 
SER N   H    sing N N 272 
SER N   H2   sing N N 273 
SER CA  C    sing N N 274 
SER CA  CB   sing N N 275 
SER CA  HA   sing N N 276 
SER C   O    doub N N 277 
SER C   OXT  sing N N 278 
SER CB  OG   sing N N 279 
SER CB  HB2  sing N N 280 
SER CB  HB3  sing N N 281 
SER OG  HG   sing N N 282 
SER OXT HXT  sing N N 283 
THR N   CA   sing N N 284 
THR N   H    sing N N 285 
THR N   H2   sing N N 286 
THR CA  C    sing N N 287 
THR CA  CB   sing N N 288 
THR CA  HA   sing N N 289 
THR C   O    doub N N 290 
THR C   OXT  sing N N 291 
THR CB  OG1  sing N N 292 
THR CB  CG2  sing N N 293 
THR CB  HB   sing N N 294 
THR OG1 HG1  sing N N 295 
THR CG2 HG21 sing N N 296 
THR CG2 HG22 sing N N 297 
THR CG2 HG23 sing N N 298 
THR OXT HXT  sing N N 299 
TRP N   CA   sing N N 300 
TRP N   H    sing N N 301 
TRP N   H2   sing N N 302 
TRP CA  C    sing N N 303 
TRP CA  CB   sing N N 304 
TRP CA  HA   sing N N 305 
TRP C   O    doub N N 306 
TRP C   OXT  sing N N 307 
TRP CB  CG   sing N N 308 
TRP CB  HB2  sing N N 309 
TRP CB  HB3  sing N N 310 
TRP CG  CD1  doub Y N 311 
TRP CG  CD2  sing Y N 312 
TRP CD1 NE1  sing Y N 313 
TRP CD1 HD1  sing N N 314 
TRP CD2 CE2  doub Y N 315 
TRP CD2 CE3  sing Y N 316 
TRP NE1 CE2  sing Y N 317 
TRP NE1 HE1  sing N N 318 
TRP CE2 CZ2  sing Y N 319 
TRP CE3 CZ3  doub Y N 320 
TRP CE3 HE3  sing N N 321 
TRP CZ2 CH2  doub Y N 322 
TRP CZ2 HZ2  sing N N 323 
TRP CZ3 CH2  sing Y N 324 
TRP CZ3 HZ3  sing N N 325 
TRP CH2 HH2  sing N N 326 
TRP OXT HXT  sing N N 327 
TYR N   CA   sing N N 328 
TYR N   H    sing N N 329 
TYR N   H2   sing N N 330 
TYR CA  C    sing N N 331 
TYR CA  CB   sing N N 332 
TYR CA  HA   sing N N 333 
TYR C   O    doub N N 334 
TYR C   OXT  sing N N 335 
TYR CB  CG   sing N N 336 
TYR CB  HB2  sing N N 337 
TYR CB  HB3  sing N N 338 
TYR CG  CD1  doub Y N 339 
TYR CG  CD2  sing Y N 340 
TYR CD1 CE1  sing Y N 341 
TYR CD1 HD1  sing N N 342 
TYR CD2 CE2  doub Y N 343 
TYR CD2 HD2  sing N N 344 
TYR CE1 CZ   doub Y N 345 
TYR CE1 HE1  sing N N 346 
TYR CE2 CZ   sing Y N 347 
TYR CE2 HE2  sing N N 348 
TYR CZ  OH   sing N N 349 
TYR OH  HH   sing N N 350 
TYR OXT HXT  sing N N 351 
VAL N   CA   sing N N 352 
VAL N   H    sing N N 353 
VAL N   H2   sing N N 354 
VAL CA  C    sing N N 355 
VAL CA  CB   sing N N 356 
VAL CA  HA   sing N N 357 
VAL C   O    doub N N 358 
VAL C   OXT  sing N N 359 
VAL CB  CG1  sing N N 360 
VAL CB  CG2  sing N N 361 
VAL CB  HB   sing N N 362 
VAL CG1 HG11 sing N N 363 
VAL CG1 HG12 sing N N 364 
VAL CG1 HG13 sing N N 365 
VAL CG2 HG21 sing N N 366 
VAL CG2 HG22 sing N N 367 
VAL CG2 HG23 sing N N 368 
VAL OXT HXT  sing N N 369 
# 
loop_
_pdbx_entity_nonpoly.entity_id 
_pdbx_entity_nonpoly.name 
_pdbx_entity_nonpoly.comp_id 
2 'SODIUM ION' NA  
3 'ZINC ION'   ZN  
4 GLYCEROL     GOL 
5 water        HOH 
# 
_pdbx_initial_refinement_model.id               1 
_pdbx_initial_refinement_model.entity_id_list   ? 
_pdbx_initial_refinement_model.type             'experimental model' 
_pdbx_initial_refinement_model.source_name      PDB 
_pdbx_initial_refinement_model.accession_code   1B66 
_pdbx_initial_refinement_model.details          ? 
# 
